data_7L30
#
_entry.id   7L30
#
_cell.length_a   1.00
_cell.length_b   1.00
_cell.length_c   1.00
_cell.angle_alpha   90.00
_cell.angle_beta   90.00
_cell.angle_gamma   90.00
#
_symmetry.space_group_name_H-M   'P 1'
#
loop_
_entity.id
_entity.type
_entity.pdbx_description
1 polymer 'Envelope protein E'
2 polymer 'prM protein'
#
loop_
_entity_poly.entity_id
_entity_poly.type
_entity_poly.pdbx_seq_one_letter_code
_entity_poly.pdbx_strand_id
1 'polypeptide(L)'
;NQCLDVQSRDFVQGVSGGTWVDVVLDHDNCITIVADGKPSFDIRLSKMSMSKFAEYKRYCLQATMSDVTSIVACPGAGDA
HNDKSKNHEYICKAVNNDRGWGNGCVLFGKGSMETCGKFECKKKMAGKLVARENVESVVTVHVHGASATDTKGVDTASTA
KATITPKASVATLNLNDFGSLEVDCSTDVGMDFGEIVVADMSGKWWIVNKDWFNELALPWSTASTTAEVWQARDRLVEFG
WPHAAKQNIYDIGDQEGAVTAAIAQAPMAKWESDKVELISGILKCKVKLGNLKLRGVTYSMCAQTFTTETRPADTGHGTV
AFKVKYVGTDVPCRVPLHIIDSDGGVAAGRVITAHPFVMKQNDYIILEVEPPFGDSKIEIGTGTTKLVEAWHRKGSSIGN
AFTATYKGITKLTVLGEHAWDFNSLGGFGASLGKAVHTLFGGVFRVMFGGMGWLTKIFVGAVLVWLGLGAHDKTIATTMI
LVGSILMYMAVTVGALS
;
A,B,C
2 'polypeptide(L)'
;ATLRTVGDLTWLNVSTTDVGKWIRVENRHGKGECFVTATDVGTWCSDSVGYECPQIAPAYDPEDLDCYCRNTSTYVTYGR
CKNGRSGRSRSKRAITIAPHGEAGLRVGSTKHWTSRATPQRYLMRVEKWVLRHPLPALVLVVLGWMMGRSHGQRAMYIVL
MLLVAPSYG
;
a,b,c
#
# COMPACT_ATOMS: atom_id res chain seq x y z
N GLN A 2 -1.58 63.72 10.79
CA GLN A 2 -2.42 62.90 9.93
C GLN A 2 -2.78 61.59 10.59
N CYS A 3 -2.15 61.29 11.72
CA CYS A 3 -2.39 60.04 12.41
C CYS A 3 -3.34 60.17 13.60
N LEU A 4 -4.01 61.30 13.74
CA LEU A 4 -5.13 61.37 14.68
C LEU A 4 -6.23 60.41 14.30
N ASP A 5 -6.39 60.16 12.99
CA ASP A 5 -7.51 59.36 12.51
C ASP A 5 -7.47 57.95 13.08
N VAL A 6 -6.30 57.32 13.08
CA VAL A 6 -6.18 55.93 13.47
C VAL A 6 -5.94 55.84 14.96
N GLN A 7 -6.43 54.78 15.56
CA GLN A 7 -6.08 54.43 16.92
C GLN A 7 -4.75 53.67 16.89
N SER A 8 -4.34 53.12 18.03
CA SER A 8 -3.14 52.30 18.13
C SER A 8 -1.87 53.08 17.80
N ARG A 9 -1.97 54.40 17.63
CA ARG A 9 -0.77 55.20 17.40
C ARG A 9 0.05 55.23 18.68
N ASP A 10 1.36 55.14 18.54
CA ASP A 10 2.26 55.15 19.68
C ASP A 10 3.36 56.17 19.48
N PHE A 11 3.69 56.86 20.56
CA PHE A 11 4.71 57.90 20.56
C PHE A 11 6.01 57.30 21.08
N VAL A 12 6.94 57.05 20.19
CA VAL A 12 8.24 56.52 20.56
C VAL A 12 9.19 57.70 20.62
N GLN A 13 9.53 58.11 21.83
CA GLN A 13 10.41 59.25 22.03
C GLN A 13 11.82 58.77 21.75
N GLY A 14 12.38 59.18 20.61
CA GLY A 14 13.73 58.76 20.26
C GLY A 14 14.75 59.42 21.17
N VAL A 15 15.64 58.59 21.72
CA VAL A 15 16.67 59.10 22.62
C VAL A 15 17.58 60.04 21.86
N SER A 16 17.96 61.14 22.49
CA SER A 16 18.88 62.09 21.87
C SER A 16 20.22 61.43 21.60
N GLY A 17 20.83 61.78 20.46
CA GLY A 17 22.12 61.24 20.11
C GLY A 17 22.12 59.80 19.64
N GLY A 18 21.07 59.36 18.96
CA GLY A 18 21.01 58.02 18.41
C GLY A 18 20.75 58.04 16.93
N THR A 19 21.17 56.98 16.25
CA THR A 19 20.86 56.78 14.84
C THR A 19 19.89 55.62 14.63
N TRP A 20 19.42 55.02 15.70
CA TRP A 20 18.41 53.97 15.62
C TRP A 20 17.12 54.46 16.22
N VAL A 21 16.02 54.26 15.51
CA VAL A 21 14.71 54.29 16.14
C VAL A 21 13.98 53.05 15.67
N ASP A 22 13.57 52.20 16.62
CA ASP A 22 12.92 50.95 16.28
C ASP A 22 11.41 51.15 16.27
N VAL A 23 10.75 50.61 15.26
CA VAL A 23 9.30 50.70 15.13
C VAL A 23 8.76 49.39 14.57
N VAL A 24 7.45 49.23 14.67
CA VAL A 24 6.71 48.19 13.97
C VAL A 24 5.47 48.82 13.39
N LEU A 25 5.16 48.49 12.15
CA LEU A 25 4.09 49.16 11.41
C LEU A 25 3.09 48.13 10.93
N ASP A 26 2.06 47.89 11.74
CA ASP A 26 1.00 47.00 11.33
C ASP A 26 0.26 47.59 10.14
N HIS A 27 -0.44 46.72 9.40
CA HIS A 27 -1.18 47.18 8.23
C HIS A 27 -2.18 48.26 8.62
N ASP A 28 -2.70 48.22 9.83
CA ASP A 28 -3.55 49.27 10.38
C ASP A 28 -2.85 49.82 11.61
N ASN A 29 -1.96 50.80 11.39
CA ASN A 29 -1.13 51.29 12.48
C ASN A 29 -0.57 52.66 12.11
N CYS A 30 0.18 53.21 13.05
CA CYS A 30 0.90 54.47 12.90
C CYS A 30 1.80 54.67 14.09
N ILE A 31 2.94 55.31 13.87
CA ILE A 31 3.87 55.65 14.94
C ILE A 31 4.31 57.09 14.74
N THR A 32 4.31 57.85 15.82
CA THR A 32 4.77 59.23 15.81
C THR A 32 5.99 59.30 16.73
N ILE A 33 7.17 59.31 16.14
CA ILE A 33 8.39 59.35 16.92
C ILE A 33 8.85 60.80 17.02
N VAL A 34 9.42 61.14 18.16
CA VAL A 34 9.92 62.48 18.42
C VAL A 34 11.31 62.36 19.05
N ALA A 35 12.23 63.17 18.55
CA ALA A 35 13.54 63.33 19.16
C ALA A 35 13.67 64.75 19.67
N ASP A 36 14.73 65.01 20.42
CA ASP A 36 14.88 66.32 21.02
C ASP A 36 15.13 67.38 19.94
N GLY A 37 16.11 67.15 19.08
CA GLY A 37 16.55 68.16 18.14
C GLY A 37 15.88 68.15 16.79
N LYS A 38 14.89 67.31 16.57
CA LYS A 38 14.30 67.11 15.26
C LYS A 38 12.79 67.23 15.36
N PRO A 39 12.11 67.53 14.26
CA PRO A 39 10.65 67.63 14.32
C PRO A 39 10.05 66.26 14.55
N SER A 40 8.72 66.22 14.54
CA SER A 40 8.03 64.98 14.85
C SER A 40 7.64 64.24 13.59
N PHE A 41 7.94 62.94 13.57
CA PHE A 41 7.57 62.06 12.48
C PHE A 41 6.17 61.51 12.66
N ASP A 42 5.53 61.20 11.54
CA ASP A 42 4.46 60.22 11.49
C ASP A 42 4.84 59.21 10.42
N ILE A 43 4.92 57.94 10.80
CA ILE A 43 5.19 56.87 9.87
C ILE A 43 4.06 55.86 9.98
N ARG A 44 3.55 55.42 8.83
CA ARG A 44 2.55 54.37 8.80
C ARG A 44 2.79 53.54 7.56
N LEU A 45 2.73 52.23 7.70
CA LEU A 45 2.83 51.37 6.52
C LEU A 45 1.62 51.64 5.65
N SER A 46 1.83 52.30 4.53
CA SER A 46 0.71 52.73 3.71
C SER A 46 -0.05 51.53 3.15
N LYS A 47 0.63 50.71 2.37
CA LYS A 47 0.01 49.52 1.80
C LYS A 47 1.08 48.56 1.33
N MET A 48 1.07 47.36 1.89
CA MET A 48 1.87 46.28 1.36
C MET A 48 1.31 45.88 0.01
N SER A 49 2.05 45.05 -0.71
CA SER A 49 1.59 44.59 -2.01
C SER A 49 2.52 43.50 -2.52
N MET A 50 1.96 42.55 -3.24
CA MET A 50 2.72 41.54 -3.95
C MET A 50 2.49 41.75 -5.43
N SER A 51 3.45 41.35 -6.25
CA SER A 51 3.34 41.48 -7.69
C SER A 51 4.43 40.63 -8.33
N LYS A 52 4.50 40.68 -9.66
CA LYS A 52 5.41 39.85 -10.43
C LYS A 52 5.30 38.40 -9.98
N PHE A 53 4.10 37.86 -10.07
CA PHE A 53 3.86 36.48 -9.65
C PHE A 53 3.61 35.60 -10.88
N ALA A 54 4.12 34.37 -10.81
CA ALA A 54 4.15 33.49 -11.97
C ALA A 54 2.91 32.61 -12.02
N GLU A 55 2.58 32.20 -13.24
CA GLU A 55 1.46 31.30 -13.47
C GLU A 55 1.76 29.92 -12.93
N TYR A 56 0.73 29.23 -12.44
CA TYR A 56 0.87 27.90 -11.86
C TYR A 56 0.08 26.84 -12.60
N LYS A 57 -1.21 27.08 -12.79
CA LYS A 57 -2.11 26.05 -13.30
C LYS A 57 -3.31 26.74 -13.91
N ARG A 58 -4.19 25.96 -14.50
CA ARG A 58 -5.36 26.49 -15.17
C ARG A 58 -6.48 25.46 -15.11
N TYR A 59 -7.34 25.59 -14.11
CA TYR A 59 -8.45 24.67 -13.94
C TYR A 59 -9.59 25.08 -14.84
N CYS A 60 -10.08 24.18 -15.68
CA CYS A 60 -11.25 24.50 -16.48
C CYS A 60 -12.50 24.53 -15.61
N LEU A 61 -13.44 25.40 -15.96
CA LEU A 61 -14.72 25.39 -15.28
C LEU A 61 -15.83 24.97 -16.25
N GLN A 62 -15.97 25.72 -17.33
CA GLN A 62 -17.04 25.45 -18.27
C GLN A 62 -16.47 24.71 -19.46
N ALA A 63 -16.84 23.44 -19.58
CA ALA A 63 -16.37 22.59 -20.65
C ALA A 63 -17.37 22.64 -21.79
N THR A 64 -16.89 22.37 -22.99
CA THR A 64 -17.75 22.28 -24.16
C THR A 64 -17.27 21.13 -25.03
N MET A 65 -18.20 20.24 -25.38
CA MET A 65 -17.90 19.11 -26.23
C MET A 65 -18.41 19.38 -27.64
N SER A 66 -17.61 19.01 -28.63
CA SER A 66 -17.98 19.25 -30.01
C SER A 66 -17.40 18.17 -30.90
N ASP A 67 -18.07 17.92 -32.01
CA ASP A 67 -17.63 16.96 -33.02
C ASP A 67 -17.40 15.58 -32.42
N VAL A 68 -18.35 15.16 -31.59
CA VAL A 68 -18.32 13.81 -31.07
C VAL A 68 -18.41 12.82 -32.23
N THR A 69 -17.58 11.79 -32.17
CA THR A 69 -17.48 10.82 -33.25
C THR A 69 -17.22 9.45 -32.66
N SER A 70 -18.18 8.54 -32.85
CA SER A 70 -18.06 7.17 -32.36
C SER A 70 -18.01 6.24 -33.55
N ILE A 71 -17.04 5.32 -33.55
CA ILE A 71 -16.88 4.34 -34.60
C ILE A 71 -16.93 2.96 -33.96
N VAL A 72 -17.54 2.00 -34.65
CA VAL A 72 -17.78 0.68 -34.10
C VAL A 72 -17.22 -0.37 -35.05
N ALA A 73 -17.07 -1.58 -34.53
CA ALA A 73 -16.74 -2.74 -35.33
C ALA A 73 -17.11 -3.98 -34.52
N CYS A 74 -18.03 -4.77 -35.05
CA CYS A 74 -18.53 -5.89 -34.27
C CYS A 74 -17.54 -7.05 -34.33
N PRO A 75 -17.61 -7.98 -33.37
CA PRO A 75 -16.49 -8.91 -33.14
C PRO A 75 -16.00 -9.61 -34.39
N GLY A 76 -14.74 -10.02 -34.35
CA GLY A 76 -14.09 -10.68 -35.45
C GLY A 76 -13.41 -9.75 -36.44
N ALA A 77 -13.71 -8.46 -36.41
CA ALA A 77 -13.10 -7.50 -37.31
C ALA A 77 -12.01 -6.67 -36.64
N GLY A 78 -11.59 -7.05 -35.45
CA GLY A 78 -10.63 -6.26 -34.71
C GLY A 78 -11.28 -5.09 -34.01
N ASP A 79 -10.56 -4.53 -33.03
CA ASP A 79 -11.10 -3.43 -32.25
C ASP A 79 -11.23 -2.18 -33.10
N ALA A 80 -12.25 -1.38 -32.80
CA ALA A 80 -12.49 -0.16 -33.55
C ALA A 80 -11.36 0.84 -33.33
N HIS A 81 -11.08 1.63 -34.36
CA HIS A 81 -10.04 2.65 -34.28
C HIS A 81 -10.55 3.95 -34.89
N ASN A 82 -10.16 5.06 -34.28
CA ASN A 82 -10.52 6.39 -34.76
C ASN A 82 -9.25 7.14 -35.15
N ASP A 83 -9.37 7.99 -36.16
CA ASP A 83 -8.30 8.93 -36.47
C ASP A 83 -8.09 9.92 -35.34
N LYS A 84 -9.18 10.32 -34.67
CA LYS A 84 -9.16 11.42 -33.73
C LYS A 84 -8.34 11.14 -32.49
N SER A 85 -7.91 9.89 -32.26
CA SER A 85 -7.08 9.60 -31.10
C SER A 85 -5.74 10.34 -31.18
N LYS A 86 -5.39 10.84 -32.36
CA LYS A 86 -4.11 11.55 -32.51
C LYS A 86 -4.09 12.84 -31.69
N ASN A 87 -5.10 13.68 -31.87
CA ASN A 87 -5.05 15.01 -31.26
C ASN A 87 -5.31 14.94 -29.76
N HIS A 88 -4.44 15.57 -28.99
CA HIS A 88 -4.65 15.68 -27.56
C HIS A 88 -5.87 16.54 -27.25
N GLU A 89 -6.26 17.42 -28.18
CA GLU A 89 -7.48 18.18 -28.01
C GLU A 89 -8.72 17.32 -28.11
N TYR A 90 -8.57 16.06 -28.51
CA TYR A 90 -9.69 15.13 -28.63
C TYR A 90 -9.65 14.12 -27.49
N ILE A 91 -10.76 14.01 -26.77
CA ILE A 91 -10.97 12.87 -25.88
C ILE A 91 -11.31 11.65 -26.73
N CYS A 92 -10.84 10.49 -26.31
CA CYS A 92 -11.17 9.23 -26.97
C CYS A 92 -11.35 8.15 -25.93
N LYS A 93 -12.17 7.16 -26.27
CA LYS A 93 -12.60 6.17 -25.29
C LYS A 93 -12.97 4.88 -26.01
N ALA A 94 -12.48 3.77 -25.50
CA ALA A 94 -12.74 2.46 -26.08
C ALA A 94 -13.61 1.65 -25.13
N VAL A 95 -14.78 1.23 -25.60
CA VAL A 95 -15.70 0.43 -24.81
C VAL A 95 -16.21 -0.69 -25.70
N ASN A 96 -16.72 -1.74 -25.07
CA ASN A 96 -17.28 -2.88 -25.77
C ASN A 96 -18.77 -2.95 -25.47
N ASN A 97 -19.57 -3.16 -26.52
CA ASN A 97 -21.01 -3.30 -26.40
C ASN A 97 -21.45 -4.45 -27.29
N ASP A 98 -22.18 -5.41 -26.71
CA ASP A 98 -22.56 -6.62 -27.43
C ASP A 98 -23.52 -6.30 -28.57
N ARG A 99 -23.03 -6.35 -29.79
CA ARG A 99 -23.84 -6.04 -30.97
C ARG A 99 -24.99 -7.02 -31.08
N GLY A 100 -26.20 -6.55 -30.83
CA GLY A 100 -27.36 -7.40 -30.94
C GLY A 100 -27.74 -7.68 -32.38
N TRP A 101 -28.57 -8.72 -32.55
CA TRP A 101 -29.05 -9.08 -33.87
C TRP A 101 -29.98 -8.02 -34.44
N GLY A 102 -30.55 -7.16 -33.60
CA GLY A 102 -31.22 -5.98 -34.11
C GLY A 102 -30.32 -5.06 -34.87
N ASN A 103 -29.00 -5.20 -34.70
CA ASN A 103 -28.03 -4.47 -35.50
C ASN A 103 -27.52 -5.30 -36.66
N GLY A 104 -27.41 -6.62 -36.47
CA GLY A 104 -27.43 -7.55 -37.57
C GLY A 104 -26.16 -7.73 -38.38
N CYS A 105 -24.98 -7.56 -37.78
CA CYS A 105 -23.79 -8.01 -38.48
C CYS A 105 -23.62 -9.50 -38.29
N VAL A 106 -22.52 -10.05 -38.78
CA VAL A 106 -22.42 -11.50 -38.98
C VAL A 106 -22.55 -12.26 -37.66
N LEU A 107 -21.92 -11.78 -36.60
CA LEU A 107 -21.80 -12.52 -35.36
C LEU A 107 -22.51 -11.81 -34.22
N PHE A 108 -22.49 -12.44 -33.04
CA PHE A 108 -22.90 -11.76 -31.82
C PHE A 108 -21.74 -11.81 -30.84
N GLY A 109 -21.42 -10.69 -30.22
CA GLY A 109 -20.33 -10.63 -29.27
C GLY A 109 -19.96 -9.19 -28.99
N LYS A 110 -18.96 -9.03 -28.14
CA LYS A 110 -18.51 -7.70 -27.74
C LYS A 110 -18.14 -6.85 -28.95
N GLY A 111 -18.93 -5.82 -29.21
CA GLY A 111 -18.67 -4.89 -30.28
C GLY A 111 -17.93 -3.69 -29.74
N SER A 112 -16.63 -3.64 -29.98
CA SER A 112 -15.80 -2.56 -29.46
C SER A 112 -16.23 -1.24 -30.07
N MET A 113 -16.08 -0.15 -29.31
CA MET A 113 -16.49 1.17 -29.74
C MET A 113 -15.43 2.18 -29.32
N GLU A 114 -14.87 2.88 -30.30
CA GLU A 114 -13.98 4.00 -30.06
C GLU A 114 -14.76 5.26 -30.34
N THR A 115 -14.80 6.17 -29.36
CA THR A 115 -15.59 7.38 -29.44
C THR A 115 -14.68 8.57 -29.18
N CYS A 116 -14.79 9.60 -30.00
CA CYS A 116 -13.88 10.73 -29.87
C CYS A 116 -14.63 12.04 -30.08
N GLY A 117 -14.13 13.10 -29.47
CA GLY A 117 -14.75 14.41 -29.57
C GLY A 117 -13.77 15.51 -29.22
N LYS A 118 -14.13 16.73 -29.62
CA LYS A 118 -13.26 17.88 -29.41
C LYS A 118 -13.63 18.59 -28.12
N PHE A 119 -12.61 19.00 -27.37
CA PHE A 119 -12.78 19.63 -26.06
C PHE A 119 -12.58 21.12 -26.18
N GLU A 120 -13.52 21.89 -25.62
CA GLU A 120 -13.44 23.34 -25.57
C GLU A 120 -13.73 23.80 -24.15
N CYS A 121 -12.92 24.71 -23.64
CA CYS A 121 -13.10 25.25 -22.31
C CYS A 121 -13.17 26.76 -22.36
N LYS A 122 -14.15 27.32 -21.66
CA LYS A 122 -14.23 28.76 -21.45
C LYS A 122 -14.49 29.00 -19.97
N LYS A 123 -14.39 30.27 -19.57
CA LYS A 123 -14.49 30.67 -18.17
C LYS A 123 -13.49 29.90 -17.32
N LYS A 124 -12.26 29.77 -17.82
CA LYS A 124 -11.23 29.02 -17.13
C LYS A 124 -10.79 29.74 -15.87
N MET A 125 -10.42 28.97 -14.86
CA MET A 125 -9.78 29.49 -13.66
C MET A 125 -8.27 29.29 -13.79
N ALA A 126 -7.52 30.33 -13.47
CA ALA A 126 -6.07 30.28 -13.51
C ALA A 126 -5.53 30.40 -12.10
N GLY A 127 -4.67 29.45 -11.71
CA GLY A 127 -3.95 29.54 -10.47
C GLY A 127 -2.56 30.09 -10.72
N LYS A 128 -2.12 30.98 -9.83
CA LYS A 128 -0.82 31.59 -9.98
C LYS A 128 -0.09 31.55 -8.64
N LEU A 129 1.19 31.22 -8.70
CA LEU A 129 2.04 31.26 -7.52
C LEU A 129 2.38 32.69 -7.15
N VAL A 130 2.68 32.90 -5.88
CA VAL A 130 3.28 34.15 -5.41
C VAL A 130 4.44 33.77 -4.50
N ALA A 131 5.58 34.41 -4.70
CA ALA A 131 6.79 34.05 -4.00
C ALA A 131 7.05 35.00 -2.84
N ARG A 132 7.92 34.56 -1.92
CA ARG A 132 8.31 35.43 -0.82
C ARG A 132 9.05 36.65 -1.33
N GLU A 133 9.73 36.53 -2.45
CA GLU A 133 10.39 37.69 -3.02
C GLU A 133 9.37 38.58 -3.70
N ASN A 134 9.91 39.58 -4.42
CA ASN A 134 9.15 40.58 -5.18
C ASN A 134 7.88 41.03 -4.45
N VAL A 135 7.96 41.16 -3.13
CA VAL A 135 6.90 41.77 -2.32
C VAL A 135 7.42 43.10 -1.83
N GLU A 136 6.68 44.16 -2.13
CA GLU A 136 7.11 45.50 -1.79
C GLU A 136 6.04 46.23 -1.00
N SER A 137 6.41 46.69 0.18
CA SER A 137 5.57 47.53 1.02
C SER A 137 6.06 48.97 0.92
N VAL A 138 5.11 49.89 0.76
CA VAL A 138 5.40 51.30 0.56
C VAL A 138 5.11 52.04 1.86
N VAL A 139 6.12 52.76 2.36
CA VAL A 139 6.03 53.43 3.65
C VAL A 139 5.87 54.92 3.41
N THR A 140 4.93 55.52 4.13
CA THR A 140 4.67 56.94 4.03
C THR A 140 5.05 57.61 5.35
N VAL A 141 5.81 58.70 5.24
CA VAL A 141 6.18 59.51 6.40
C VAL A 141 5.53 60.87 6.24
N HIS A 142 4.93 61.35 7.31
CA HIS A 142 4.44 62.71 7.37
C HIS A 142 5.10 63.39 8.55
N VAL A 143 5.56 64.61 8.34
CA VAL A 143 6.32 65.35 9.34
C VAL A 143 5.47 66.53 9.77
N HIS A 144 5.29 66.68 11.08
CA HIS A 144 4.44 67.74 11.58
C HIS A 144 5.17 69.08 11.53
N GLY A 145 4.54 70.11 12.07
CA GLY A 145 5.10 71.44 12.05
C GLY A 145 4.87 72.20 10.77
N ALA A 146 4.89 71.52 9.64
CA ALA A 146 4.66 72.19 8.37
C ALA A 146 3.29 72.83 8.35
N SER A 147 3.15 73.92 7.61
CA SER A 147 1.90 74.68 7.61
C SER A 147 1.36 74.73 6.20
N ALA A 148 0.24 74.06 5.99
CA ALA A 148 -0.35 74.00 4.66
C ALA A 148 -1.41 75.08 4.47
N THR A 149 -1.38 75.71 3.31
CA THR A 149 -2.39 76.69 2.97
C THR A 149 -3.76 76.06 2.75
N ASP A 150 -3.83 74.75 2.61
CA ASP A 150 -5.10 74.06 2.44
C ASP A 150 -5.90 74.09 3.72
N THR A 151 -7.20 73.82 3.61
CA THR A 151 -8.04 73.74 4.79
C THR A 151 -7.52 72.69 5.75
N LYS A 152 -7.29 71.48 5.27
CA LYS A 152 -6.66 70.45 6.10
C LYS A 152 -5.18 70.79 6.29
N GLY A 153 -4.77 70.95 7.54
CA GLY A 153 -3.42 71.40 7.82
C GLY A 153 -2.35 70.36 7.58
N VAL A 154 -2.27 69.86 6.35
CA VAL A 154 -1.28 68.85 5.98
C VAL A 154 -0.57 69.33 4.74
N ASP A 155 0.67 69.79 4.91
CA ASP A 155 1.47 70.28 3.79
C ASP A 155 1.86 69.11 2.91
N THR A 156 1.32 69.08 1.69
CA THR A 156 1.60 67.99 0.77
C THR A 156 3.08 67.82 0.53
N ALA A 157 3.86 68.90 0.56
CA ALA A 157 5.30 68.79 0.35
C ALA A 157 5.99 68.19 1.56
N SER A 158 5.27 68.01 2.67
CA SER A 158 5.89 67.39 3.83
C SER A 158 6.04 65.89 3.64
N THR A 159 5.08 65.23 3.00
CA THR A 159 5.05 63.79 2.97
C THR A 159 5.89 63.23 1.83
N ALA A 160 6.54 62.10 2.09
CA ALA A 160 7.29 61.38 1.08
C ALA A 160 7.07 59.89 1.27
N LYS A 161 7.32 59.13 0.21
CA LYS A 161 7.08 57.69 0.20
C LYS A 161 8.37 56.94 -0.12
N ALA A 162 8.35 55.64 0.15
CA ALA A 162 9.49 54.79 -0.16
C ALA A 162 9.02 53.35 -0.20
N THR A 163 9.41 52.62 -1.24
CA THR A 163 9.03 51.22 -1.40
C THR A 163 10.22 50.35 -1.04
N ILE A 164 10.03 49.42 -0.11
CA ILE A 164 11.10 48.62 0.44
C ILE A 164 10.76 47.15 0.27
N THR A 165 11.78 46.36 -0.08
CA THR A 165 11.70 44.95 -0.37
C THR A 165 12.75 44.22 0.45
N PRO A 166 12.53 42.95 0.78
CA PRO A 166 13.62 42.19 1.40
C PRO A 166 14.84 42.05 0.51
N LYS A 167 14.70 42.30 -0.80
CA LYS A 167 15.86 42.34 -1.69
C LYS A 167 16.58 43.67 -1.62
N ALA A 168 15.85 44.78 -1.48
CA ALA A 168 16.42 46.10 -1.28
C ALA A 168 15.85 46.64 0.03
N SER A 169 16.52 46.30 1.13
CA SER A 169 15.92 46.48 2.45
C SER A 169 15.90 47.94 2.89
N VAL A 170 16.82 48.76 2.40
CA VAL A 170 16.94 50.13 2.90
C VAL A 170 16.43 51.10 1.85
N ALA A 171 15.87 52.20 2.32
CA ALA A 171 15.38 53.25 1.42
C ALA A 171 15.44 54.56 2.18
N THR A 172 15.65 55.65 1.46
CA THR A 172 15.74 56.97 2.06
C THR A 172 14.67 57.85 1.43
N LEU A 173 13.99 58.64 2.26
CA LEU A 173 12.93 59.51 1.80
C LEU A 173 13.44 60.94 1.80
N ASN A 174 13.34 61.60 0.64
CA ASN A 174 13.85 62.96 0.51
C ASN A 174 12.79 63.96 0.96
N LEU A 175 12.53 63.99 2.26
CA LEU A 175 11.70 65.02 2.86
C LEU A 175 12.29 66.37 2.47
N ASN A 176 11.57 67.11 1.63
CA ASN A 176 12.05 68.38 1.15
C ASN A 176 12.47 69.28 2.31
N ASP A 177 13.74 69.67 2.31
CA ASP A 177 14.28 70.66 3.25
C ASP A 177 14.29 70.17 4.68
N PHE A 178 13.77 68.99 4.95
CA PHE A 178 13.85 68.48 6.30
C PHE A 178 15.07 67.58 6.48
N GLY A 179 15.58 67.03 5.40
CA GLY A 179 16.70 66.11 5.48
C GLY A 179 16.27 64.71 5.13
N SER A 180 17.12 63.98 4.43
CA SER A 180 16.78 62.63 4.05
C SER A 180 16.58 61.77 5.29
N LEU A 181 15.49 61.02 5.31
CA LEU A 181 15.23 60.06 6.38
C LEU A 181 15.60 58.68 5.86
N GLU A 182 16.56 58.04 6.53
CA GLU A 182 17.12 56.79 6.05
C GLU A 182 16.50 55.64 6.83
N VAL A 183 15.66 54.85 6.18
CA VAL A 183 14.91 53.80 6.86
C VAL A 183 15.32 52.45 6.27
N ASP A 184 15.61 51.50 7.16
CA ASP A 184 15.95 50.13 6.77
C ASP A 184 15.07 49.21 7.61
N CYS A 185 14.61 48.12 7.01
CA CYS A 185 13.50 47.38 7.57
C CYS A 185 13.48 45.95 7.05
N SER A 186 12.73 45.10 7.74
CA SER A 186 12.50 43.72 7.34
C SER A 186 11.01 43.45 7.34
N THR A 187 10.49 42.94 6.23
CA THR A 187 9.05 42.77 6.04
C THR A 187 8.67 41.32 6.26
N ASP A 188 8.46 40.95 7.52
CA ASP A 188 7.92 39.64 7.84
C ASP A 188 6.48 39.62 7.34
N VAL A 189 6.22 38.81 6.31
CA VAL A 189 4.90 38.78 5.71
C VAL A 189 3.87 38.15 6.63
N GLY A 190 4.28 37.11 7.37
CA GLY A 190 3.36 36.32 8.15
C GLY A 190 2.67 35.21 7.37
N MET A 191 1.73 35.54 6.50
CA MET A 191 1.04 34.56 5.67
C MET A 191 2.06 34.00 4.69
N ASP A 192 2.64 32.85 5.04
CA ASP A 192 3.68 32.24 4.23
C ASP A 192 3.30 32.21 2.76
N PHE A 193 4.29 32.38 1.90
CA PHE A 193 4.02 32.32 0.46
C PHE A 193 4.25 30.93 -0.08
N GLY A 194 4.71 30.01 0.77
CA GLY A 194 4.78 28.63 0.35
C GLY A 194 3.41 27.99 0.19
N GLU A 195 2.52 28.25 1.16
CA GLU A 195 1.30 27.45 1.25
C GLU A 195 0.15 28.10 0.50
N ILE A 196 0.27 29.37 0.15
CA ILE A 196 -0.85 30.10 -0.42
C ILE A 196 -0.65 30.23 -1.92
N VAL A 197 -1.76 30.20 -2.64
CA VAL A 197 -1.76 30.37 -4.09
C VAL A 197 -2.91 31.28 -4.43
N VAL A 198 -2.66 32.27 -5.27
CA VAL A 198 -3.69 33.22 -5.67
C VAL A 198 -4.54 32.53 -6.73
N ALA A 199 -5.85 32.65 -6.59
CA ALA A 199 -6.79 31.97 -7.46
C ALA A 199 -7.50 32.99 -8.33
N ASP A 200 -7.12 33.04 -9.59
CA ASP A 200 -7.65 34.03 -10.53
C ASP A 200 -8.99 33.52 -11.04
N MET A 201 -10.06 34.19 -10.66
CA MET A 201 -11.39 33.86 -11.14
C MET A 201 -11.66 34.68 -12.39
N SER A 202 -12.90 34.72 -12.86
CA SER A 202 -13.24 35.55 -14.01
C SER A 202 -12.92 37.01 -13.73
N GLY A 203 -13.27 37.51 -12.54
CA GLY A 203 -13.03 38.90 -12.23
C GLY A 203 -12.61 39.15 -10.80
N LYS A 204 -12.36 38.10 -10.03
CA LYS A 204 -11.99 38.25 -8.63
C LYS A 204 -10.78 37.39 -8.34
N TRP A 205 -10.18 37.62 -7.19
CA TRP A 205 -8.97 36.92 -6.77
C TRP A 205 -9.11 36.49 -5.33
N TRP A 206 -8.40 35.44 -4.94
CA TRP A 206 -8.46 34.94 -3.58
C TRP A 206 -7.08 34.41 -3.19
N ILE A 207 -6.93 34.17 -1.90
CA ILE A 207 -5.70 33.59 -1.35
C ILE A 207 -6.06 32.23 -0.77
N VAL A 208 -5.89 31.19 -1.58
CA VAL A 208 -6.37 29.86 -1.23
C VAL A 208 -5.18 28.94 -0.99
N ASN A 209 -5.43 27.91 -0.18
CA ASN A 209 -4.37 27.00 0.25
C ASN A 209 -3.87 26.14 -0.90
N LYS A 210 -2.56 25.91 -0.89
CA LYS A 210 -1.94 25.09 -1.93
C LYS A 210 -2.55 23.69 -1.95
N ASP A 211 -2.63 23.03 -0.79
CA ASP A 211 -3.17 21.69 -0.73
C ASP A 211 -4.64 21.67 -1.15
N TRP A 212 -5.41 22.69 -0.75
CA TRP A 212 -6.77 22.79 -1.23
C TRP A 212 -6.81 22.99 -2.74
N PHE A 213 -5.91 23.80 -3.27
CA PHE A 213 -5.95 24.10 -4.69
C PHE A 213 -5.61 22.87 -5.52
N ASN A 214 -4.68 22.06 -5.05
CA ASN A 214 -4.34 20.84 -5.78
C ASN A 214 -5.39 19.76 -5.56
N GLU A 215 -6.01 19.74 -4.38
CA GLU A 215 -7.00 18.71 -4.09
C GLU A 215 -8.32 18.99 -4.79
N LEU A 216 -8.45 20.15 -5.39
CA LEU A 216 -9.63 20.42 -6.21
C LEU A 216 -9.61 19.49 -7.41
N ALA A 217 -10.77 18.93 -7.74
CA ALA A 217 -10.86 17.93 -8.82
C ALA A 217 -11.54 18.55 -10.03
N LEU A 218 -10.81 18.69 -11.12
CA LEU A 218 -11.31 19.29 -12.34
C LEU A 218 -10.32 18.98 -13.45
N PRO A 219 -10.60 19.34 -14.69
CA PRO A 219 -9.56 19.22 -15.72
C PRO A 219 -8.64 20.42 -15.71
N TRP A 220 -7.35 20.20 -15.47
CA TRP A 220 -6.39 21.27 -15.36
C TRP A 220 -5.45 21.23 -16.54
N SER A 221 -4.55 22.22 -16.59
CA SER A 221 -3.53 22.28 -17.63
C SER A 221 -2.36 23.10 -17.11
N THR A 222 -1.22 22.45 -16.94
CA THR A 222 -0.01 23.12 -16.46
C THR A 222 0.77 23.75 -17.58
N ALA A 223 0.27 23.71 -18.81
CA ALA A 223 1.00 24.24 -19.96
C ALA A 223 0.86 25.76 -20.00
N SER A 224 1.26 26.35 -21.11
CA SER A 224 1.23 27.79 -21.26
C SER A 224 -0.21 28.30 -21.36
N THR A 225 -0.39 29.56 -20.96
CA THR A 225 -1.72 30.18 -21.05
C THR A 225 -2.12 30.38 -22.50
N THR A 226 -1.15 30.44 -23.41
CA THR A 226 -1.46 30.67 -24.82
C THR A 226 -2.38 29.58 -25.37
N ALA A 227 -2.02 28.33 -25.14
CA ALA A 227 -2.87 27.19 -25.50
C ALA A 227 -2.71 26.15 -24.39
N GLU A 228 -3.83 25.61 -23.93
CA GLU A 228 -3.81 24.70 -22.80
C GLU A 228 -4.03 23.27 -23.26
N VAL A 229 -3.38 22.33 -22.58
CA VAL A 229 -3.51 20.92 -22.94
C VAL A 229 -4.78 20.34 -22.33
N TRP A 230 -5.13 20.78 -21.13
CA TRP A 230 -6.29 20.27 -20.41
C TRP A 230 -6.17 18.77 -20.16
N GLN A 231 -5.23 18.38 -19.32
CA GLN A 231 -5.17 17.00 -18.91
C GLN A 231 -6.35 16.68 -17.98
N ALA A 232 -6.58 15.38 -17.78
CA ALA A 232 -7.69 14.89 -16.97
C ALA A 232 -9.02 15.48 -17.43
N ARG A 233 -9.27 15.38 -18.73
CA ARG A 233 -10.52 15.89 -19.29
C ARG A 233 -11.73 15.17 -18.75
N ASP A 234 -11.63 13.86 -18.55
CA ASP A 234 -12.81 13.05 -18.27
C ASP A 234 -13.55 13.47 -17.02
N ARG A 235 -12.89 14.16 -16.10
CA ARG A 235 -13.56 14.50 -14.85
C ARG A 235 -14.74 15.43 -15.05
N LEU A 236 -14.86 16.07 -16.20
CA LEU A 236 -15.93 17.04 -16.40
C LEU A 236 -16.78 16.73 -17.64
N VAL A 237 -16.59 15.57 -18.27
CA VAL A 237 -17.46 15.07 -19.31
C VAL A 237 -17.88 13.66 -18.92
N GLU A 238 -18.96 13.18 -19.53
CA GLU A 238 -19.43 11.83 -19.24
C GLU A 238 -19.89 11.16 -20.51
N PHE A 239 -19.89 9.84 -20.49
CA PHE A 239 -20.25 9.04 -21.65
C PHE A 239 -21.67 8.50 -21.47
N GLY A 240 -22.50 8.69 -22.49
CA GLY A 240 -23.82 8.10 -22.47
C GLY A 240 -23.75 6.59 -22.46
N TRP A 241 -24.77 5.98 -21.87
CA TRP A 241 -24.79 4.54 -21.77
C TRP A 241 -24.72 3.95 -23.18
N PRO A 242 -23.87 2.95 -23.41
CA PRO A 242 -23.57 2.56 -24.79
C PRO A 242 -24.81 2.14 -25.54
N HIS A 243 -24.90 2.60 -26.78
CA HIS A 243 -25.88 2.12 -27.74
C HIS A 243 -25.11 1.48 -28.89
N ALA A 244 -25.73 0.47 -29.50
CA ALA A 244 -25.01 -0.31 -30.50
C ALA A 244 -24.50 0.55 -31.65
N ALA A 245 -25.20 1.65 -31.93
CA ALA A 245 -24.77 2.53 -33.01
C ALA A 245 -23.77 3.56 -32.51
N LYS A 246 -24.15 4.36 -31.52
CA LYS A 246 -23.35 5.50 -31.12
C LYS A 246 -23.25 5.56 -29.61
N GLN A 247 -22.14 6.14 -29.14
CA GLN A 247 -21.93 6.44 -27.74
C GLN A 247 -21.89 7.95 -27.59
N ASN A 248 -23.00 8.53 -27.14
CA ASN A 248 -23.11 9.97 -27.03
C ASN A 248 -22.31 10.46 -25.83
N ILE A 249 -21.63 11.60 -26.01
CA ILE A 249 -20.77 12.20 -25.00
C ILE A 249 -21.39 13.51 -24.57
N TYR A 250 -21.58 13.68 -23.26
CA TYR A 250 -22.12 14.92 -22.72
C TYR A 250 -21.23 15.43 -21.60
N ASP A 251 -21.19 16.74 -21.43
CA ASP A 251 -20.47 17.32 -20.31
C ASP A 251 -21.44 17.91 -19.29
N ILE A 252 -20.90 18.30 -18.13
CA ILE A 252 -21.74 18.67 -17.00
C ILE A 252 -22.13 20.14 -17.08
N GLY A 253 -21.46 20.90 -17.93
CA GLY A 253 -21.69 22.32 -17.96
C GLY A 253 -20.86 23.05 -16.92
N ASP A 254 -20.96 24.38 -16.93
CA ASP A 254 -20.10 25.21 -16.09
C ASP A 254 -20.28 24.87 -14.62
N GLN A 255 -19.27 25.18 -13.82
CA GLN A 255 -19.30 24.99 -12.37
C GLN A 255 -19.03 26.28 -11.65
N GLU A 256 -19.47 27.40 -12.22
CA GLU A 256 -19.26 28.70 -11.60
C GLU A 256 -19.75 28.70 -10.16
N GLY A 257 -20.97 28.19 -9.97
CA GLY A 257 -21.58 28.25 -8.65
C GLY A 257 -20.84 27.40 -7.63
N ALA A 258 -20.47 26.18 -8.02
CA ALA A 258 -19.80 25.30 -7.07
C ALA A 258 -18.46 25.89 -6.63
N VAL A 259 -17.68 26.40 -7.59
CA VAL A 259 -16.40 27.00 -7.25
C VAL A 259 -16.60 28.22 -6.38
N THR A 260 -17.55 29.07 -6.75
CA THR A 260 -17.79 30.29 -5.98
C THR A 260 -18.17 29.97 -4.55
N ALA A 261 -19.09 29.02 -4.37
CA ALA A 261 -19.50 28.63 -3.04
C ALA A 261 -18.34 28.03 -2.24
N ALA A 262 -17.51 27.21 -2.89
CA ALA A 262 -16.40 26.61 -2.18
C ALA A 262 -15.39 27.65 -1.71
N ILE A 263 -15.11 28.64 -2.56
CA ILE A 263 -14.07 29.63 -2.24
C ILE A 263 -14.60 30.79 -1.42
N ALA A 264 -15.92 30.92 -1.28
CA ALA A 264 -16.49 32.11 -0.64
C ALA A 264 -15.96 32.29 0.78
N GLN A 265 -15.85 31.21 1.54
CA GLN A 265 -15.40 31.30 2.93
C GLN A 265 -13.88 31.22 2.98
N ALA A 266 -13.25 32.05 2.16
CA ALA A 266 -11.80 32.11 2.08
C ALA A 266 -11.40 33.56 1.95
N PRO A 267 -10.17 33.92 2.35
CA PRO A 267 -9.79 35.33 2.36
C PRO A 267 -9.90 35.97 0.97
N MET A 268 -10.62 37.07 0.93
CA MET A 268 -10.88 37.82 -0.29
C MET A 268 -9.75 38.81 -0.48
N ALA A 269 -9.16 38.80 -1.67
CA ALA A 269 -7.91 39.53 -1.92
C ALA A 269 -8.14 40.64 -2.93
N LYS A 270 -7.99 41.87 -2.48
CA LYS A 270 -8.15 43.04 -3.33
C LYS A 270 -7.12 43.00 -4.47
N TRP A 271 -7.58 43.26 -5.69
CA TRP A 271 -6.73 43.22 -6.87
C TRP A 271 -6.70 44.62 -7.47
N GLU A 272 -5.50 45.09 -7.80
CA GLU A 272 -5.33 46.46 -8.28
C GLU A 272 -4.07 46.54 -9.13
N SER A 273 -4.26 46.67 -10.44
CA SER A 273 -3.18 46.91 -11.40
C SER A 273 -2.04 45.91 -11.22
N ASP A 274 -2.40 44.63 -11.19
CA ASP A 274 -1.45 43.55 -10.98
C ASP A 274 -0.72 43.71 -9.66
N LYS A 275 -1.43 44.16 -8.64
CA LYS A 275 -0.89 44.29 -7.29
C LYS A 275 -1.99 43.86 -6.32
N VAL A 276 -1.69 42.88 -5.47
CA VAL A 276 -2.67 42.36 -4.53
C VAL A 276 -2.24 42.73 -3.12
N GLU A 277 -3.11 43.41 -2.39
CA GLU A 277 -2.78 43.93 -1.07
C GLU A 277 -2.84 42.81 -0.05
N LEU A 278 -1.73 42.56 0.62
CA LEU A 278 -1.77 41.75 1.82
C LEU A 278 -2.41 42.55 2.95
N ILE A 279 -2.67 41.85 4.05
CA ILE A 279 -2.98 42.54 5.30
C ILE A 279 -2.25 41.96 6.49
N SER A 280 -1.62 40.81 6.36
CA SER A 280 -0.93 40.19 7.49
C SER A 280 0.34 40.93 7.85
N GLY A 281 1.12 41.31 6.85
CA GLY A 281 2.53 41.59 7.09
C GLY A 281 2.75 42.78 7.99
N ILE A 282 3.82 42.71 8.78
CA ILE A 282 4.25 43.78 9.66
C ILE A 282 5.67 44.13 9.29
N LEU A 283 6.07 45.35 9.58
CA LEU A 283 7.40 45.84 9.24
C LEU A 283 8.21 46.01 10.51
N LYS A 284 9.40 45.43 10.54
CA LYS A 284 10.33 45.63 11.65
C LYS A 284 11.41 46.58 11.17
N CYS A 285 11.11 47.87 11.22
CA CYS A 285 11.99 48.89 10.65
C CYS A 285 12.80 49.56 11.74
N LYS A 286 14.05 49.85 11.42
CA LYS A 286 14.88 50.73 12.24
C LYS A 286 15.12 51.98 11.42
N VAL A 287 14.87 53.14 12.03
CA VAL A 287 14.83 54.42 11.34
C VAL A 287 16.10 55.18 11.66
N LYS A 288 16.97 55.32 10.67
CA LYS A 288 18.15 56.16 10.75
C LYS A 288 17.73 57.58 10.41
N LEU A 289 17.63 58.42 11.44
CA LEU A 289 17.10 59.76 11.28
C LEU A 289 18.17 60.83 11.32
N GLY A 290 19.44 60.45 11.37
CA GLY A 290 20.51 61.42 11.53
C GLY A 290 20.51 62.47 10.44
N ASN A 291 20.38 62.05 9.18
CA ASN A 291 20.49 62.99 8.07
C ASN A 291 19.34 63.98 8.06
N LEU A 292 18.44 63.90 9.04
CA LEU A 292 17.36 64.87 9.11
C LEU A 292 17.70 66.00 10.08
N LYS A 293 17.23 67.20 9.75
CA LYS A 293 17.50 68.42 10.50
C LYS A 293 16.19 69.16 10.67
N LEU A 294 16.19 70.15 11.55
CA LEU A 294 15.01 70.99 11.72
C LEU A 294 14.79 71.86 10.49
N ARG A 295 13.73 72.67 10.56
CA ARG A 295 13.48 73.69 9.57
C ARG A 295 12.84 74.89 10.23
N GLY A 296 13.08 76.07 9.68
CA GLY A 296 12.47 77.27 10.22
C GLY A 296 13.06 77.73 11.52
N VAL A 297 14.07 77.02 12.03
CA VAL A 297 14.69 77.38 13.29
C VAL A 297 15.26 78.79 13.24
N THR A 298 15.54 79.31 12.06
CA THR A 298 16.17 80.61 11.94
C THR A 298 15.19 81.77 11.99
N TYR A 299 13.90 81.51 11.88
CA TYR A 299 12.93 82.59 11.86
C TYR A 299 12.91 83.30 13.22
N SER A 300 12.08 84.33 13.31
CA SER A 300 11.77 84.97 14.57
C SER A 300 10.56 84.26 15.16
N MET A 301 9.98 84.83 16.22
CA MET A 301 8.76 84.27 16.78
C MET A 301 7.59 85.17 16.46
N CYS A 302 6.44 84.57 16.22
CA CYS A 302 5.28 85.30 15.73
C CYS A 302 4.82 86.32 16.75
N ALA A 303 4.27 87.43 16.26
CA ALA A 303 3.70 88.44 17.12
C ALA A 303 2.33 88.91 16.65
N GLN A 304 1.87 88.44 15.51
CA GLN A 304 0.52 88.79 15.08
C GLN A 304 -0.50 87.93 15.81
N THR A 305 -1.76 88.12 15.46
CA THR A 305 -2.85 87.42 16.13
C THR A 305 -3.06 86.05 15.53
N PHE A 306 -3.62 85.15 16.33
CA PHE A 306 -3.97 83.80 15.91
C PHE A 306 -5.46 83.60 16.08
N THR A 307 -6.08 82.85 15.18
CA THR A 307 -7.49 82.55 15.26
C THR A 307 -7.70 81.03 15.25
N THR A 308 -8.62 80.58 16.09
CA THR A 308 -8.90 79.16 16.21
C THR A 308 -9.84 78.72 15.10
N GLU A 309 -9.68 77.48 14.66
CA GLU A 309 -10.58 76.88 13.68
C GLU A 309 -11.51 75.88 14.33
N THR A 310 -10.97 74.98 15.14
CA THR A 310 -11.78 74.03 15.90
C THR A 310 -11.31 74.01 17.34
N ARG A 311 -12.26 73.78 18.24
CA ARG A 311 -11.91 73.71 19.65
C ARG A 311 -10.98 72.51 19.90
N PRO A 312 -10.07 72.64 20.85
CA PRO A 312 -9.18 71.51 21.17
C PRO A 312 -9.96 70.25 21.51
N ALA A 313 -9.88 69.25 20.65
CA ALA A 313 -10.58 67.99 20.85
C ALA A 313 -9.59 66.93 21.31
N ASP A 314 -9.87 66.33 22.46
CA ASP A 314 -8.99 65.30 22.99
C ASP A 314 -8.88 64.17 21.98
N THR A 315 -7.66 63.68 21.78
CA THR A 315 -7.44 62.61 20.82
C THR A 315 -7.57 61.23 21.43
N GLY A 316 -7.80 61.14 22.74
CA GLY A 316 -7.82 59.88 23.44
C GLY A 316 -6.45 59.28 23.67
N HIS A 317 -5.46 59.70 22.89
CA HIS A 317 -4.10 59.20 23.00
C HIS A 317 -3.24 60.04 23.91
N GLY A 318 -3.86 60.76 24.84
CA GLY A 318 -3.12 61.66 25.69
C GLY A 318 -2.63 62.91 25.01
N THR A 319 -3.23 63.30 23.89
CA THR A 319 -2.80 64.46 23.14
C THR A 319 -3.99 65.32 22.76
N VAL A 320 -3.71 66.57 22.42
CA VAL A 320 -4.72 67.56 22.07
C VAL A 320 -4.37 68.14 20.71
N ALA A 321 -5.35 68.21 19.82
CA ALA A 321 -5.14 68.69 18.46
C ALA A 321 -6.16 69.77 18.12
N PHE A 322 -5.68 70.87 17.56
CA PHE A 322 -6.56 72.00 17.25
C PHE A 322 -5.92 72.87 16.17
N LYS A 323 -6.49 72.83 14.97
CA LYS A 323 -5.98 73.60 13.86
C LYS A 323 -6.17 75.08 14.13
N VAL A 324 -5.09 75.81 14.26
CA VAL A 324 -5.17 77.25 14.44
C VAL A 324 -4.70 77.95 13.17
N LYS A 325 -5.42 79.00 12.80
CA LYS A 325 -5.11 79.80 11.64
C LYS A 325 -4.13 80.90 12.02
N TYR A 326 -3.50 81.51 11.03
CA TYR A 326 -2.59 82.63 11.24
C TYR A 326 -2.97 83.77 10.32
N VAL A 327 -3.64 84.78 10.86
CA VAL A 327 -3.85 86.03 10.15
C VAL A 327 -2.84 87.04 10.68
N GLY A 328 -2.02 87.57 9.77
CA GLY A 328 -0.95 88.47 10.17
C GLY A 328 -0.16 88.97 8.99
N THR A 329 1.06 89.43 9.24
CA THR A 329 1.87 89.91 8.14
C THR A 329 3.26 89.30 8.10
N ASP A 330 3.87 89.03 9.24
CA ASP A 330 5.23 88.51 9.23
C ASP A 330 5.21 87.11 8.66
N VAL A 331 5.51 86.98 7.37
CA VAL A 331 5.20 85.78 6.61
C VAL A 331 5.88 84.56 7.21
N PRO A 332 7.21 84.43 7.20
CA PRO A 332 7.80 83.24 7.80
C PRO A 332 7.94 83.43 9.29
N CYS A 333 7.44 82.49 10.08
CA CYS A 333 7.43 82.68 11.52
C CYS A 333 7.08 81.38 12.21
N ARG A 334 7.81 81.08 13.26
CA ARG A 334 7.54 79.89 14.07
C ARG A 334 6.55 80.30 15.13
N VAL A 335 5.54 79.47 15.36
CA VAL A 335 4.54 79.74 16.36
C VAL A 335 5.10 79.44 17.74
N PRO A 336 5.12 80.39 18.65
CA PRO A 336 5.43 80.08 20.04
C PRO A 336 4.32 79.26 20.64
N LEU A 337 4.66 78.54 21.71
CA LEU A 337 3.74 77.56 22.27
C LEU A 337 4.16 77.29 23.69
N HIS A 338 3.21 77.33 24.62
CA HIS A 338 3.55 77.23 26.02
C HIS A 338 2.47 76.47 26.75
N ILE A 339 2.89 75.44 27.48
CA ILE A 339 1.99 74.63 28.30
C ILE A 339 2.29 74.96 29.74
N ILE A 340 1.30 75.49 30.44
CA ILE A 340 1.49 75.99 31.80
C ILE A 340 0.58 75.22 32.74
N ASP A 341 1.17 74.70 33.82
CA ASP A 341 0.40 74.06 34.87
C ASP A 341 -0.35 75.12 35.67
N SER A 342 -1.17 74.67 36.61
CA SER A 342 -1.87 75.59 37.50
C SER A 342 -0.88 76.51 38.21
N ASP A 343 0.18 75.93 38.77
CA ASP A 343 1.22 76.73 39.40
C ASP A 343 2.14 77.32 38.34
N GLY A 344 3.29 77.83 38.81
CA GLY A 344 4.21 78.50 37.89
C GLY A 344 4.88 77.55 36.92
N GLY A 345 4.68 76.24 37.11
CA GLY A 345 5.31 75.25 36.27
C GLY A 345 5.03 75.43 34.79
N VAL A 346 6.08 75.59 34.00
CA VAL A 346 5.98 75.73 32.55
C VAL A 346 6.59 74.53 31.84
N ALA A 347 7.17 73.59 32.59
CA ALA A 347 7.65 72.36 32.00
C ALA A 347 6.52 71.34 31.91
N ALA A 348 5.29 71.84 31.85
CA ALA A 348 4.05 71.08 32.05
C ALA A 348 4.11 69.78 31.27
N GLY A 349 4.20 69.80 29.95
CA GLY A 349 4.10 68.59 29.16
C GLY A 349 4.89 68.69 27.87
N ARG A 350 5.35 67.54 27.39
CA ARG A 350 6.14 67.52 26.18
C ARG A 350 5.29 67.91 24.99
N VAL A 351 5.83 68.77 24.14
CA VAL A 351 5.13 69.20 22.94
C VAL A 351 5.44 68.22 21.82
N ILE A 352 4.39 67.77 21.12
CA ILE A 352 4.60 66.83 20.04
C ILE A 352 5.04 67.55 18.77
N THR A 353 4.30 68.58 18.38
CA THR A 353 4.63 69.24 17.14
C THR A 353 5.74 70.26 17.38
N ALA A 354 6.97 69.78 17.51
CA ALA A 354 8.08 70.65 17.84
C ALA A 354 8.30 71.69 16.75
N HIS A 355 8.48 72.94 17.15
CA HIS A 355 8.78 74.05 16.27
C HIS A 355 7.78 74.18 15.13
N PRO A 356 6.52 74.49 15.41
CA PRO A 356 5.59 74.78 14.33
C PRO A 356 5.93 76.14 13.72
N PHE A 357 5.88 76.23 12.40
CA PHE A 357 6.14 77.49 11.73
C PHE A 357 5.19 77.66 10.56
N VAL A 358 4.90 78.90 10.25
CA VAL A 358 3.93 79.24 9.22
C VAL A 358 4.65 79.85 8.04
N MET A 359 4.49 79.22 6.88
CA MET A 359 5.27 79.57 5.71
C MET A 359 4.58 80.57 4.79
N LYS A 360 3.31 80.86 5.02
CA LYS A 360 2.62 81.85 4.22
C LYS A 360 1.80 82.77 5.12
N GLN A 361 0.95 83.57 4.51
CA GLN A 361 -0.05 84.32 5.25
C GLN A 361 -1.37 83.56 5.19
N ASN A 362 -2.12 83.59 6.28
CA ASN A 362 -3.37 82.84 6.40
C ASN A 362 -3.14 81.36 6.11
N ASP A 363 -2.32 80.73 6.94
CA ASP A 363 -2.16 79.29 6.88
C ASP A 363 -2.99 78.63 7.96
N TYR A 364 -3.15 77.31 7.86
CA TYR A 364 -3.86 76.53 8.85
C TYR A 364 -2.89 75.50 9.41
N ILE A 365 -2.11 75.91 10.40
CA ILE A 365 -1.17 75.02 11.06
C ILE A 365 -1.93 74.07 11.97
N ILE A 366 -1.55 72.80 11.95
CA ILE A 366 -2.02 71.84 12.94
C ILE A 366 -1.01 71.79 14.08
N LEU A 367 -1.51 71.73 15.30
CA LEU A 367 -0.67 71.58 16.47
C LEU A 367 -1.17 70.38 17.26
N GLU A 368 -0.26 69.70 17.94
CA GLU A 368 -0.61 68.57 18.78
C GLU A 368 0.32 68.59 19.98
N VAL A 369 -0.26 68.64 21.17
CA VAL A 369 0.53 68.76 22.39
C VAL A 369 0.09 67.69 23.36
N GLU A 370 0.91 67.46 24.39
CA GLU A 370 0.63 66.44 25.38
C GLU A 370 0.60 67.13 26.73
N PRO A 371 -0.54 67.64 27.18
CA PRO A 371 -0.59 68.44 28.39
C PRO A 371 -0.28 67.60 29.60
N PRO A 372 0.15 68.21 30.70
CA PRO A 372 0.42 67.45 31.91
C PRO A 372 -0.87 66.96 32.55
N PHE A 373 -0.71 66.18 33.60
CA PHE A 373 -1.85 65.59 34.28
C PHE A 373 -2.57 66.61 35.14
N GLY A 374 -3.90 66.55 35.12
CA GLY A 374 -4.72 67.47 35.87
C GLY A 374 -4.98 68.76 35.12
N ASP A 375 -4.93 69.88 35.84
CA ASP A 375 -5.19 71.18 35.25
C ASP A 375 -4.09 71.55 34.26
N SER A 376 -4.45 72.37 33.28
CA SER A 376 -3.49 72.84 32.30
C SER A 376 -4.06 74.05 31.56
N LYS A 377 -3.14 74.91 31.11
CA LYS A 377 -3.48 76.06 30.29
C LYS A 377 -2.43 76.14 29.21
N ILE A 378 -2.85 76.11 27.94
CA ILE A 378 -1.93 76.05 26.81
C ILE A 378 -2.09 77.30 25.97
N GLU A 379 -1.05 78.13 25.96
CA GLU A 379 -1.03 79.36 25.17
C GLU A 379 -0.68 79.00 23.74
N ILE A 380 -0.93 79.91 22.81
CA ILE A 380 -0.67 79.64 21.40
C ILE A 380 0.05 80.78 20.71
N GLY A 381 0.36 81.86 21.40
CA GLY A 381 0.94 82.99 20.71
C GLY A 381 1.66 83.89 21.69
N THR A 382 1.67 85.18 21.37
CA THR A 382 2.23 86.19 22.25
C THR A 382 1.44 87.48 22.09
N GLY A 383 1.45 88.30 23.14
CA GLY A 383 0.71 89.54 23.17
C GLY A 383 -0.61 89.38 23.92
N THR A 384 -1.33 90.50 24.00
CA THR A 384 -2.64 90.47 24.64
C THR A 384 -3.62 89.62 23.84
N THR A 385 -3.58 89.74 22.52
CA THR A 385 -4.52 89.05 21.64
C THR A 385 -4.33 87.55 21.59
N LYS A 386 -3.24 87.03 22.16
CA LYS A 386 -2.92 85.61 22.02
C LYS A 386 -4.05 84.74 22.54
N LEU A 387 -4.32 83.65 21.84
CA LEU A 387 -5.37 82.75 22.25
C LEU A 387 -4.95 81.98 23.48
N VAL A 388 -5.95 81.49 24.22
CA VAL A 388 -5.73 80.68 25.40
C VAL A 388 -6.77 79.57 25.42
N GLU A 389 -6.35 78.38 25.81
CA GLU A 389 -7.25 77.25 25.94
C GLU A 389 -6.93 76.53 27.24
N ALA A 390 -7.89 76.49 28.15
CA ALA A 390 -7.70 75.80 29.41
C ALA A 390 -8.11 74.34 29.27
N TRP A 391 -7.30 73.45 29.81
CA TRP A 391 -7.54 72.03 29.69
C TRP A 391 -7.43 71.36 31.06
N HIS A 392 -8.11 70.23 31.19
CA HIS A 392 -8.03 69.42 32.39
C HIS A 392 -7.85 67.97 31.98
N ARG A 393 -6.64 67.44 32.15
CA ARG A 393 -6.33 66.08 31.74
C ARG A 393 -6.55 65.16 32.93
N LYS A 394 -7.59 64.35 32.86
CA LYS A 394 -7.89 63.40 33.93
C LYS A 394 -6.89 62.27 33.93
N GLY A 395 -6.94 61.46 34.97
CA GLY A 395 -6.08 60.30 35.03
C GLY A 395 -4.89 60.52 35.93
N SER A 396 -4.39 59.43 36.50
CA SER A 396 -3.23 59.51 37.37
C SER A 396 -1.95 59.58 36.55
N SER A 397 -0.93 60.19 37.14
CA SER A 397 0.36 60.29 36.48
C SER A 397 1.04 58.93 36.43
N ILE A 398 1.29 58.34 37.60
CA ILE A 398 2.04 57.10 37.68
C ILE A 398 1.31 55.99 36.94
N GLY A 399 -0.02 56.09 36.86
CA GLY A 399 -0.76 55.11 36.09
C GLY A 399 -0.39 55.14 34.62
N ASN A 400 -0.35 56.34 34.03
CA ASN A 400 0.09 56.44 32.65
C ASN A 400 1.54 56.02 32.52
N ALA A 401 2.36 56.31 33.54
CA ALA A 401 3.75 55.86 33.50
C ALA A 401 3.82 54.34 33.36
N PHE A 402 3.07 53.63 34.19
CA PHE A 402 3.16 52.17 34.18
C PHE A 402 2.52 51.58 32.93
N THR A 403 1.46 52.20 32.42
CA THR A 403 0.90 51.75 31.15
C THR A 403 1.91 51.94 30.04
N ALA A 404 2.68 53.03 30.10
CA ALA A 404 3.76 53.23 29.14
C ALA A 404 4.82 52.15 29.29
N THR A 405 5.14 51.77 30.52
CA THR A 405 6.10 50.69 30.71
C THR A 405 5.60 49.39 30.07
N TYR A 406 4.32 49.10 30.24
CA TYR A 406 3.74 47.91 29.62
C TYR A 406 3.84 48.00 28.10
N LYS A 407 3.46 49.16 27.54
CA LYS A 407 3.53 49.31 26.09
C LYS A 407 4.95 49.14 25.59
N GLY A 408 5.92 49.69 26.31
CA GLY A 408 7.30 49.53 25.93
C GLY A 408 7.73 48.08 25.97
N ILE A 409 7.30 47.35 27.00
CA ILE A 409 7.63 45.94 27.08
C ILE A 409 7.09 45.21 25.86
N THR A 410 5.85 45.50 25.49
CA THR A 410 5.24 44.83 24.34
C THR A 410 5.99 45.15 23.06
N LYS A 411 6.26 46.45 22.82
CA LYS A 411 6.93 46.83 21.59
C LYS A 411 8.32 46.24 21.53
N LEU A 412 9.04 46.25 22.65
CA LEU A 412 10.34 45.61 22.73
C LEU A 412 10.25 44.14 22.33
N THR A 413 9.31 43.40 22.92
CA THR A 413 9.18 41.99 22.62
C THR A 413 8.90 41.78 21.15
N VAL A 414 7.99 42.58 20.58
CA VAL A 414 7.66 42.45 19.16
C VAL A 414 8.89 42.66 18.31
N LEU A 415 9.66 43.69 18.61
CA LEU A 415 10.86 43.98 17.83
C LEU A 415 12.04 43.11 18.22
N GLY A 416 11.84 42.17 19.13
CA GLY A 416 12.90 41.43 19.80
C GLY A 416 14.17 41.12 19.04
N GLU A 417 14.08 40.54 17.85
CA GLU A 417 15.32 40.26 17.11
C GLU A 417 15.96 41.53 16.61
N HIS A 418 15.19 42.41 15.96
CA HIS A 418 15.75 43.65 15.45
C HIS A 418 16.02 44.63 16.57
N ALA A 419 15.29 44.50 17.69
CA ALA A 419 15.50 45.40 18.81
C ALA A 419 16.91 45.27 19.37
N TRP A 420 17.54 44.12 19.17
CA TRP A 420 18.86 43.86 19.72
C TRP A 420 19.83 43.59 18.59
N ASP A 421 20.93 44.34 18.56
CA ASP A 421 22.03 44.09 17.65
C ASP A 421 23.23 43.69 18.50
N PHE A 422 23.85 42.56 18.15
CA PHE A 422 24.98 42.04 18.90
C PHE A 422 26.23 41.83 18.04
N ASN A 423 26.34 42.55 16.92
CA ASN A 423 27.53 42.43 16.09
C ASN A 423 28.78 42.93 16.79
N SER A 424 28.68 44.05 17.50
CA SER A 424 29.80 44.60 18.23
C SER A 424 29.36 45.06 19.61
N LEU A 425 30.30 45.03 20.55
CA LEU A 425 29.97 45.39 21.93
C LEU A 425 29.45 46.82 22.01
N GLY A 426 30.01 47.73 21.21
CA GLY A 426 29.48 49.09 21.19
C GLY A 426 28.05 49.13 20.70
N GLY A 427 27.77 48.44 19.58
CA GLY A 427 26.41 48.38 19.09
C GLY A 427 25.49 47.71 20.09
N PHE A 428 25.98 46.66 20.75
CA PHE A 428 25.17 45.98 21.75
C PHE A 428 24.85 46.89 22.92
N GLY A 429 25.83 47.69 23.35
CA GLY A 429 25.56 48.65 24.40
C GLY A 429 24.56 49.70 23.97
N ALA A 430 24.66 50.16 22.73
CA ALA A 430 23.69 51.12 22.21
C ALA A 430 22.29 50.53 22.23
N SER A 431 22.16 49.29 21.77
CA SER A 431 20.88 48.62 21.82
C SER A 431 20.36 48.44 23.24
N LEU A 432 21.19 47.97 24.16
CA LEU A 432 20.77 47.80 25.55
C LEU A 432 20.29 49.12 26.14
N GLY A 433 21.00 50.20 25.88
CA GLY A 433 20.51 51.50 26.30
C GLY A 433 19.17 51.84 25.66
N LYS A 434 19.01 51.51 24.39
CA LYS A 434 17.73 51.75 23.73
C LYS A 434 16.60 51.00 24.43
N ALA A 435 16.82 49.74 24.74
CA ALA A 435 15.79 48.97 25.42
C ALA A 435 15.50 49.54 26.80
N VAL A 436 16.54 49.91 27.54
CA VAL A 436 16.35 50.46 28.88
C VAL A 436 15.51 51.73 28.80
N HIS A 437 15.86 52.61 27.87
CA HIS A 437 15.12 53.86 27.75
C HIS A 437 13.69 53.60 27.33
N THR A 438 13.46 52.67 26.42
CA THR A 438 12.09 52.37 26.02
C THR A 438 11.28 51.82 27.16
N LEU A 439 11.88 50.96 27.99
CA LEU A 439 11.13 50.30 29.04
C LEU A 439 11.03 51.16 30.29
N PHE A 440 11.76 52.26 30.36
CA PHE A 440 11.74 53.11 31.54
C PHE A 440 11.44 54.57 31.25
N GLY A 441 11.04 54.90 30.02
CA GLY A 441 10.77 56.28 29.70
C GLY A 441 9.71 56.93 30.56
N GLY A 442 8.56 56.26 30.70
CA GLY A 442 7.52 56.80 31.54
C GLY A 442 7.95 56.91 32.99
N VAL A 443 8.52 55.83 33.52
CA VAL A 443 8.94 55.83 34.92
C VAL A 443 9.90 56.99 35.18
N PHE A 444 10.86 57.19 34.29
CA PHE A 444 11.82 58.26 34.48
C PHE A 444 11.17 59.62 34.34
N ARG A 445 10.58 59.90 33.18
CA ARG A 445 10.11 61.25 32.89
C ARG A 445 9.00 61.68 33.85
N VAL A 446 8.32 60.73 34.48
CA VAL A 446 7.24 61.10 35.39
C VAL A 446 7.67 60.99 36.85
N MET A 447 8.04 59.78 37.29
CA MET A 447 8.34 59.58 38.70
C MET A 447 9.59 60.36 39.13
N PHE A 448 10.37 60.84 38.17
CA PHE A 448 11.54 61.67 38.44
C PHE A 448 11.37 62.99 37.68
N GLY A 449 10.66 63.93 38.28
CA GLY A 449 10.47 65.22 37.65
C GLY A 449 10.83 66.33 38.60
N GLY A 450 11.44 67.40 38.08
CA GLY A 450 11.83 68.51 38.90
C GLY A 450 12.88 68.21 39.95
N MET A 451 13.34 66.96 40.07
CA MET A 451 14.36 66.64 41.06
C MET A 451 15.66 67.38 40.79
N GLY A 452 16.03 67.54 39.53
CA GLY A 452 17.26 68.22 39.20
C GLY A 452 18.31 67.28 38.61
N TRP A 453 19.09 67.80 37.68
CA TRP A 453 19.98 66.95 36.89
C TRP A 453 21.09 66.37 37.76
N LEU A 454 21.89 67.24 38.39
CA LEU A 454 22.90 66.77 39.32
C LEU A 454 22.28 65.96 40.44
N THR A 455 21.11 66.37 40.92
CA THR A 455 20.47 65.64 42.01
C THR A 455 20.16 64.21 41.60
N LYS A 456 19.66 64.02 40.37
CA LYS A 456 19.41 62.67 39.89
C LYS A 456 20.70 61.89 39.77
N ILE A 457 21.77 62.54 39.29
CA ILE A 457 23.05 61.84 39.20
C ILE A 457 23.50 61.38 40.58
N PHE A 458 23.38 62.26 41.58
CA PHE A 458 23.79 61.90 42.93
C PHE A 458 22.88 60.82 43.50
N VAL A 459 21.61 60.83 43.12
CA VAL A 459 20.70 59.77 43.56
C VAL A 459 21.16 58.43 43.03
N GLY A 460 21.52 58.38 41.76
CA GLY A 460 22.06 57.15 41.20
C GLY A 460 23.33 56.72 41.91
N ALA A 461 24.21 57.67 42.21
CA ALA A 461 25.44 57.34 42.92
C ALA A 461 25.14 56.78 44.31
N VAL A 462 24.19 57.37 45.02
CA VAL A 462 23.83 56.91 46.35
C VAL A 462 23.24 55.52 46.29
N LEU A 463 22.41 55.26 45.29
CA LEU A 463 21.86 53.91 45.12
C LEU A 463 22.96 52.91 44.82
N VAL A 464 23.95 53.31 44.02
CA VAL A 464 25.08 52.43 43.74
C VAL A 464 25.84 52.11 45.03
N TRP A 465 26.07 53.12 45.86
CA TRP A 465 26.73 52.89 47.15
C TRP A 465 25.91 51.97 48.03
N LEU A 466 24.58 52.16 48.06
CA LEU A 466 23.74 51.30 48.86
C LEU A 466 23.85 49.85 48.39
N GLY A 467 23.85 49.64 47.08
CA GLY A 467 24.04 48.30 46.56
C GLY A 467 25.39 47.71 46.94
N LEU A 468 26.44 48.53 46.89
CA LEU A 468 27.77 48.05 47.25
C LEU A 468 27.94 47.90 48.76
N GLY A 469 27.05 48.50 49.55
CA GLY A 469 27.17 48.39 51.00
C GLY A 469 26.90 46.99 51.49
N ALA A 470 27.36 46.71 52.71
CA ALA A 470 27.22 45.38 53.27
C ALA A 470 25.76 45.07 53.57
N HIS A 471 25.16 44.21 52.74
CA HIS A 471 23.79 43.79 52.92
C HIS A 471 23.52 42.53 52.12
N ASP A 472 22.25 42.15 51.97
CA ASP A 472 21.86 40.97 51.24
C ASP A 472 22.28 41.08 49.78
N LYS A 473 22.70 39.94 49.21
CA LYS A 473 23.11 39.91 47.81
C LYS A 473 21.92 40.21 46.90
N THR A 474 20.73 39.74 47.27
CA THR A 474 19.54 40.03 46.47
C THR A 474 19.23 41.51 46.47
N ILE A 475 19.50 42.21 47.58
CA ILE A 475 19.17 43.62 47.69
C ILE A 475 20.04 44.46 46.77
N ALA A 476 21.04 43.84 46.14
CA ALA A 476 21.94 44.55 45.24
C ALA A 476 21.23 45.00 43.98
N THR A 477 19.95 44.63 43.84
CA THR A 477 19.14 45.06 42.71
C THR A 477 19.08 46.58 42.63
N THR A 478 19.19 47.25 43.78
CA THR A 478 19.25 48.71 43.79
C THR A 478 20.48 49.20 43.06
N MET A 479 21.62 48.52 43.23
CA MET A 479 22.83 48.90 42.51
C MET A 479 22.63 48.78 41.01
N ILE A 480 21.99 47.70 40.56
CA ILE A 480 21.73 47.54 39.13
C ILE A 480 20.80 48.63 38.63
N LEU A 481 19.73 48.92 39.38
CA LEU A 481 18.81 49.98 38.98
C LEU A 481 19.50 51.33 38.92
N VAL A 482 20.48 51.55 39.79
CA VAL A 482 21.21 52.82 39.77
C VAL A 482 21.85 53.05 38.42
N GLY A 483 22.49 52.01 37.87
CA GLY A 483 23.10 52.14 36.56
C GLY A 483 22.10 52.56 35.50
N SER A 484 20.89 52.00 35.57
CA SER A 484 19.84 52.42 34.65
C SER A 484 19.50 53.89 34.87
N ILE A 485 19.46 54.33 36.13
CA ILE A 485 19.25 55.75 36.39
C ILE A 485 20.38 56.57 35.78
N LEU A 486 21.62 56.16 36.01
CA LEU A 486 22.75 56.91 35.45
C LEU A 486 22.68 56.96 33.93
N MET A 487 22.41 55.82 33.29
CA MET A 487 22.25 55.80 31.85
C MET A 487 21.14 56.75 31.42
N TYR A 488 20.10 56.87 32.23
CA TYR A 488 19.01 57.77 31.89
C TYR A 488 19.31 59.21 32.28
N MET A 489 20.57 59.53 32.58
CA MET A 489 20.96 60.92 32.79
C MET A 489 21.59 61.52 31.54
N ALA A 490 22.39 60.75 30.81
CA ALA A 490 22.91 61.23 29.54
C ALA A 490 21.79 61.36 28.52
N VAL A 491 20.61 60.82 28.84
CA VAL A 491 19.45 60.97 27.98
C VAL A 491 18.96 62.41 27.99
N GLN B 2 -25.10 -52.76 12.76
CA GLN B 2 -24.88 -51.40 12.28
C GLN B 2 -23.99 -50.65 13.25
N CYS B 3 -24.12 -51.02 14.53
CA CYS B 3 -23.43 -50.29 15.58
C CYS B 3 -21.94 -50.61 15.60
N LEU B 4 -21.57 -51.81 15.16
CA LEU B 4 -20.17 -52.20 15.18
C LEU B 4 -19.34 -51.33 14.23
N ASP B 5 -19.89 -51.01 13.06
CA ASP B 5 -19.11 -50.33 12.04
C ASP B 5 -18.67 -48.95 12.49
N VAL B 6 -19.56 -48.20 13.13
CA VAL B 6 -19.27 -46.81 13.46
C VAL B 6 -18.29 -46.73 14.62
N GLN B 7 -17.73 -45.55 14.81
CA GLN B 7 -16.70 -45.36 15.82
C GLN B 7 -17.31 -44.97 17.15
N SER B 8 -16.51 -45.09 18.20
CA SER B 8 -16.88 -44.66 19.54
C SER B 8 -18.15 -45.35 20.02
N ARG B 9 -18.29 -46.64 19.71
CA ARG B 9 -19.48 -47.36 20.12
C ARG B 9 -19.44 -47.63 21.62
N ASP B 10 -19.52 -46.56 22.40
CA ASP B 10 -19.30 -46.68 23.84
C ASP B 10 -20.42 -47.48 24.49
N PHE B 11 -20.06 -48.29 25.48
CA PHE B 11 -20.99 -49.16 26.18
C PHE B 11 -21.30 -48.55 27.52
N VAL B 12 -22.55 -48.70 27.96
CA VAL B 12 -22.93 -48.33 29.32
C VAL B 12 -23.52 -49.55 29.97
N GLN B 13 -22.88 -50.04 31.02
CA GLN B 13 -23.29 -51.27 31.66
C GLN B 13 -24.50 -51.01 32.54
N GLY B 14 -25.69 -51.00 31.93
CA GLY B 14 -26.90 -50.69 32.67
C GLY B 14 -27.10 -51.66 33.81
N VAL B 15 -27.46 -51.13 34.98
CA VAL B 15 -27.66 -51.96 36.16
C VAL B 15 -29.02 -52.62 36.09
N SER B 16 -29.09 -53.88 36.51
CA SER B 16 -30.36 -54.60 36.54
C SER B 16 -31.17 -54.19 37.76
N GLY B 17 -32.44 -53.87 37.53
CA GLY B 17 -33.31 -53.39 38.59
C GLY B 17 -33.41 -51.89 38.71
N GLY B 18 -32.29 -51.16 38.65
CA GLY B 18 -32.31 -49.72 38.58
C GLY B 18 -32.50 -49.32 37.13
N THR B 19 -33.74 -48.93 36.80
CA THR B 19 -34.18 -48.81 35.43
C THR B 19 -33.78 -47.49 34.80
N TRP B 20 -32.77 -46.83 35.33
CA TRP B 20 -32.21 -45.64 34.72
C TRP B 20 -30.97 -46.00 33.94
N VAL B 21 -30.96 -45.64 32.66
CA VAL B 21 -29.75 -45.77 31.85
C VAL B 21 -29.58 -44.49 31.07
N ASP B 22 -28.58 -43.69 31.44
CA ASP B 22 -28.33 -42.44 30.75
C ASP B 22 -27.56 -42.68 29.47
N VAL B 23 -27.83 -41.85 28.46
CA VAL B 23 -27.14 -41.92 27.19
C VAL B 23 -26.98 -40.51 26.64
N VAL B 24 -25.99 -40.34 25.77
CA VAL B 24 -25.77 -39.08 25.07
C VAL B 24 -25.51 -39.43 23.59
N LEU B 25 -26.56 -39.30 22.79
CA LEU B 25 -26.48 -39.72 21.40
C LEU B 25 -26.05 -38.55 20.53
N ASP B 26 -24.76 -38.50 20.20
CA ASP B 26 -24.28 -37.48 19.29
C ASP B 26 -24.73 -37.82 17.89
N HIS B 27 -24.26 -37.06 16.91
CA HIS B 27 -24.63 -37.37 15.53
C HIS B 27 -24.02 -38.68 15.07
N ASP B 28 -22.93 -39.10 15.70
CA ASP B 28 -22.15 -40.27 15.27
C ASP B 28 -21.72 -41.09 16.46
N ASN B 29 -22.61 -41.30 17.43
CA ASN B 29 -22.18 -42.04 18.60
C ASN B 29 -23.16 -43.15 18.94
N CYS B 30 -23.02 -44.30 18.28
CA CYS B 30 -23.91 -45.40 18.57
C CYS B 30 -23.53 -46.01 19.91
N ILE B 31 -24.55 -46.29 20.72
CA ILE B 31 -24.34 -46.79 22.07
C ILE B 31 -25.00 -48.15 22.21
N THR B 32 -24.20 -49.13 22.62
CA THR B 32 -24.67 -50.48 22.92
C THR B 32 -24.59 -50.71 24.41
N ILE B 33 -25.73 -50.78 25.04
CA ILE B 33 -25.79 -50.96 26.48
C ILE B 33 -26.31 -52.35 26.78
N VAL B 34 -25.75 -52.95 27.82
CA VAL B 34 -25.98 -54.36 28.13
C VAL B 34 -26.68 -54.39 29.48
N ALA B 35 -27.88 -54.97 29.50
CA ALA B 35 -28.53 -55.27 30.76
C ALA B 35 -28.22 -56.71 31.15
N ASP B 36 -27.85 -56.90 32.41
CA ASP B 36 -27.48 -58.22 32.87
C ASP B 36 -28.65 -59.19 32.77
N GLY B 37 -29.87 -58.67 32.80
CA GLY B 37 -31.05 -59.48 32.66
C GLY B 37 -31.75 -59.40 31.32
N LYS B 38 -31.31 -58.53 30.43
CA LYS B 38 -32.00 -58.27 29.17
C LYS B 38 -31.04 -58.36 28.01
N PRO B 39 -31.54 -58.53 26.80
CA PRO B 39 -30.68 -58.41 25.63
C PRO B 39 -30.13 -57.01 25.51
N SER B 40 -29.12 -56.86 24.65
CA SER B 40 -28.44 -55.58 24.54
C SER B 40 -29.07 -54.70 23.46
N PHE B 41 -28.91 -53.39 23.61
CA PHE B 41 -29.48 -52.42 22.69
C PHE B 41 -28.44 -51.88 21.73
N ASP B 42 -28.93 -51.35 20.61
CA ASP B 42 -28.16 -50.46 19.76
C ASP B 42 -29.05 -49.25 19.48
N ILE B 43 -28.84 -48.20 20.25
CA ILE B 43 -29.54 -46.95 20.06
C ILE B 43 -28.56 -45.92 19.51
N ARG B 44 -28.96 -45.28 18.42
CA ARG B 44 -28.03 -44.43 17.69
C ARG B 44 -28.84 -43.37 16.96
N LEU B 45 -28.57 -42.10 17.26
CA LEU B 45 -29.31 -41.01 16.62
C LEU B 45 -29.26 -41.18 15.12
N SER B 46 -30.41 -41.05 14.46
CA SER B 46 -30.47 -41.30 13.03
C SER B 46 -30.43 -40.01 12.24
N LYS B 47 -31.08 -38.96 12.74
CA LYS B 47 -31.04 -37.63 12.12
C LYS B 47 -31.82 -36.65 13.00
N MET B 48 -31.67 -35.37 12.68
CA MET B 48 -32.47 -34.32 13.28
C MET B 48 -32.85 -33.31 12.23
N SER B 49 -34.12 -33.29 11.85
CA SER B 49 -34.56 -32.63 10.65
C SER B 49 -35.38 -31.38 10.99
N MET B 50 -35.22 -30.35 10.17
CA MET B 50 -36.09 -29.17 10.19
C MET B 50 -36.99 -29.25 8.96
N SER B 51 -38.29 -29.05 9.17
CA SER B 51 -39.25 -29.16 8.07
C SER B 51 -40.57 -28.52 8.50
N LYS B 52 -41.28 -27.95 7.53
CA LYS B 52 -42.60 -27.35 7.75
C LYS B 52 -42.53 -26.24 8.80
N PHE B 53 -41.83 -25.17 8.44
CA PHE B 53 -41.56 -24.07 9.35
C PHE B 53 -41.84 -22.71 8.70
N ALA B 54 -42.21 -21.74 9.55
CA ALA B 54 -43.02 -20.58 9.19
C ALA B 54 -42.27 -19.61 8.29
N GLU B 55 -43.06 -18.82 7.54
CA GLU B 55 -42.54 -17.84 6.60
C GLU B 55 -42.10 -16.57 7.32
N TYR B 56 -41.08 -15.92 6.77
CA TYR B 56 -40.51 -14.73 7.38
C TYR B 56 -40.36 -13.55 6.45
N LYS B 57 -40.00 -13.77 5.18
CA LYS B 57 -39.56 -12.67 4.34
C LYS B 57 -39.37 -13.18 2.94
N ARG B 58 -39.51 -12.29 1.96
CA ARG B 58 -39.38 -12.68 0.56
C ARG B 58 -38.71 -11.56 -0.22
N TYR B 59 -37.44 -11.74 -0.55
CA TYR B 59 -36.70 -10.76 -1.33
C TYR B 59 -36.91 -11.03 -2.81
N CYS B 60 -36.99 -9.96 -3.58
CA CYS B 60 -37.22 -10.04 -5.02
C CYS B 60 -35.89 -9.92 -5.73
N LEU B 61 -35.16 -11.02 -5.85
CA LEU B 61 -33.82 -10.94 -6.45
C LEU B 61 -33.88 -10.46 -7.88
N GLN B 62 -34.84 -10.96 -8.65
CA GLN B 62 -34.96 -10.57 -10.04
C GLN B 62 -36.27 -9.84 -10.21
N ALA B 63 -36.21 -8.62 -10.73
CA ALA B 63 -37.40 -7.80 -10.91
C ALA B 63 -37.50 -7.36 -12.34
N THR B 64 -38.71 -7.44 -12.89
CA THR B 64 -38.96 -6.98 -14.24
C THR B 64 -39.86 -5.77 -14.18
N MET B 65 -39.94 -5.06 -15.30
CA MET B 65 -40.59 -3.76 -15.34
C MET B 65 -41.48 -3.71 -16.57
N SER B 66 -42.65 -3.09 -16.43
CA SER B 66 -43.61 -3.15 -17.52
C SER B 66 -44.50 -1.91 -17.52
N ASP B 67 -45.09 -1.66 -18.69
CA ASP B 67 -46.10 -0.62 -18.93
C ASP B 67 -45.77 0.68 -18.22
N VAL B 68 -44.63 1.26 -18.59
CA VAL B 68 -44.26 2.55 -18.06
C VAL B 68 -45.11 3.64 -18.72
N THR B 69 -45.67 4.51 -17.89
CA THR B 69 -46.43 5.66 -18.37
C THR B 69 -45.98 6.88 -17.61
N SER B 70 -45.77 7.98 -18.32
CA SER B 70 -45.30 9.22 -17.73
C SER B 70 -46.33 10.32 -17.99
N ILE B 71 -46.55 11.16 -16.99
CA ILE B 71 -47.47 12.29 -17.09
C ILE B 71 -46.65 13.57 -17.01
N VAL B 72 -46.89 14.47 -17.96
CA VAL B 72 -46.07 15.67 -18.13
C VAL B 72 -46.90 16.88 -17.76
N ALA B 73 -46.21 18.00 -17.51
CA ALA B 73 -46.85 19.28 -17.29
C ALA B 73 -45.97 20.40 -17.84
N CYS B 74 -46.58 21.52 -18.19
CA CYS B 74 -45.82 22.65 -18.68
C CYS B 74 -45.00 23.26 -17.56
N PRO B 75 -43.79 23.76 -17.86
CA PRO B 75 -43.00 24.46 -16.85
C PRO B 75 -43.75 25.62 -16.23
N GLY B 76 -43.93 25.58 -14.91
CA GLY B 76 -44.69 26.58 -14.21
C GLY B 76 -46.18 26.38 -14.21
N ALA B 77 -46.67 25.30 -14.82
CA ALA B 77 -48.10 25.03 -14.88
C ALA B 77 -48.59 24.19 -13.70
N GLY B 78 -47.72 23.92 -12.74
CA GLY B 78 -48.09 23.07 -11.62
C GLY B 78 -47.76 21.60 -11.89
N ASP B 79 -47.52 20.88 -10.81
CA ASP B 79 -47.07 19.50 -10.93
C ASP B 79 -48.20 18.59 -11.39
N ALA B 80 -47.90 17.75 -12.37
CA ALA B 80 -48.86 16.80 -12.90
C ALA B 80 -49.00 15.62 -11.94
N HIS B 81 -49.99 14.77 -12.22
CA HIS B 81 -50.26 13.61 -11.39
C HIS B 81 -50.68 12.45 -12.29
N ASN B 82 -50.54 11.24 -11.76
CA ASN B 82 -50.91 10.03 -12.48
C ASN B 82 -51.90 9.22 -11.67
N ASP B 83 -52.84 8.60 -12.40
CA ASP B 83 -53.85 7.77 -11.75
C ASP B 83 -53.24 6.60 -11.01
N LYS B 84 -52.25 5.94 -11.61
CA LYS B 84 -51.68 4.73 -11.02
C LYS B 84 -50.92 5.01 -9.73
N SER B 85 -50.73 6.27 -9.38
CA SER B 85 -49.83 6.63 -8.29
C SER B 85 -50.21 5.95 -6.97
N LYS B 86 -51.47 5.61 -6.79
CA LYS B 86 -51.89 4.99 -5.54
C LYS B 86 -51.79 3.47 -5.60
N ASN B 87 -51.54 2.90 -6.76
CA ASN B 87 -51.57 1.45 -6.91
C ASN B 87 -50.30 0.82 -6.32
N HIS B 88 -50.50 -0.17 -5.45
CA HIS B 88 -49.35 -0.83 -4.84
C HIS B 88 -48.46 -1.50 -5.88
N GLU B 89 -49.05 -2.20 -6.84
CA GLU B 89 -48.25 -2.86 -7.87
C GLU B 89 -47.63 -1.87 -8.84
N TYR B 90 -47.78 -0.57 -8.61
CA TYR B 90 -47.27 0.44 -9.52
C TYR B 90 -46.26 1.30 -8.79
N ILE B 91 -45.12 1.55 -9.43
CA ILE B 91 -44.08 2.40 -8.89
C ILE B 91 -44.10 3.73 -9.62
N CYS B 92 -43.97 4.83 -8.87
CA CYS B 92 -44.05 6.17 -9.43
C CYS B 92 -42.96 7.04 -8.85
N LYS B 93 -42.60 8.08 -9.61
CA LYS B 93 -41.59 9.02 -9.16
C LYS B 93 -41.90 10.39 -9.73
N ALA B 94 -41.60 11.43 -8.96
CA ALA B 94 -41.88 12.81 -9.35
C ALA B 94 -40.58 13.50 -9.72
N VAL B 95 -40.26 13.50 -11.02
CA VAL B 95 -39.03 14.08 -11.51
C VAL B 95 -39.35 15.42 -12.17
N ASN B 96 -38.53 16.43 -11.87
CA ASN B 96 -38.69 17.75 -12.44
C ASN B 96 -37.80 17.86 -13.66
N ASN B 97 -38.39 17.71 -14.84
CA ASN B 97 -37.66 17.83 -16.09
C ASN B 97 -38.04 19.13 -16.78
N ASP B 98 -37.03 19.83 -17.26
CA ASP B 98 -37.24 21.09 -17.97
C ASP B 98 -37.83 20.80 -19.35
N ARG B 99 -39.13 21.07 -19.51
CA ARG B 99 -39.77 20.95 -20.82
C ARG B 99 -39.45 22.19 -21.62
N GLY B 100 -38.75 21.99 -22.75
CA GLY B 100 -38.20 23.08 -23.51
C GLY B 100 -39.23 23.83 -24.35
N TRP B 101 -38.76 24.96 -24.88
CA TRP B 101 -39.56 25.71 -25.85
C TRP B 101 -39.85 24.87 -27.08
N GLY B 102 -38.83 24.16 -27.58
CA GLY B 102 -39.04 23.18 -28.63
C GLY B 102 -39.84 21.97 -28.23
N ASN B 103 -39.98 21.71 -26.92
CA ASN B 103 -40.86 20.66 -26.44
C ASN B 103 -42.32 21.03 -26.61
N GLY B 104 -42.62 22.29 -26.93
CA GLY B 104 -43.94 22.66 -27.38
C GLY B 104 -44.85 23.31 -26.37
N CYS B 105 -44.31 24.03 -25.38
CA CYS B 105 -45.15 24.80 -24.47
C CYS B 105 -44.65 26.24 -24.39
N VAL B 106 -45.49 27.13 -23.88
CA VAL B 106 -45.24 28.56 -23.98
C VAL B 106 -44.03 28.96 -23.14
N LEU B 107 -43.99 28.54 -21.88
CA LEU B 107 -42.90 28.91 -20.98
C LEU B 107 -42.02 27.69 -20.75
N PHE B 108 -40.72 27.84 -21.02
CA PHE B 108 -39.80 26.73 -20.88
C PHE B 108 -38.89 26.93 -19.68
N GLY B 109 -38.47 25.81 -19.10
CA GLY B 109 -37.78 25.80 -17.83
C GLY B 109 -38.13 24.51 -17.10
N LYS B 110 -37.71 24.44 -15.85
CA LYS B 110 -37.99 23.27 -15.04
C LYS B 110 -39.49 22.98 -15.03
N GLY B 111 -39.85 21.73 -15.32
CA GLY B 111 -41.24 21.35 -15.46
C GLY B 111 -41.49 20.01 -14.81
N SER B 112 -42.77 19.69 -14.67
CA SER B 112 -43.17 18.49 -13.93
C SER B 112 -43.19 17.26 -14.83
N MET B 113 -42.95 16.11 -14.21
CA MET B 113 -43.03 14.82 -14.88
C MET B 113 -43.16 13.70 -13.87
N GLU B 114 -44.28 12.98 -13.89
CA GLU B 114 -44.49 11.83 -13.03
C GLU B 114 -44.64 10.60 -13.90
N THR B 115 -43.81 9.59 -13.65
CA THR B 115 -43.80 8.37 -14.44
C THR B 115 -44.15 7.20 -13.55
N CYS B 116 -44.95 6.27 -14.07
CA CYS B 116 -45.40 5.12 -13.31
C CYS B 116 -45.28 3.86 -14.14
N GLY B 117 -45.20 2.72 -13.48
CA GLY B 117 -45.17 1.45 -14.17
C GLY B 117 -45.32 0.31 -13.18
N LYS B 118 -45.49 -0.89 -13.72
CA LYS B 118 -45.74 -2.07 -12.91
C LYS B 118 -44.43 -2.68 -12.44
N PHE B 119 -44.39 -3.11 -11.18
CA PHE B 119 -43.20 -3.71 -10.57
C PHE B 119 -43.52 -5.16 -10.22
N GLU B 120 -43.05 -6.08 -11.06
CA GLU B 120 -43.38 -7.49 -10.94
C GLU B 120 -42.11 -8.30 -10.70
N CYS B 121 -42.26 -9.40 -9.97
CA CYS B 121 -41.14 -10.09 -9.36
C CYS B 121 -40.83 -11.40 -10.07
N LYS B 122 -39.65 -11.94 -9.74
CA LYS B 122 -39.23 -13.26 -10.19
C LYS B 122 -38.10 -13.74 -9.30
N LYS B 123 -37.98 -15.06 -9.17
CA LYS B 123 -36.90 -15.69 -8.42
C LYS B 123 -36.84 -15.17 -6.98
N LYS B 124 -38.00 -15.21 -6.33
CA LYS B 124 -38.08 -14.72 -4.95
C LYS B 124 -37.34 -15.64 -3.99
N MET B 125 -36.46 -15.06 -3.18
CA MET B 125 -35.88 -15.77 -2.05
C MET B 125 -36.91 -15.90 -0.95
N ALA B 126 -36.88 -17.01 -0.24
CA ALA B 126 -37.84 -17.25 0.83
C ALA B 126 -37.09 -17.45 2.14
N GLY B 127 -37.16 -16.47 3.03
CA GLY B 127 -36.61 -16.60 4.35
C GLY B 127 -37.67 -17.19 5.27
N LYS B 128 -37.23 -17.98 6.23
CA LYS B 128 -38.13 -18.65 7.16
C LYS B 128 -37.40 -18.85 8.47
N LEU B 129 -37.91 -18.29 9.55
CA LEU B 129 -37.38 -18.66 10.85
C LEU B 129 -37.80 -20.07 11.21
N VAL B 130 -36.99 -20.70 12.05
CA VAL B 130 -37.25 -22.02 12.59
C VAL B 130 -37.05 -21.93 14.09
N ALA B 131 -37.91 -22.58 14.85
CA ALA B 131 -37.88 -22.43 16.29
C ALA B 131 -37.39 -23.72 16.95
N ARG B 132 -37.42 -23.72 18.28
CA ARG B 132 -37.08 -24.94 19.00
C ARG B 132 -37.98 -26.08 18.59
N GLU B 133 -39.27 -25.83 18.52
CA GLU B 133 -40.19 -26.81 17.97
C GLU B 133 -40.00 -26.89 16.47
N ASN B 134 -40.52 -27.97 15.87
CA ASN B 134 -40.56 -28.24 14.45
C ASN B 134 -39.21 -28.72 13.94
N VAL B 135 -38.25 -28.92 14.84
CA VAL B 135 -37.05 -29.69 14.55
C VAL B 135 -37.07 -30.88 15.48
N GLU B 136 -37.28 -32.06 14.92
CA GLU B 136 -37.49 -33.28 15.68
C GLU B 136 -36.40 -34.27 15.34
N SER B 137 -36.20 -35.23 16.24
CA SER B 137 -35.16 -36.22 16.07
C SER B 137 -35.80 -37.60 16.06
N VAL B 138 -35.12 -38.54 15.41
CA VAL B 138 -35.56 -39.92 15.35
C VAL B 138 -34.42 -40.81 15.85
N VAL B 139 -34.72 -41.65 16.84
CA VAL B 139 -33.76 -42.55 17.43
C VAL B 139 -34.12 -43.96 17.01
N THR B 140 -33.14 -44.71 16.54
CA THR B 140 -33.36 -46.09 16.11
C THR B 140 -32.70 -47.04 17.09
N VAL B 141 -33.48 -47.97 17.60
CA VAL B 141 -33.01 -48.97 18.55
C VAL B 141 -32.73 -50.24 17.78
N HIS B 142 -32.02 -51.16 18.42
CA HIS B 142 -31.66 -52.42 17.80
C HIS B 142 -31.14 -53.34 18.88
N VAL B 143 -31.50 -54.63 18.80
CA VAL B 143 -31.11 -55.60 19.81
C VAL B 143 -30.37 -56.73 19.15
N HIS B 144 -29.65 -57.50 19.96
CA HIS B 144 -28.82 -58.58 19.43
C HIS B 144 -29.27 -59.92 19.97
N GLY B 145 -28.79 -60.98 19.33
CA GLY B 145 -29.24 -62.32 19.61
C GLY B 145 -30.22 -62.86 18.60
N ALA B 146 -30.60 -62.07 17.61
CA ALA B 146 -31.56 -62.51 16.61
C ALA B 146 -30.88 -63.38 15.57
N SER B 147 -31.68 -63.90 14.66
CA SER B 147 -31.20 -64.74 13.57
C SER B 147 -31.63 -64.12 12.25
N ALA B 148 -30.66 -63.54 11.54
CA ALA B 148 -30.95 -62.87 10.28
C ALA B 148 -30.97 -63.91 9.17
N THR B 149 -32.15 -64.18 8.64
CA THR B 149 -32.29 -65.12 7.52
C THR B 149 -31.93 -64.43 6.20
N ASP B 150 -30.74 -63.83 6.21
CA ASP B 150 -30.16 -63.17 5.06
C ASP B 150 -28.66 -63.09 5.30
N THR B 151 -27.91 -62.85 4.23
CA THR B 151 -26.46 -62.75 4.36
C THR B 151 -26.08 -61.58 5.26
N LYS B 152 -26.68 -60.42 5.05
CA LYS B 152 -26.48 -59.31 5.97
C LYS B 152 -27.08 -59.67 7.32
N GLY B 153 -26.21 -59.83 8.32
CA GLY B 153 -26.63 -60.40 9.58
C GLY B 153 -27.46 -59.50 10.47
N VAL B 154 -28.46 -58.84 9.89
CA VAL B 154 -29.35 -57.96 10.64
C VAL B 154 -30.78 -58.44 10.51
N ASP B 155 -31.49 -58.50 11.63
CA ASP B 155 -32.88 -58.91 11.67
C ASP B 155 -33.77 -57.71 11.84
N THR B 156 -34.73 -57.55 10.92
CA THR B 156 -35.62 -56.39 10.98
C THR B 156 -36.44 -56.38 12.27
N ALA B 157 -36.53 -57.53 12.94
CA ALA B 157 -37.27 -57.58 14.20
C ALA B 157 -36.48 -56.96 15.33
N SER B 158 -35.26 -56.51 15.06
CA SER B 158 -34.50 -55.80 16.09
C SER B 158 -34.50 -54.30 15.85
N THR B 159 -34.68 -53.88 14.61
CA THR B 159 -34.65 -52.45 14.33
C THR B 159 -36.01 -51.81 14.54
N ALA B 160 -36.01 -50.62 15.13
CA ALA B 160 -37.25 -49.91 15.40
C ALA B 160 -36.93 -48.43 15.60
N LYS B 161 -37.85 -47.58 15.15
CA LYS B 161 -37.67 -46.14 15.19
C LYS B 161 -38.66 -45.50 16.15
N ALA B 162 -38.40 -44.25 16.50
CA ALA B 162 -39.34 -43.42 17.26
C ALA B 162 -38.90 -41.98 17.13
N THR B 163 -39.78 -41.14 16.59
CA THR B 163 -39.48 -39.72 16.44
C THR B 163 -39.83 -39.01 17.74
N ILE B 164 -38.86 -38.31 18.30
CA ILE B 164 -39.07 -37.56 19.53
C ILE B 164 -38.91 -36.08 19.22
N THR B 165 -39.86 -35.28 19.68
CA THR B 165 -39.96 -33.86 19.45
C THR B 165 -39.75 -33.14 20.77
N PRO B 166 -39.12 -31.96 20.74
CA PRO B 166 -38.99 -31.16 21.96
C PRO B 166 -40.26 -31.11 22.80
N LYS B 167 -41.41 -31.01 22.14
CA LYS B 167 -42.69 -31.08 22.84
C LYS B 167 -42.98 -32.48 23.37
N ALA B 168 -42.83 -33.50 22.53
CA ALA B 168 -43.12 -34.88 22.92
C ALA B 168 -41.81 -35.56 23.30
N SER B 169 -41.40 -35.33 24.54
CA SER B 169 -40.12 -35.84 25.00
C SER B 169 -40.14 -37.35 25.14
N VAL B 170 -41.30 -37.93 25.42
CA VAL B 170 -41.37 -39.35 25.74
C VAL B 170 -41.92 -40.12 24.54
N ALA B 171 -41.34 -41.28 24.27
CA ALA B 171 -41.82 -42.14 23.20
C ALA B 171 -41.42 -43.57 23.51
N THR B 172 -42.13 -44.52 22.90
CA THR B 172 -41.92 -45.94 23.14
C THR B 172 -41.55 -46.62 21.84
N LEU B 173 -40.65 -47.59 21.91
CA LEU B 173 -40.34 -48.48 20.80
C LEU B 173 -40.70 -49.89 21.20
N ASN B 174 -41.50 -50.55 20.36
CA ASN B 174 -42.02 -51.88 20.66
C ASN B 174 -41.21 -52.90 19.86
N LEU B 175 -40.11 -53.34 20.44
CA LEU B 175 -39.34 -54.42 19.84
C LEU B 175 -40.15 -55.71 19.87
N ASN B 176 -40.56 -56.16 18.69
CA ASN B 176 -41.58 -57.19 18.58
C ASN B 176 -41.17 -58.44 19.35
N ASP B 177 -41.91 -58.71 20.42
CA ASP B 177 -41.80 -59.91 21.24
C ASP B 177 -40.51 -59.83 22.06
N PHE B 178 -39.65 -58.86 21.76
CA PHE B 178 -38.56 -58.57 22.68
C PHE B 178 -39.07 -57.82 23.89
N GLY B 179 -40.16 -57.09 23.71
CA GLY B 179 -40.69 -56.20 24.73
C GLY B 179 -40.92 -54.82 24.16
N SER B 180 -41.03 -53.86 25.08
CA SER B 180 -41.22 -52.47 24.71
C SER B 180 -40.09 -51.66 25.30
N LEU B 181 -39.44 -50.86 24.48
CA LEU B 181 -38.41 -49.94 24.92
C LEU B 181 -38.91 -48.52 24.75
N GLU B 182 -39.11 -47.82 25.87
CA GLU B 182 -39.58 -46.45 25.87
C GLU B 182 -38.47 -45.58 26.40
N VAL B 183 -38.46 -44.31 26.01
CA VAL B 183 -37.34 -43.43 26.32
C VAL B 183 -37.82 -41.99 26.25
N ASP B 184 -37.41 -41.18 27.22
CA ASP B 184 -37.55 -39.74 27.14
C ASP B 184 -36.23 -39.12 26.72
N CYS B 185 -36.28 -37.86 26.26
CA CYS B 185 -35.06 -37.21 25.82
C CYS B 185 -35.30 -35.72 25.65
N SER B 186 -34.42 -34.93 26.25
CA SER B 186 -34.46 -33.48 26.14
C SER B 186 -33.52 -33.04 25.03
N THR B 187 -34.06 -32.88 23.83
CA THR B 187 -33.28 -32.52 22.66
C THR B 187 -32.60 -31.16 22.90
N ASP B 188 -31.32 -31.09 22.59
CA ASP B 188 -30.51 -29.89 22.80
C ASP B 188 -29.73 -29.61 21.52
N VAL B 189 -30.22 -28.67 20.72
CA VAL B 189 -29.72 -28.50 19.37
C VAL B 189 -28.31 -27.96 19.35
N GLY B 190 -28.04 -26.91 20.12
CA GLY B 190 -26.73 -26.31 20.13
C GLY B 190 -26.46 -25.30 19.04
N MET B 191 -27.38 -25.13 18.10
CA MET B 191 -27.29 -24.10 17.07
C MET B 191 -28.56 -23.27 17.13
N ASP B 192 -28.53 -22.17 17.89
CA ASP B 192 -29.74 -21.45 18.25
C ASP B 192 -30.56 -21.15 17.01
N PHE B 193 -31.76 -21.73 16.94
CA PHE B 193 -32.57 -21.59 15.75
C PHE B 193 -33.06 -20.15 15.56
N GLY B 194 -33.45 -19.49 16.65
CA GLY B 194 -33.94 -18.13 16.52
C GLY B 194 -32.90 -17.20 15.91
N GLU B 195 -31.62 -17.59 16.01
CA GLU B 195 -30.56 -16.73 15.49
C GLU B 195 -30.43 -16.85 13.99
N ILE B 196 -30.70 -18.02 13.44
CA ILE B 196 -30.48 -18.29 12.04
C ILE B 196 -31.82 -18.31 11.31
N VAL B 197 -31.77 -18.13 10.00
CA VAL B 197 -32.96 -18.19 9.17
C VAL B 197 -32.66 -19.03 7.94
N VAL B 198 -33.54 -19.97 7.65
CA VAL B 198 -33.39 -20.80 6.46
C VAL B 198 -33.63 -19.93 5.24
N ALA B 199 -32.71 -19.99 4.30
CA ALA B 199 -32.78 -19.18 3.09
C ALA B 199 -33.11 -20.08 1.92
N ASP B 200 -34.28 -19.88 1.32
CA ASP B 200 -34.72 -20.65 0.17
C ASP B 200 -34.40 -19.84 -1.08
N MET B 201 -33.46 -20.32 -1.85
CA MET B 201 -33.01 -19.63 -3.06
C MET B 201 -33.99 -20.03 -4.16
N SER B 202 -33.63 -19.80 -5.43
CA SER B 202 -34.46 -20.26 -6.54
C SER B 202 -34.78 -21.75 -6.40
N GLY B 203 -33.77 -22.56 -6.13
CA GLY B 203 -34.01 -23.97 -5.88
C GLY B 203 -33.15 -24.55 -4.79
N LYS B 204 -32.30 -23.73 -4.19
CA LYS B 204 -31.33 -24.19 -3.21
C LYS B 204 -31.75 -23.77 -1.82
N TRP B 205 -31.10 -24.36 -0.82
CA TRP B 205 -31.42 -24.14 0.59
C TRP B 205 -30.14 -23.97 1.39
N TRP B 206 -29.97 -22.81 2.00
CA TRP B 206 -28.79 -22.54 2.79
C TRP B 206 -29.21 -22.29 4.23
N ILE B 207 -28.21 -22.06 5.08
CA ILE B 207 -28.42 -21.65 6.46
C ILE B 207 -27.62 -20.39 6.68
N VAL B 208 -28.30 -19.29 7.03
CA VAL B 208 -27.66 -18.00 7.15
C VAL B 208 -28.10 -17.33 8.45
N ASN B 209 -27.42 -16.24 8.77
CA ASN B 209 -27.68 -15.53 10.01
C ASN B 209 -28.77 -14.49 9.82
N LYS B 210 -29.80 -14.58 10.67
CA LYS B 210 -30.99 -13.74 10.50
C LYS B 210 -30.61 -12.27 10.40
N ASP B 211 -29.64 -11.84 11.18
CA ASP B 211 -29.13 -10.48 11.06
C ASP B 211 -28.52 -10.24 9.70
N TRP B 212 -27.78 -11.21 9.16
CA TRP B 212 -27.32 -11.08 7.78
C TRP B 212 -28.48 -10.97 6.83
N PHE B 213 -29.53 -11.75 7.08
CA PHE B 213 -30.58 -11.88 6.08
C PHE B 213 -31.44 -10.63 6.04
N ASN B 214 -31.77 -10.06 7.19
CA ASN B 214 -32.45 -8.77 7.21
C ASN B 214 -31.59 -7.68 6.59
N GLU B 215 -30.35 -7.56 7.06
CA GLU B 215 -29.50 -6.48 6.61
C GLU B 215 -29.07 -6.65 5.17
N LEU B 216 -29.58 -7.64 4.47
CA LEU B 216 -29.39 -7.70 3.04
C LEU B 216 -30.14 -6.54 2.40
N ALA B 217 -29.61 -6.03 1.29
CA ALA B 217 -30.12 -4.79 0.70
C ALA B 217 -30.81 -5.09 -0.62
N LEU B 218 -32.12 -5.21 -0.58
CA LEU B 218 -32.90 -5.61 -1.74
C LEU B 218 -34.35 -5.19 -1.51
N PRO B 219 -35.23 -5.38 -2.48
CA PRO B 219 -36.66 -5.16 -2.21
C PRO B 219 -37.27 -6.40 -1.58
N TRP B 220 -38.14 -6.19 -0.61
CA TRP B 220 -38.64 -7.28 0.20
C TRP B 220 -40.13 -7.14 0.44
N SER B 221 -40.73 -8.17 1.02
CA SER B 221 -42.09 -8.14 1.53
C SER B 221 -42.19 -9.04 2.74
N THR B 222 -42.83 -8.56 3.80
CA THR B 222 -43.14 -9.38 4.94
C THR B 222 -44.57 -9.93 4.87
N ALA B 223 -45.24 -9.73 3.74
CA ALA B 223 -46.67 -10.01 3.63
C ALA B 223 -46.91 -11.50 3.44
N SER B 224 -48.14 -11.85 3.09
CA SER B 224 -48.52 -13.25 2.91
C SER B 224 -47.84 -13.84 1.67
N THR B 225 -47.64 -15.15 1.70
CA THR B 225 -47.01 -15.83 0.58
C THR B 225 -47.86 -15.74 -0.68
N THR B 226 -49.17 -15.50 -0.52
CA THR B 226 -50.04 -15.42 -1.69
C THR B 226 -49.73 -14.21 -2.55
N ALA B 227 -49.58 -13.04 -1.93
CA ALA B 227 -49.30 -11.80 -2.64
C ALA B 227 -48.36 -10.95 -1.81
N GLU B 228 -47.15 -10.74 -2.31
CA GLU B 228 -46.17 -9.94 -1.59
C GLU B 228 -46.53 -8.46 -1.66
N VAL B 229 -46.02 -7.69 -0.70
CA VAL B 229 -46.29 -6.26 -0.67
C VAL B 229 -45.26 -5.47 -1.47
N TRP B 230 -43.98 -5.83 -1.35
CA TRP B 230 -42.88 -5.16 -2.05
C TRP B 230 -42.75 -3.69 -1.67
N GLN B 231 -42.47 -3.41 -0.41
CA GLN B 231 -41.97 -2.09 -0.11
C GLN B 231 -40.47 -2.01 -0.39
N ALA B 232 -39.96 -0.78 -0.41
CA ALA B 232 -38.55 -0.52 -0.70
C ALA B 232 -38.13 -1.11 -2.04
N ARG B 233 -39.00 -0.99 -3.03
CA ARG B 233 -38.79 -1.68 -4.28
C ARG B 233 -37.77 -0.99 -5.18
N ASP B 234 -37.42 0.26 -4.91
CA ASP B 234 -36.55 0.99 -5.84
C ASP B 234 -35.21 0.31 -6.04
N ARG B 235 -34.73 -0.41 -5.02
CA ARG B 235 -33.34 -0.86 -5.03
C ARG B 235 -32.99 -1.71 -6.23
N LEU B 236 -33.96 -2.13 -7.03
CA LEU B 236 -33.67 -2.81 -8.30
C LEU B 236 -34.14 -2.04 -9.52
N VAL B 237 -34.76 -0.90 -9.34
CA VAL B 237 -35.30 -0.18 -10.48
C VAL B 237 -34.77 1.24 -10.45
N GLU B 238 -34.30 1.70 -11.60
CA GLU B 238 -33.79 3.04 -11.73
C GLU B 238 -34.49 3.72 -12.90
N PHE B 239 -34.52 5.03 -12.86
CA PHE B 239 -35.10 5.82 -13.93
C PHE B 239 -34.00 6.41 -14.80
N GLY B 240 -34.10 6.15 -16.09
CA GLY B 240 -33.13 6.67 -17.02
C GLY B 240 -33.15 8.18 -17.06
N TRP B 241 -32.37 8.73 -17.97
CA TRP B 241 -32.33 10.17 -18.09
C TRP B 241 -33.71 10.68 -18.49
N PRO B 242 -34.30 11.60 -17.74
CA PRO B 242 -35.65 12.05 -18.07
C PRO B 242 -35.65 12.92 -19.31
N HIS B 243 -36.47 12.55 -20.28
CA HIS B 243 -36.73 13.36 -21.46
C HIS B 243 -38.06 14.06 -21.27
N ALA B 244 -38.14 15.32 -21.69
CA ALA B 244 -39.34 16.12 -21.48
C ALA B 244 -40.57 15.37 -21.98
N ALA B 245 -40.45 14.74 -23.14
CA ALA B 245 -41.56 13.97 -23.69
C ALA B 245 -41.79 12.69 -22.88
N LYS B 246 -40.79 11.83 -22.82
CA LYS B 246 -40.97 10.48 -22.31
C LYS B 246 -39.89 10.17 -21.28
N GLN B 247 -40.20 9.24 -20.38
CA GLN B 247 -39.22 8.75 -19.44
C GLN B 247 -39.10 7.25 -19.60
N ASN B 248 -37.91 6.73 -19.39
CA ASN B 248 -37.67 5.30 -19.42
C ASN B 248 -37.46 4.78 -18.01
N ILE B 249 -37.74 3.51 -17.82
CA ILE B 249 -37.53 2.83 -16.55
C ILE B 249 -36.93 1.46 -16.84
N TYR B 250 -35.91 1.09 -16.07
CA TYR B 250 -35.21 -0.16 -16.29
C TYR B 250 -34.95 -0.86 -14.97
N ASP B 251 -34.77 -2.17 -15.04
CA ASP B 251 -34.32 -2.92 -13.88
C ASP B 251 -32.81 -2.85 -13.77
N ILE B 252 -32.26 -3.68 -12.87
CA ILE B 252 -30.82 -3.81 -12.75
C ILE B 252 -30.34 -5.24 -12.88
N GLY B 253 -31.04 -6.07 -13.64
CA GLY B 253 -30.55 -7.38 -13.99
C GLY B 253 -30.60 -8.37 -12.85
N ASP B 254 -30.30 -9.62 -13.19
CA ASP B 254 -30.45 -10.73 -12.25
C ASP B 254 -29.54 -10.55 -11.05
N GLN B 255 -29.98 -11.08 -9.91
CA GLN B 255 -29.20 -11.05 -8.69
C GLN B 255 -28.90 -12.45 -8.15
N GLU B 256 -29.41 -13.50 -8.78
CA GLU B 256 -29.16 -14.84 -8.30
C GLU B 256 -27.65 -15.09 -8.17
N GLY B 257 -26.90 -14.77 -9.23
CA GLY B 257 -25.48 -15.00 -9.20
C GLY B 257 -24.76 -14.19 -8.15
N ALA B 258 -25.10 -12.90 -8.04
CA ALA B 258 -24.43 -12.06 -7.07
C ALA B 258 -24.71 -12.52 -5.64
N VAL B 259 -25.98 -12.80 -5.34
CA VAL B 259 -26.33 -13.26 -4.00
C VAL B 259 -25.64 -14.58 -3.72
N THR B 260 -25.63 -15.48 -4.71
CA THR B 260 -24.95 -16.76 -4.53
C THR B 260 -23.48 -16.56 -4.20
N ALA B 261 -22.77 -15.78 -5.02
CA ALA B 261 -21.34 -15.60 -4.81
C ALA B 261 -21.06 -14.91 -3.50
N ALA B 262 -21.99 -14.09 -3.02
CA ALA B 262 -21.82 -13.51 -1.69
C ALA B 262 -22.17 -14.52 -0.61
N ILE B 263 -22.93 -15.55 -0.96
CA ILE B 263 -23.34 -16.53 0.03
C ILE B 263 -22.60 -17.85 -0.12
N ALA B 264 -22.22 -18.24 -1.35
CA ALA B 264 -21.71 -19.59 -1.58
C ALA B 264 -20.60 -19.97 -0.62
N GLN B 265 -19.99 -18.97 0.02
CA GLN B 265 -19.07 -19.17 1.13
C GLN B 265 -19.84 -19.66 2.35
N ALA B 266 -21.12 -19.99 2.20
CA ALA B 266 -21.93 -20.51 3.28
C ALA B 266 -22.29 -21.96 2.98
N PRO B 267 -22.60 -22.75 4.00
CA PRO B 267 -22.87 -24.17 3.75
C PRO B 267 -24.15 -24.39 2.98
N MET B 268 -24.23 -25.53 2.30
CA MET B 268 -25.42 -25.97 1.60
C MET B 268 -26.17 -26.99 2.44
N ALA B 269 -27.44 -26.73 2.72
CA ALA B 269 -28.22 -27.66 3.51
C ALA B 269 -28.47 -28.94 2.71
N LYS B 270 -28.71 -30.03 3.44
CA LYS B 270 -28.95 -31.34 2.84
C LYS B 270 -30.44 -31.50 2.59
N TRP B 271 -30.84 -31.40 1.33
CA TRP B 271 -32.25 -31.39 0.96
C TRP B 271 -32.76 -32.81 0.83
N GLU B 272 -33.57 -33.23 1.81
CA GLU B 272 -34.27 -34.50 1.75
C GLU B 272 -35.70 -34.32 2.23
N SER B 273 -36.65 -34.82 1.46
CA SER B 273 -38.05 -34.91 1.89
C SER B 273 -38.59 -33.56 2.37
N ASP B 274 -38.35 -32.51 1.59
CA ASP B 274 -38.79 -31.16 1.93
C ASP B 274 -38.26 -30.73 3.29
N LYS B 275 -37.08 -31.21 3.62
CA LYS B 275 -36.52 -30.98 4.95
C LYS B 275 -35.01 -30.90 4.87
N VAL B 276 -34.43 -30.16 5.81
CA VAL B 276 -32.99 -30.14 5.97
C VAL B 276 -32.63 -31.02 7.14
N GLU B 277 -31.41 -31.53 7.12
CA GLU B 277 -30.88 -32.38 8.19
C GLU B 277 -29.84 -31.60 8.95
N LEU B 278 -30.09 -31.39 10.23
CA LEU B 278 -29.11 -30.72 11.06
C LEU B 278 -27.89 -31.62 11.21
N ILE B 279 -26.77 -31.02 11.61
CA ILE B 279 -25.51 -31.74 11.68
C ILE B 279 -25.20 -32.20 13.09
N SER B 280 -25.03 -31.28 14.04
CA SER B 280 -24.45 -31.63 15.34
C SER B 280 -25.31 -31.07 16.47
N GLY B 281 -26.31 -31.83 16.87
CA GLY B 281 -27.09 -31.54 18.07
C GLY B 281 -27.16 -32.78 18.95
N ILE B 282 -26.55 -32.68 20.12
CA ILE B 282 -26.52 -33.76 21.08
C ILE B 282 -27.92 -33.96 21.62
N LEU B 283 -28.27 -35.21 21.92
CA LEU B 283 -29.51 -35.55 22.62
C LEU B 283 -29.17 -36.24 23.92
N LYS B 284 -29.60 -35.67 25.02
CA LYS B 284 -29.43 -36.29 26.32
C LYS B 284 -30.71 -37.02 26.68
N CYS B 285 -30.67 -38.35 26.59
CA CYS B 285 -31.85 -39.17 26.81
C CYS B 285 -31.69 -39.97 28.09
N LYS B 286 -32.81 -40.41 28.63
CA LYS B 286 -32.83 -41.45 29.66
C LYS B 286 -33.73 -42.56 29.17
N VAL B 287 -33.19 -43.78 29.12
CA VAL B 287 -33.88 -44.91 28.52
C VAL B 287 -34.30 -45.85 29.63
N LYS B 288 -35.60 -46.11 29.72
CA LYS B 288 -36.15 -47.09 30.64
C LYS B 288 -36.34 -48.39 29.88
N LEU B 289 -35.85 -49.48 30.46
CA LEU B 289 -35.70 -50.74 29.74
C LEU B 289 -36.52 -51.86 30.36
N GLY B 290 -37.30 -51.56 31.39
CA GLY B 290 -37.91 -52.61 32.18
C GLY B 290 -38.77 -53.57 31.37
N ASN B 291 -39.60 -53.05 30.48
CA ASN B 291 -40.48 -53.89 29.68
C ASN B 291 -39.74 -54.44 28.46
N LEU B 292 -38.59 -55.06 28.70
CA LEU B 292 -37.82 -55.75 27.67
C LEU B 292 -37.61 -57.19 28.12
N LYS B 293 -38.09 -58.15 27.35
CA LYS B 293 -38.03 -59.53 27.77
C LYS B 293 -37.10 -60.34 26.87
N LEU B 294 -36.32 -61.20 27.51
CA LEU B 294 -35.47 -62.14 26.80
C LEU B 294 -36.31 -63.01 25.86
N ARG B 295 -35.80 -63.23 24.66
CA ARG B 295 -36.49 -64.08 23.71
C ARG B 295 -35.80 -65.44 23.62
N GLY B 296 -36.61 -66.49 23.64
CA GLY B 296 -36.09 -67.83 23.49
C GLY B 296 -35.25 -68.33 24.64
N VAL B 297 -35.59 -67.95 25.87
CA VAL B 297 -34.89 -68.53 27.01
C VAL B 297 -35.33 -69.97 27.22
N THR B 298 -36.40 -70.40 26.57
CA THR B 298 -36.91 -71.75 26.74
C THR B 298 -36.27 -72.76 25.81
N TYR B 299 -35.71 -72.30 24.69
CA TYR B 299 -35.24 -73.22 23.66
C TYR B 299 -34.12 -74.11 24.19
N SER B 300 -33.99 -75.30 23.60
CA SER B 300 -32.90 -76.20 23.94
C SER B 300 -31.60 -75.69 23.35
N MET B 301 -30.50 -75.96 24.05
CA MET B 301 -29.19 -75.53 23.58
C MET B 301 -28.78 -76.30 22.33
N CYS B 302 -28.08 -75.64 21.42
CA CYS B 302 -27.78 -76.23 20.12
C CYS B 302 -26.81 -77.39 20.24
N ALA B 303 -26.76 -78.20 19.18
CA ALA B 303 -25.84 -79.31 19.08
C ALA B 303 -25.16 -79.43 17.72
N GLN B 304 -25.71 -78.83 16.68
CA GLN B 304 -25.28 -79.07 15.32
C GLN B 304 -23.98 -78.32 15.01
N THR B 305 -23.68 -78.22 13.73
CA THR B 305 -22.41 -77.66 13.27
C THR B 305 -22.57 -76.22 12.83
N PHE B 306 -21.61 -75.39 13.20
CA PHE B 306 -21.57 -73.98 12.84
C PHE B 306 -20.50 -73.75 11.79
N THR B 307 -20.79 -72.92 10.80
CA THR B 307 -19.86 -72.65 9.72
C THR B 307 -19.45 -71.19 9.70
N THR B 308 -18.20 -70.92 10.08
CA THR B 308 -17.62 -69.61 9.89
C THR B 308 -17.37 -69.37 8.40
N GLU B 309 -17.91 -68.28 7.88
CA GLU B 309 -17.71 -67.94 6.48
C GLU B 309 -16.78 -66.75 6.32
N THR B 310 -16.35 -66.16 7.43
CA THR B 310 -15.47 -65.00 7.42
C THR B 310 -14.68 -64.94 8.71
N ARG B 311 -13.39 -64.67 8.59
CA ARG B 311 -12.55 -64.57 9.76
C ARG B 311 -13.08 -63.49 10.71
N PRO B 312 -13.09 -63.76 12.01
CA PRO B 312 -13.39 -62.71 12.98
C PRO B 312 -12.54 -61.47 12.73
N ALA B 313 -13.22 -60.39 12.34
CA ALA B 313 -12.57 -59.11 12.16
C ALA B 313 -12.86 -58.22 13.35
N ASP B 314 -11.81 -57.71 13.97
CA ASP B 314 -11.97 -56.82 15.11
C ASP B 314 -12.58 -55.50 14.67
N THR B 315 -13.63 -55.08 15.38
CA THR B 315 -14.22 -53.77 15.13
C THR B 315 -13.29 -52.63 15.53
N GLY B 316 -12.27 -52.91 16.34
CA GLY B 316 -11.32 -51.92 16.78
C GLY B 316 -11.64 -51.26 18.10
N HIS B 317 -12.92 -51.05 18.39
CA HIS B 317 -13.34 -50.35 19.59
C HIS B 317 -12.97 -51.10 20.86
N GLY B 318 -12.62 -52.38 20.75
CA GLY B 318 -12.30 -53.19 21.89
C GLY B 318 -13.04 -54.50 21.97
N THR B 319 -13.81 -54.86 20.95
CA THR B 319 -14.56 -56.10 20.92
C THR B 319 -14.45 -56.72 19.54
N VAL B 320 -14.68 -58.03 19.47
CA VAL B 320 -14.50 -58.77 18.22
C VAL B 320 -15.86 -59.25 17.73
N ALA B 321 -15.99 -59.29 16.41
CA ALA B 321 -17.26 -59.57 15.77
C ALA B 321 -17.05 -60.46 14.56
N PHE B 322 -17.84 -61.53 14.46
CA PHE B 322 -17.72 -62.47 13.33
C PHE B 322 -19.08 -62.97 12.91
N LYS B 323 -19.35 -62.90 11.60
CA LYS B 323 -20.56 -63.50 11.04
C LYS B 323 -20.47 -65.00 11.17
N VAL B 324 -21.59 -65.64 11.50
CA VAL B 324 -21.64 -67.07 11.75
C VAL B 324 -22.97 -67.61 11.28
N LYS B 325 -22.93 -68.75 10.59
CA LYS B 325 -24.12 -69.45 10.14
C LYS B 325 -24.50 -70.52 11.15
N TYR B 326 -25.61 -71.19 10.88
CA TYR B 326 -26.03 -72.34 11.67
C TYR B 326 -26.78 -73.30 10.77
N VAL B 327 -26.19 -74.47 10.54
CA VAL B 327 -26.84 -75.54 9.80
C VAL B 327 -27.17 -76.65 10.80
N GLY B 328 -28.37 -77.18 10.68
CA GLY B 328 -28.83 -78.18 11.62
C GLY B 328 -30.30 -78.44 11.42
N THR B 329 -30.97 -78.89 12.47
CA THR B 329 -32.41 -79.08 12.37
C THR B 329 -33.16 -78.58 13.59
N ASP B 330 -32.49 -78.38 14.72
CA ASP B 330 -33.13 -77.93 15.94
C ASP B 330 -33.31 -76.41 15.86
N VAL B 331 -33.95 -75.97 14.80
CA VAL B 331 -33.91 -74.58 14.37
C VAL B 331 -34.38 -73.59 15.43
N PRO B 332 -35.30 -73.92 16.34
CA PRO B 332 -35.52 -72.90 17.38
C PRO B 332 -34.58 -73.14 18.56
N CYS B 333 -33.32 -72.80 18.37
CA CYS B 333 -32.28 -73.11 19.34
C CYS B 333 -31.41 -71.91 19.62
N ARG B 334 -30.88 -71.87 20.84
CA ARG B 334 -29.95 -70.82 21.26
C ARG B 334 -28.54 -71.28 20.92
N VAL B 335 -27.76 -70.40 20.32
CA VAL B 335 -26.35 -70.74 20.08
C VAL B 335 -25.62 -70.72 21.42
N PRO B 336 -24.82 -71.73 21.73
CA PRO B 336 -23.96 -71.62 22.91
C PRO B 336 -22.78 -70.73 22.59
N LEU B 337 -22.12 -70.27 23.64
CA LEU B 337 -20.90 -69.49 23.46
C LEU B 337 -20.23 -69.39 24.80
N HIS B 338 -18.96 -69.74 24.86
CA HIS B 338 -18.16 -69.57 26.06
C HIS B 338 -16.80 -69.02 25.68
N ILE B 339 -16.25 -68.21 26.56
CA ILE B 339 -14.95 -67.59 26.33
C ILE B 339 -13.95 -68.20 27.29
N ILE B 340 -12.89 -68.78 26.74
CA ILE B 340 -11.85 -69.43 27.53
C ILE B 340 -10.52 -68.77 27.21
N ASP B 341 -9.84 -68.33 28.25
CA ASP B 341 -8.55 -67.66 28.14
C ASP B 341 -7.44 -68.70 28.28
N SER B 342 -6.20 -68.22 28.47
CA SER B 342 -5.07 -69.11 28.67
C SER B 342 -5.31 -70.03 29.86
N ASP B 343 -5.65 -69.47 31.01
CA ASP B 343 -5.83 -70.28 32.21
C ASP B 343 -7.10 -71.12 32.11
N GLY B 344 -7.32 -71.91 33.16
CA GLY B 344 -8.44 -72.83 33.15
C GLY B 344 -9.79 -72.14 33.22
N GLY B 345 -9.90 -71.09 34.03
CA GLY B 345 -11.19 -70.49 34.27
C GLY B 345 -11.80 -69.94 32.99
N VAL B 346 -13.12 -70.07 32.87
CA VAL B 346 -13.84 -69.53 31.73
C VAL B 346 -14.59 -68.25 32.08
N ALA B 347 -14.40 -67.74 33.29
CA ALA B 347 -15.11 -66.53 33.71
C ALA B 347 -14.42 -65.27 33.22
N ALA B 348 -13.28 -65.41 32.55
CA ALA B 348 -12.52 -64.24 32.12
C ALA B 348 -13.21 -63.50 30.99
N GLY B 349 -14.23 -64.11 30.40
CA GLY B 349 -14.87 -63.49 29.24
C GLY B 349 -16.05 -62.63 29.64
N ARG B 350 -16.55 -61.89 28.65
CA ARG B 350 -17.75 -61.08 28.77
C ARG B 350 -18.41 -61.02 27.41
N VAL B 351 -19.65 -61.46 27.32
CA VAL B 351 -20.36 -61.55 26.05
C VAL B 351 -21.18 -60.28 25.86
N ILE B 352 -21.21 -59.79 24.62
CA ILE B 352 -22.10 -58.68 24.30
C ILE B 352 -23.47 -59.19 23.91
N THR B 353 -23.54 -59.96 22.82
CA THR B 353 -24.82 -60.48 22.37
C THR B 353 -25.22 -61.57 23.36
N ALA B 354 -26.09 -61.22 24.30
CA ALA B 354 -26.49 -62.17 25.32
C ALA B 354 -27.73 -62.93 24.87
N HIS B 355 -27.81 -64.19 25.27
CA HIS B 355 -28.90 -65.09 24.89
C HIS B 355 -29.07 -65.18 23.37
N PRO B 356 -28.01 -65.47 22.61
CA PRO B 356 -28.17 -65.51 21.16
C PRO B 356 -28.87 -66.77 20.71
N PHE B 357 -29.87 -66.59 19.85
CA PHE B 357 -30.74 -67.69 19.44
C PHE B 357 -30.99 -67.58 17.94
N VAL B 358 -31.41 -68.70 17.35
CA VAL B 358 -31.69 -68.78 15.92
C VAL B 358 -33.11 -69.26 15.72
N MET B 359 -33.71 -68.88 14.60
CA MET B 359 -35.09 -69.29 14.30
C MET B 359 -35.14 -70.44 13.32
N LYS B 360 -34.53 -70.30 12.16
CA LYS B 360 -34.69 -71.26 11.08
C LYS B 360 -33.37 -72.00 10.92
N GLN B 361 -33.27 -72.82 9.89
CA GLN B 361 -32.00 -73.40 9.49
C GLN B 361 -31.30 -72.43 8.56
N ASN B 362 -29.97 -72.35 8.70
CA ASN B 362 -29.15 -71.45 7.90
C ASN B 362 -29.46 -69.98 8.20
N ASP B 363 -29.43 -69.62 9.48
CA ASP B 363 -29.69 -68.26 9.91
C ASP B 363 -28.38 -67.56 10.24
N TYR B 364 -27.94 -66.68 9.35
CA TYR B 364 -26.69 -65.96 9.58
C TYR B 364 -26.90 -65.00 10.75
N ILE B 365 -26.32 -65.31 11.89
CA ILE B 365 -26.37 -64.40 13.02
C ILE B 365 -25.00 -63.76 13.15
N ILE B 366 -24.94 -62.67 13.91
CA ILE B 366 -23.70 -61.95 14.16
C ILE B 366 -23.46 -61.96 15.66
N LEU B 367 -22.44 -62.68 16.09
CA LEU B 367 -22.08 -62.71 17.49
C LEU B 367 -20.97 -61.71 17.73
N GLU B 368 -20.85 -61.24 18.95
CA GLU B 368 -19.89 -60.23 19.33
C GLU B 368 -19.46 -60.50 20.76
N VAL B 369 -18.19 -60.29 21.06
CA VAL B 369 -17.70 -60.58 22.39
C VAL B 369 -16.37 -59.87 22.59
N GLU B 370 -16.09 -59.50 23.83
CA GLU B 370 -14.77 -59.03 24.17
C GLU B 370 -13.98 -60.21 24.72
N PRO B 371 -12.73 -60.38 24.33
CA PRO B 371 -11.91 -61.40 24.95
C PRO B 371 -11.12 -60.80 26.10
N PRO B 372 -10.90 -61.56 27.17
CA PRO B 372 -10.06 -61.05 28.25
C PRO B 372 -8.67 -60.71 27.72
N PHE B 373 -8.11 -59.64 28.26
CA PHE B 373 -6.85 -59.11 27.75
C PHE B 373 -5.77 -60.17 27.78
N GLY B 374 -5.02 -60.25 26.68
CA GLY B 374 -4.07 -61.33 26.48
C GLY B 374 -4.60 -62.31 25.45
N ASP B 375 -4.18 -63.56 25.55
CA ASP B 375 -4.72 -64.58 24.67
C ASP B 375 -6.05 -65.12 25.20
N SER B 376 -6.84 -65.68 24.29
CA SER B 376 -8.10 -66.29 24.66
C SER B 376 -8.60 -67.09 23.47
N LYS B 377 -9.54 -68.00 23.74
CA LYS B 377 -10.07 -68.88 22.70
C LYS B 377 -11.59 -68.74 22.68
N ILE B 378 -12.11 -68.22 21.58
CA ILE B 378 -13.55 -68.04 21.40
C ILE B 378 -14.11 -69.28 20.74
N GLU B 379 -14.80 -70.11 21.51
CA GLU B 379 -15.53 -71.24 20.96
C GLU B 379 -16.92 -70.74 20.64
N ILE B 380 -17.61 -71.43 19.72
CA ILE B 380 -18.94 -70.97 19.31
C ILE B 380 -19.95 -72.09 19.25
N GLY B 381 -19.64 -73.26 19.79
CA GLY B 381 -20.60 -74.33 19.76
C GLY B 381 -20.15 -75.47 20.65
N THR B 382 -20.90 -76.55 20.60
CA THR B 382 -20.55 -77.76 21.32
C THR B 382 -20.41 -78.91 20.32
N GLY B 383 -20.18 -80.10 20.86
CA GLY B 383 -20.08 -81.28 20.02
C GLY B 383 -18.73 -81.37 19.32
N THR B 384 -18.76 -82.04 18.17
CA THR B 384 -17.53 -82.35 17.46
C THR B 384 -17.03 -81.17 16.63
N THR B 385 -17.93 -80.45 15.97
CA THR B 385 -17.54 -79.45 15.00
C THR B 385 -17.61 -78.04 15.57
N LYS B 386 -17.66 -77.91 16.89
CA LYS B 386 -17.59 -76.60 17.52
C LYS B 386 -16.36 -75.86 17.02
N LEU B 387 -16.57 -74.63 16.59
CA LEU B 387 -15.50 -73.80 16.06
C LEU B 387 -14.69 -73.26 17.24
N VAL B 388 -13.40 -73.04 17.01
CA VAL B 388 -12.52 -72.52 18.03
C VAL B 388 -11.68 -71.40 17.43
N GLU B 389 -11.67 -70.26 18.08
CA GLU B 389 -10.90 -69.11 17.60
C GLU B 389 -10.09 -68.53 18.75
N ALA B 390 -8.79 -68.76 18.72
CA ALA B 390 -7.89 -68.08 19.63
C ALA B 390 -7.75 -66.63 19.20
N TRP B 391 -7.77 -65.73 20.18
CA TRP B 391 -7.55 -64.32 19.92
C TRP B 391 -6.58 -63.79 20.96
N HIS B 392 -5.73 -62.88 20.53
CA HIS B 392 -4.77 -62.21 21.40
C HIS B 392 -5.17 -60.75 21.52
N ARG B 393 -5.29 -60.26 22.74
CA ARG B 393 -5.77 -58.91 23.00
C ARG B 393 -4.60 -58.01 23.32
N LYS B 394 -4.34 -57.05 22.45
CA LYS B 394 -3.28 -56.09 22.70
C LYS B 394 -3.68 -55.14 23.82
N GLY B 395 -2.67 -54.53 24.45
CA GLY B 395 -2.91 -53.56 25.49
C GLY B 395 -3.36 -54.17 26.80
N SER B 396 -3.18 -53.41 27.87
CA SER B 396 -3.32 -53.90 29.22
C SER B 396 -4.77 -53.78 29.69
N SER B 397 -5.04 -54.37 30.86
CA SER B 397 -6.40 -54.39 31.38
C SER B 397 -6.73 -53.11 32.14
N ILE B 398 -5.95 -52.81 33.18
CA ILE B 398 -6.24 -51.65 34.01
C ILE B 398 -6.17 -50.38 33.19
N GLY B 399 -5.43 -50.41 32.07
CA GLY B 399 -5.45 -49.27 31.17
C GLY B 399 -6.83 -49.02 30.59
N ASN B 400 -7.46 -50.09 30.09
CA ASN B 400 -8.82 -49.96 29.61
C ASN B 400 -9.75 -49.56 30.74
N ALA B 401 -9.49 -50.06 31.95
CA ALA B 401 -10.32 -49.68 33.09
C ALA B 401 -10.24 -48.19 33.38
N PHE B 402 -9.02 -47.65 33.39
CA PHE B 402 -8.85 -46.23 33.66
C PHE B 402 -9.49 -45.39 32.57
N THR B 403 -9.33 -45.80 31.31
CA THR B 403 -9.99 -45.08 30.24
C THR B 403 -11.50 -45.15 30.39
N ALA B 404 -12.02 -46.28 30.88
CA ALA B 404 -13.45 -46.37 31.12
C ALA B 404 -13.90 -45.38 32.18
N THR B 405 -13.14 -45.28 33.27
CA THR B 405 -13.49 -44.31 34.31
C THR B 405 -13.47 -42.90 33.76
N TYR B 406 -12.44 -42.56 32.99
CA TYR B 406 -12.36 -41.23 32.40
C TYR B 406 -13.54 -40.95 31.48
N LYS B 407 -13.87 -41.91 30.62
CA LYS B 407 -14.96 -41.68 29.68
C LYS B 407 -16.28 -41.54 30.40
N GLY B 408 -16.50 -42.37 31.43
CA GLY B 408 -17.69 -42.20 32.24
C GLY B 408 -17.77 -40.82 32.84
N ILE B 409 -16.64 -40.31 33.35
CA ILE B 409 -16.66 -38.98 33.96
C ILE B 409 -17.02 -37.91 32.94
N THR B 410 -16.42 -37.98 31.75
CA THR B 410 -16.72 -36.96 30.76
C THR B 410 -18.17 -37.04 30.31
N LYS B 411 -18.70 -38.25 30.12
CA LYS B 411 -20.09 -38.39 29.73
C LYS B 411 -21.00 -37.84 30.83
N LEU B 412 -20.63 -38.06 32.09
CA LEU B 412 -21.40 -37.49 33.18
C LEU B 412 -21.40 -35.97 33.14
N THR B 413 -20.24 -35.36 32.89
CA THR B 413 -20.21 -33.91 32.78
C THR B 413 -21.09 -33.43 31.65
N VAL B 414 -21.03 -34.10 30.49
CA VAL B 414 -21.84 -33.68 29.36
C VAL B 414 -23.33 -33.80 29.69
N LEU B 415 -23.69 -34.82 30.46
CA LEU B 415 -25.08 -35.05 30.83
C LEU B 415 -25.46 -34.34 32.13
N GLY B 416 -24.54 -33.54 32.67
CA GLY B 416 -24.72 -32.96 34.00
C GLY B 416 -26.14 -32.50 34.31
N GLU B 417 -26.66 -31.56 33.52
CA GLU B 417 -27.97 -31.00 33.82
C GLU B 417 -29.05 -32.08 33.79
N HIS B 418 -29.24 -32.73 32.65
CA HIS B 418 -30.36 -33.65 32.50
C HIS B 418 -30.18 -34.91 33.34
N ALA B 419 -28.94 -35.31 33.59
CA ALA B 419 -28.69 -36.54 34.36
C ALA B 419 -28.49 -36.21 35.83
N TRP B 420 -29.44 -35.46 36.39
CA TRP B 420 -29.40 -35.10 37.80
C TRP B 420 -30.82 -34.64 38.18
N ASP B 421 -31.45 -35.37 39.09
CA ASP B 421 -32.74 -34.97 39.65
C ASP B 421 -32.55 -34.59 41.11
N PHE B 422 -33.30 -33.60 41.56
CA PHE B 422 -33.17 -33.10 42.92
C PHE B 422 -34.51 -32.91 43.62
N ASN B 423 -35.62 -33.21 42.95
CA ASN B 423 -36.91 -33.01 43.59
C ASN B 423 -37.15 -34.01 44.72
N SER B 424 -37.12 -35.30 44.42
CA SER B 424 -37.35 -36.33 45.40
C SER B 424 -36.02 -36.90 45.86
N LEU B 425 -35.95 -37.22 47.16
CA LEU B 425 -34.70 -37.73 47.71
C LEU B 425 -34.39 -39.13 47.22
N GLY B 426 -35.40 -39.98 47.06
CA GLY B 426 -35.16 -41.29 46.49
C GLY B 426 -34.70 -41.22 45.05
N GLY B 427 -35.32 -40.33 44.27
CA GLY B 427 -34.85 -40.10 42.91
C GLY B 427 -33.42 -39.59 42.89
N PHE B 428 -33.09 -38.70 43.82
CA PHE B 428 -31.72 -38.22 43.93
C PHE B 428 -30.76 -39.35 44.24
N GLY B 429 -31.17 -40.24 45.14
CA GLY B 429 -30.32 -41.39 45.47
C GLY B 429 -30.10 -42.30 44.28
N ALA B 430 -31.17 -42.57 43.53
CA ALA B 430 -31.02 -43.39 42.33
C ALA B 430 -30.12 -42.71 41.32
N SER B 431 -30.23 -41.40 41.18
CA SER B 431 -29.33 -40.68 40.30
C SER B 431 -27.90 -40.81 40.76
N LEU B 432 -27.66 -40.71 42.07
CA LEU B 432 -26.31 -40.86 42.59
C LEU B 432 -25.77 -42.25 42.31
N GLY B 433 -26.63 -43.27 42.43
CA GLY B 433 -26.20 -44.62 42.15
C GLY B 433 -25.84 -44.83 40.69
N LYS B 434 -26.67 -44.30 39.79
CA LYS B 434 -26.34 -44.41 38.37
C LYS B 434 -25.05 -43.67 38.06
N ALA B 435 -24.85 -42.52 38.70
CA ALA B 435 -23.61 -41.78 38.52
C ALA B 435 -22.42 -42.59 38.99
N VAL B 436 -22.53 -43.21 40.17
CA VAL B 436 -21.37 -43.91 40.72
C VAL B 436 -21.06 -45.14 39.89
N HIS B 437 -22.07 -45.81 39.35
CA HIS B 437 -21.79 -46.87 38.39
C HIS B 437 -21.08 -46.32 37.16
N THR B 438 -21.64 -45.29 36.54
CA THR B 438 -21.05 -44.79 35.30
C THR B 438 -19.65 -44.21 35.55
N LEU B 439 -19.30 -43.97 36.82
CA LEU B 439 -17.99 -43.41 37.10
C LEU B 439 -17.00 -44.44 37.62
N PHE B 440 -17.48 -45.59 38.12
CA PHE B 440 -16.60 -46.54 38.78
C PHE B 440 -16.81 -47.99 38.36
N GLY B 441 -17.65 -48.25 37.35
CA GLY B 441 -17.95 -49.63 37.01
C GLY B 441 -16.74 -50.39 36.51
N GLY B 442 -15.97 -49.78 35.60
CA GLY B 442 -14.78 -50.43 35.11
C GLY B 442 -13.75 -50.65 36.21
N VAL B 443 -13.53 -49.63 37.03
CA VAL B 443 -12.56 -49.75 38.11
C VAL B 443 -12.97 -50.87 39.05
N PHE B 444 -14.26 -50.96 39.38
CA PHE B 444 -14.69 -51.99 40.32
C PHE B 444 -14.61 -53.37 39.70
N ARG B 445 -15.08 -53.53 38.45
CA ARG B 445 -15.06 -54.85 37.83
C ARG B 445 -13.63 -55.35 37.65
N VAL B 446 -12.73 -54.48 37.22
CA VAL B 446 -11.36 -54.92 36.98
C VAL B 446 -10.61 -55.07 38.30
N MET B 447 -10.48 -53.98 39.05
CA MET B 447 -9.69 -54.00 40.28
C MET B 447 -10.20 -55.02 41.29
N PHE B 448 -11.49 -55.34 41.24
CA PHE B 448 -12.06 -56.41 42.05
C PHE B 448 -12.85 -57.31 41.09
N GLY B 449 -12.15 -58.22 40.45
CA GLY B 449 -12.80 -59.18 39.58
C GLY B 449 -12.51 -60.59 40.02
N GLY B 450 -13.53 -61.28 40.52
CA GLY B 450 -13.33 -62.59 41.09
C GLY B 450 -12.98 -62.59 42.57
N MET B 451 -13.02 -61.44 43.23
CA MET B 451 -12.77 -61.41 44.66
C MET B 451 -13.83 -62.20 45.42
N GLY B 452 -15.09 -62.08 45.02
CA GLY B 452 -16.16 -62.81 45.67
C GLY B 452 -17.20 -61.90 46.32
N TRP B 453 -18.47 -62.20 46.08
CA TRP B 453 -19.55 -61.33 46.55
C TRP B 453 -19.45 -61.09 48.04
N LEU B 454 -19.49 -62.18 48.83
CA LEU B 454 -19.34 -62.03 50.27
C LEU B 454 -17.97 -61.47 50.62
N THR B 455 -16.94 -61.91 49.91
CA THR B 455 -15.62 -61.35 50.13
C THR B 455 -15.57 -59.86 49.81
N LYS B 456 -16.23 -59.44 48.72
CA LYS B 456 -16.27 -58.02 48.40
C LYS B 456 -16.99 -57.23 49.47
N ILE B 457 -18.12 -57.75 49.97
CA ILE B 457 -18.85 -57.06 51.02
C ILE B 457 -17.99 -56.95 52.28
N PHE B 458 -17.28 -58.03 52.61
CA PHE B 458 -16.41 -58.01 53.78
C PHE B 458 -15.28 -57.01 53.60
N VAL B 459 -14.73 -56.92 52.39
CA VAL B 459 -13.67 -55.95 52.13
C VAL B 459 -14.20 -54.54 52.31
N GLY B 460 -15.41 -54.29 51.82
CA GLY B 460 -16.02 -52.98 52.01
C GLY B 460 -16.23 -52.65 53.47
N ALA B 461 -16.69 -53.63 54.24
CA ALA B 461 -16.86 -53.42 55.67
C ALA B 461 -15.53 -53.14 56.35
N VAL B 462 -14.48 -53.85 55.95
CA VAL B 462 -13.16 -53.63 56.52
C VAL B 462 -12.68 -52.21 56.21
N LEU B 463 -12.88 -51.77 54.97
CA LEU B 463 -12.52 -50.41 54.60
C LEU B 463 -13.29 -49.39 55.42
N VAL B 464 -14.59 -49.63 55.62
CA VAL B 464 -15.41 -48.71 56.41
C VAL B 464 -14.88 -48.64 57.83
N TRP B 465 -14.58 -49.79 58.44
CA TRP B 465 -14.09 -49.78 59.81
C TRP B 465 -12.74 -49.10 59.92
N LEU B 466 -11.86 -49.34 58.95
CA LEU B 466 -10.58 -48.64 58.93
C LEU B 466 -10.77 -47.14 58.79
N GLY B 467 -11.83 -46.71 58.10
CA GLY B 467 -12.15 -45.30 58.05
C GLY B 467 -12.47 -44.72 59.41
N LEU B 468 -12.97 -45.55 60.32
CA LEU B 468 -13.28 -45.10 61.67
C LEU B 468 -12.03 -44.88 62.52
N GLY B 469 -10.86 -45.26 62.04
CA GLY B 469 -9.64 -45.06 62.80
C GLY B 469 -9.28 -43.60 62.96
N ALA B 470 -8.52 -43.33 64.01
CA ALA B 470 -8.12 -41.96 64.36
C ALA B 470 -6.92 -41.58 63.50
N HIS B 471 -7.18 -40.99 62.34
CA HIS B 471 -6.14 -40.59 61.42
C HIS B 471 -6.48 -39.27 60.75
N ASP B 472 -5.73 -38.91 59.71
CA ASP B 472 -5.90 -37.61 59.07
C ASP B 472 -7.12 -37.62 58.16
N LYS B 473 -7.37 -36.46 57.54
CA LYS B 473 -8.51 -36.32 56.63
C LYS B 473 -8.36 -37.22 55.41
N THR B 474 -7.13 -37.37 54.91
CA THR B 474 -6.91 -38.21 53.74
C THR B 474 -7.29 -39.66 54.00
N ILE B 475 -6.95 -40.18 55.19
CA ILE B 475 -7.29 -41.55 55.52
C ILE B 475 -8.80 -41.72 55.61
N ALA B 476 -9.53 -40.63 55.86
CA ALA B 476 -10.98 -40.70 55.92
C ALA B 476 -11.60 -41.03 54.58
N THR B 477 -10.84 -40.99 53.49
CA THR B 477 -11.33 -41.45 52.21
C THR B 477 -11.59 -42.95 52.18
N THR B 478 -11.13 -43.69 53.20
CA THR B 478 -11.52 -45.09 53.33
C THR B 478 -13.03 -45.23 53.44
N MET B 479 -13.68 -44.31 54.15
CA MET B 479 -15.13 -44.31 54.19
C MET B 479 -15.74 -44.12 52.81
N ILE B 480 -15.19 -43.21 52.00
CA ILE B 480 -15.69 -43.02 50.65
C ILE B 480 -15.51 -44.28 49.82
N LEU B 481 -14.34 -44.92 49.94
CA LEU B 481 -14.09 -46.14 49.20
C LEU B 481 -15.07 -47.24 49.58
N VAL B 482 -15.35 -47.38 50.88
CA VAL B 482 -16.37 -48.33 51.31
C VAL B 482 -17.72 -47.95 50.74
N GLY B 483 -18.04 -46.65 50.72
CA GLY B 483 -19.27 -46.17 50.13
C GLY B 483 -19.42 -46.50 48.66
N SER B 484 -18.33 -46.80 47.97
CA SER B 484 -18.41 -47.41 46.66
C SER B 484 -18.54 -48.92 46.75
N ILE B 485 -17.79 -49.55 47.65
CA ILE B 485 -17.90 -50.99 47.83
C ILE B 485 -19.30 -51.36 48.28
N LEU B 486 -19.84 -50.64 49.26
CA LEU B 486 -21.15 -50.97 49.80
C LEU B 486 -22.30 -50.56 48.90
N MET B 487 -22.08 -49.65 47.96
CA MET B 487 -23.14 -49.18 47.07
C MET B 487 -23.01 -49.75 45.67
N TYR B 488 -21.78 -49.89 45.16
CA TYR B 488 -21.61 -50.52 43.87
C TYR B 488 -21.67 -52.04 44.00
N MET B 489 -20.88 -52.59 44.91
CA MET B 489 -20.81 -54.05 45.03
C MET B 489 -21.97 -54.61 45.85
N ALA B 490 -23.17 -54.13 45.56
CA ALA B 490 -24.39 -54.75 46.05
C ALA B 490 -25.48 -54.75 44.98
N VAL B 491 -25.10 -54.58 43.72
CA VAL B 491 -26.07 -54.51 42.64
C VAL B 491 -25.42 -54.93 41.32
N GLN C 2 53.65 -0.21 -18.29
CA GLN C 2 52.27 0.21 -18.48
C GLN C 2 51.53 0.27 -17.15
N CYS C 3 52.27 0.08 -16.06
CA CYS C 3 51.70 0.15 -14.73
C CYS C 3 51.76 1.55 -14.13
N LEU C 4 52.26 2.54 -14.88
CA LEU C 4 52.31 3.90 -14.35
C LEU C 4 50.91 4.46 -14.15
N ASP C 5 50.01 4.21 -15.10
CA ASP C 5 48.74 4.93 -15.16
C ASP C 5 47.75 4.45 -14.09
N VAL C 6 47.78 3.15 -13.78
CA VAL C 6 46.70 2.55 -12.98
C VAL C 6 46.67 3.13 -11.58
N GLN C 7 45.59 2.85 -10.88
CA GLN C 7 45.46 3.19 -9.48
C GLN C 7 45.79 1.97 -8.63
N SER C 8 45.90 2.19 -7.33
CA SER C 8 45.97 1.11 -6.35
C SER C 8 47.19 0.22 -6.57
N ARG C 9 48.27 0.81 -7.09
CA ARG C 9 49.52 0.07 -7.20
C ARG C 9 49.97 -0.37 -5.82
N ASP C 10 50.48 -1.58 -5.73
CA ASP C 10 51.08 -2.09 -4.50
C ASP C 10 52.49 -2.56 -4.79
N PHE C 11 53.37 -2.31 -3.85
CA PHE C 11 54.78 -2.69 -4.00
C PHE C 11 55.06 -3.79 -2.99
N VAL C 12 55.53 -4.93 -3.47
CA VAL C 12 55.86 -6.06 -2.62
C VAL C 12 57.30 -6.45 -2.88
N GLN C 13 58.11 -6.46 -1.81
CA GLN C 13 59.53 -6.77 -1.92
C GLN C 13 59.73 -8.24 -1.63
N GLY C 14 59.72 -9.06 -2.67
CA GLY C 14 59.94 -10.48 -2.48
C GLY C 14 61.32 -10.73 -1.90
N VAL C 15 61.36 -11.40 -0.75
CA VAL C 15 62.63 -11.63 -0.08
C VAL C 15 63.58 -12.35 -1.02
N SER C 16 64.85 -11.98 -0.94
CA SER C 16 65.86 -12.68 -1.72
C SER C 16 66.16 -14.02 -1.07
N GLY C 17 66.59 -14.98 -1.86
CA GLY C 17 66.68 -16.34 -1.38
C GLY C 17 65.34 -17.00 -1.15
N GLY C 18 64.29 -16.53 -1.81
CA GLY C 18 62.98 -17.12 -1.71
C GLY C 18 62.39 -17.35 -3.08
N THR C 19 61.20 -17.97 -3.12
CA THR C 19 60.51 -18.25 -4.37
C THR C 19 59.02 -17.93 -4.29
N TRP C 20 58.60 -17.23 -3.25
CA TRP C 20 57.18 -16.95 -3.04
C TRP C 20 56.93 -15.46 -3.07
N VAL C 21 56.03 -15.05 -3.96
CA VAL C 21 55.47 -13.72 -3.90
C VAL C 21 53.95 -13.86 -3.96
N ASP C 22 53.29 -13.61 -2.84
CA ASP C 22 51.85 -13.74 -2.78
C ASP C 22 51.16 -12.43 -3.16
N VAL C 23 50.34 -12.48 -4.20
CA VAL C 23 49.67 -11.30 -4.71
C VAL C 23 48.19 -11.57 -4.83
N VAL C 24 47.42 -10.51 -4.98
CA VAL C 24 46.01 -10.59 -5.35
C VAL C 24 45.81 -9.64 -6.53
N LEU C 25 45.01 -10.08 -7.50
CA LEU C 25 44.77 -9.26 -8.68
C LEU C 25 43.29 -9.00 -8.87
N ASP C 26 42.96 -7.76 -9.15
CA ASP C 26 41.62 -7.34 -9.51
C ASP C 26 41.73 -6.52 -10.79
N HIS C 27 40.64 -6.51 -11.56
CA HIS C 27 40.62 -5.83 -12.85
C HIS C 27 41.36 -4.51 -12.80
N ASP C 28 41.01 -3.65 -11.84
CA ASP C 28 41.68 -2.37 -11.68
C ASP C 28 42.74 -2.46 -10.59
N ASN C 29 43.76 -3.28 -10.80
CA ASN C 29 44.86 -3.37 -9.84
C ASN C 29 46.08 -3.93 -10.56
N CYS C 30 47.22 -3.30 -10.34
CA CYS C 30 48.48 -3.64 -10.97
C CYS C 30 49.59 -3.66 -9.95
N ILE C 31 50.21 -4.82 -9.78
CA ILE C 31 51.25 -5.02 -8.77
C ILE C 31 52.60 -4.89 -9.43
N THR C 32 53.43 -4.02 -8.88
CA THR C 32 54.82 -3.87 -9.30
C THR C 32 55.70 -4.34 -8.15
N ILE C 33 56.48 -5.39 -8.39
CA ILE C 33 57.33 -5.97 -7.37
C ILE C 33 58.73 -6.08 -7.93
N VAL C 34 59.70 -5.71 -7.10
CA VAL C 34 61.11 -5.92 -7.43
C VAL C 34 61.74 -6.69 -6.28
N ALA C 35 62.33 -7.83 -6.60
CA ALA C 35 63.07 -8.58 -5.62
C ALA C 35 64.54 -8.33 -5.91
N ASP C 36 65.27 -7.88 -4.89
CA ASP C 36 66.66 -7.50 -5.08
C ASP C 36 67.46 -8.65 -5.69
N GLY C 37 68.25 -8.33 -6.71
CA GLY C 37 68.88 -9.33 -7.53
C GLY C 37 68.07 -9.80 -8.71
N LYS C 38 66.85 -9.30 -8.88
CA LYS C 38 65.94 -9.67 -9.95
C LYS C 38 65.31 -8.42 -10.53
N PRO C 39 64.88 -8.44 -11.79
CA PRO C 39 64.27 -7.26 -12.38
C PRO C 39 62.85 -7.07 -11.86
N SER C 40 62.19 -6.03 -12.38
CA SER C 40 60.89 -5.65 -11.86
C SER C 40 59.77 -6.49 -12.49
N PHE C 41 58.59 -6.40 -11.91
CA PHE C 41 57.37 -6.98 -12.44
C PHE C 41 56.26 -5.97 -12.60
N ASP C 42 55.34 -6.32 -13.49
CA ASP C 42 54.00 -5.80 -13.50
C ASP C 42 53.10 -6.98 -13.82
N ILE C 43 52.30 -7.39 -12.86
CA ILE C 43 51.31 -8.44 -13.07
C ILE C 43 49.93 -7.82 -12.88
N ARG C 44 49.06 -8.04 -13.85
CA ARG C 44 47.79 -7.32 -13.90
C ARG C 44 46.78 -8.18 -14.63
N LEU C 45 45.72 -8.57 -13.94
CA LEU C 45 44.68 -9.36 -14.57
C LEU C 45 44.09 -8.56 -15.72
N SER C 46 44.06 -9.15 -16.91
CA SER C 46 43.58 -8.40 -18.06
C SER C 46 42.06 -8.46 -18.17
N LYS C 47 41.49 -9.65 -18.32
CA LYS C 47 40.04 -9.77 -18.41
C LYS C 47 39.61 -11.16 -17.96
N MET C 48 39.06 -11.25 -16.76
CA MET C 48 38.43 -12.48 -16.31
C MET C 48 37.14 -12.67 -17.08
N SER C 49 37.11 -13.65 -17.97
CA SER C 49 35.94 -13.86 -18.81
C SER C 49 35.45 -15.29 -18.66
N MET C 50 34.28 -15.55 -19.23
CA MET C 50 33.73 -16.89 -19.32
C MET C 50 33.39 -17.17 -20.77
N SER C 51 33.40 -18.45 -21.14
CA SER C 51 33.07 -18.81 -22.51
C SER C 51 32.69 -20.28 -22.54
N LYS C 52 32.36 -20.74 -23.76
CA LYS C 52 32.01 -22.14 -24.02
C LYS C 52 31.05 -22.68 -22.97
N PHE C 53 29.93 -21.99 -22.80
CA PHE C 53 28.95 -22.37 -21.80
C PHE C 53 27.69 -22.96 -22.44
N ALA C 54 27.05 -23.85 -21.69
CA ALA C 54 26.06 -24.77 -22.24
C ALA C 54 24.76 -24.05 -22.59
N GLU C 55 23.76 -24.84 -22.97
CA GLU C 55 22.42 -24.31 -23.20
C GLU C 55 21.45 -24.94 -22.22
N TYR C 56 20.51 -24.12 -21.73
CA TYR C 56 19.71 -24.45 -20.56
C TYR C 56 18.23 -24.21 -20.76
N LYS C 57 17.84 -23.37 -21.71
CA LYS C 57 16.43 -23.03 -21.91
C LYS C 57 16.29 -22.12 -23.10
N ARG C 58 15.07 -21.98 -23.59
CA ARG C 58 14.71 -20.88 -24.46
C ARG C 58 13.33 -20.39 -24.07
N TYR C 59 13.10 -19.09 -24.17
CA TYR C 59 11.80 -18.50 -23.92
C TYR C 59 11.32 -17.84 -25.20
N CYS C 60 10.04 -17.99 -25.50
CA CYS C 60 9.49 -17.60 -26.79
C CYS C 60 8.88 -16.22 -26.66
N LEU C 61 9.72 -15.18 -26.72
CA LEU C 61 9.27 -13.84 -26.37
C LEU C 61 8.12 -13.36 -27.24
N GLN C 62 7.95 -13.94 -28.42
CA GLN C 62 6.86 -13.53 -29.29
C GLN C 62 6.21 -14.78 -29.86
N ALA C 63 4.89 -14.74 -30.04
CA ALA C 63 4.15 -15.89 -30.56
C ALA C 63 3.47 -15.51 -31.87
N THR C 64 3.33 -16.49 -32.75
CA THR C 64 2.60 -16.30 -34.00
C THR C 64 1.72 -17.51 -34.26
N MET C 65 0.56 -17.26 -34.87
CA MET C 65 -0.43 -18.28 -35.15
C MET C 65 -0.71 -18.31 -36.64
N SER C 66 -0.99 -19.49 -37.17
CA SER C 66 -1.29 -19.62 -38.58
C SER C 66 -2.08 -20.90 -38.83
N ASP C 67 -2.70 -20.96 -40.01
CA ASP C 67 -3.52 -22.08 -40.48
C ASP C 67 -4.36 -22.68 -39.36
N VAL C 68 -5.03 -21.79 -38.63
CA VAL C 68 -5.92 -22.23 -37.57
C VAL C 68 -7.12 -22.96 -38.17
N THR C 69 -7.56 -24.02 -37.50
CA THR C 69 -8.71 -24.79 -37.91
C THR C 69 -9.65 -24.96 -36.73
N SER C 70 -10.95 -24.94 -36.99
CA SER C 70 -11.96 -25.19 -35.98
C SER C 70 -12.98 -26.17 -36.55
N ILE C 71 -13.32 -27.19 -35.77
CA ILE C 71 -14.34 -28.15 -36.18
C ILE C 71 -15.50 -28.12 -35.18
N VAL C 72 -16.67 -27.73 -35.65
CA VAL C 72 -17.84 -27.62 -34.79
C VAL C 72 -18.74 -28.82 -35.00
N ALA C 73 -19.26 -29.37 -33.92
CA ALA C 73 -20.18 -30.50 -33.97
C ALA C 73 -21.55 -30.07 -33.47
N CYS C 74 -22.59 -30.50 -34.18
CA CYS C 74 -23.94 -30.30 -33.71
C CYS C 74 -24.13 -31.07 -32.40
N PRO C 75 -24.98 -30.58 -31.50
CA PRO C 75 -25.04 -31.14 -30.14
C PRO C 75 -25.36 -32.62 -30.17
N GLY C 76 -24.72 -33.37 -29.28
CA GLY C 76 -24.85 -34.81 -29.24
C GLY C 76 -23.91 -35.48 -30.21
N ASP C 79 -18.80 -35.44 -29.69
CA ASP C 79 -17.68 -34.51 -29.51
C ASP C 79 -16.93 -34.31 -30.82
N ALA C 80 -16.56 -33.05 -31.09
CA ALA C 80 -15.84 -32.71 -32.31
C ALA C 80 -14.34 -32.83 -32.06
N HIS C 81 -13.69 -33.69 -32.82
CA HIS C 81 -12.25 -33.84 -32.76
C HIS C 81 -11.62 -33.41 -34.07
N ASN C 82 -10.35 -33.03 -34.00
CA ASN C 82 -9.64 -32.50 -35.15
C ASN C 82 -8.41 -33.33 -35.43
N ASP C 83 -8.09 -33.46 -36.72
CA ASP C 83 -6.89 -34.19 -37.12
C ASP C 83 -5.63 -33.53 -36.57
N LYS C 84 -5.62 -32.21 -36.53
CA LYS C 84 -4.46 -31.46 -36.07
C LYS C 84 -4.14 -31.73 -34.60
N SER C 85 -5.09 -32.26 -33.83
CA SER C 85 -4.87 -32.46 -32.41
C SER C 85 -3.68 -33.37 -32.14
N LYS C 86 -3.39 -34.29 -33.05
CA LYS C 86 -2.22 -35.15 -32.87
C LYS C 86 -0.92 -34.40 -33.15
N ASN C 87 -0.98 -33.35 -33.96
CA ASN C 87 0.23 -32.62 -34.34
C ASN C 87 0.76 -31.83 -33.15
N HIS C 88 1.96 -32.22 -32.67
CA HIS C 88 2.50 -31.57 -31.49
C HIS C 88 2.87 -30.12 -31.76
N GLU C 89 3.23 -29.79 -32.99
CA GLU C 89 3.51 -28.40 -33.31
C GLU C 89 2.24 -27.54 -33.26
N TYR C 90 1.08 -28.17 -33.16
CA TYR C 90 -0.19 -27.45 -33.07
C TYR C 90 -0.70 -27.43 -31.64
N ILE C 91 -1.13 -26.25 -31.19
CA ILE C 91 -1.91 -26.10 -29.98
C ILE C 91 -3.38 -26.21 -30.36
N CYS C 92 -4.17 -26.81 -29.48
CA CYS C 92 -5.58 -26.99 -29.79
C CYS C 92 -6.37 -27.11 -28.50
N LYS C 93 -7.66 -26.77 -28.58
CA LYS C 93 -8.53 -26.70 -27.41
C LYS C 93 -9.89 -27.27 -27.78
N ALA C 94 -10.61 -27.77 -26.78
CA ALA C 94 -11.97 -28.27 -26.95
C ALA C 94 -12.91 -27.43 -26.11
N VAL C 95 -13.83 -26.73 -26.78
CA VAL C 95 -14.74 -25.79 -26.13
C VAL C 95 -16.17 -26.15 -26.53
N ASN C 96 -17.12 -25.71 -25.71
CA ASN C 96 -18.51 -26.16 -25.83
C ASN C 96 -19.40 -25.01 -26.30
N ASN C 97 -19.88 -25.14 -27.54
CA ASN C 97 -20.91 -24.29 -28.10
C ASN C 97 -21.43 -24.96 -29.37
N ASP C 98 -22.75 -25.03 -29.52
CA ASP C 98 -23.35 -25.72 -30.66
C ASP C 98 -24.05 -24.73 -31.57
N ARG C 99 -23.88 -24.95 -32.87
CA ARG C 99 -24.55 -24.13 -33.86
C ARG C 99 -26.06 -24.22 -33.68
N GLY C 100 -26.72 -23.07 -33.70
CA GLY C 100 -28.15 -23.02 -33.57
C GLY C 100 -28.86 -23.41 -34.86
N TRP C 101 -30.19 -23.43 -34.79
CA TRP C 101 -30.97 -23.73 -35.98
C TRP C 101 -30.71 -22.69 -37.07
N GLY C 102 -30.65 -21.41 -36.69
CA GLY C 102 -30.25 -20.41 -37.65
C GLY C 102 -28.82 -20.58 -38.13
N ASN C 103 -27.95 -21.09 -37.25
CA ASN C 103 -26.58 -21.38 -37.65
C ASN C 103 -26.51 -22.54 -38.62
N GLY C 104 -27.39 -23.53 -38.47
CA GLY C 104 -27.47 -24.61 -39.43
C GLY C 104 -27.72 -25.99 -38.84
N CYS C 105 -27.32 -26.21 -37.59
CA CYS C 105 -27.54 -27.51 -36.97
C CYS C 105 -29.02 -27.70 -36.67
N VAL C 106 -29.41 -28.97 -36.49
CA VAL C 106 -30.82 -29.29 -36.29
C VAL C 106 -31.34 -28.69 -34.99
N LEU C 107 -30.57 -28.81 -33.90
CA LEU C 107 -30.99 -28.37 -32.58
C LEU C 107 -30.03 -27.30 -32.09
N PHE C 108 -30.59 -26.18 -31.62
CA PHE C 108 -29.78 -25.13 -31.02
C PHE C 108 -29.35 -25.55 -29.63
N GLY C 109 -28.12 -25.19 -29.26
CA GLY C 109 -27.62 -25.52 -27.93
C GLY C 109 -26.13 -25.29 -27.80
N LYS C 110 -25.51 -26.07 -26.92
CA LYS C 110 -24.07 -26.03 -26.67
C LYS C 110 -23.48 -27.37 -27.04
N GLY C 111 -22.37 -27.34 -27.78
CA GLY C 111 -21.75 -28.53 -28.34
C GLY C 111 -20.26 -28.35 -28.52
N SER C 112 -19.57 -29.44 -28.84
CA SER C 112 -18.11 -29.44 -28.84
C SER C 112 -17.55 -28.65 -30.02
N MET C 113 -16.49 -27.89 -29.75
CA MET C 113 -15.69 -27.24 -30.77
C MET C 113 -14.22 -27.52 -30.49
N GLU C 114 -13.48 -27.90 -31.54
CA GLU C 114 -12.05 -28.10 -31.44
C GLU C 114 -11.36 -27.09 -32.36
N THR C 115 -10.53 -26.23 -31.78
CA THR C 115 -9.86 -25.17 -32.50
C THR C 115 -8.36 -25.39 -32.40
N CYS C 116 -7.74 -25.74 -33.52
CA CYS C 116 -6.32 -26.05 -33.56
C CYS C 116 -5.64 -25.05 -34.48
N GLY C 117 -4.35 -24.82 -34.29
CA GLY C 117 -3.61 -23.88 -35.10
C GLY C 117 -2.12 -24.14 -35.05
N LYS C 118 -1.40 -23.50 -35.97
CA LYS C 118 0.05 -23.60 -36.01
C LYS C 118 0.70 -22.59 -35.07
N PHE C 119 1.36 -23.10 -34.04
CA PHE C 119 2.08 -22.28 -33.09
C PHE C 119 3.49 -22.07 -33.60
N GLU C 120 3.80 -20.83 -33.98
CA GLU C 120 5.11 -20.51 -34.53
C GLU C 120 5.82 -19.49 -33.65
N CYS C 121 7.12 -19.71 -33.46
CA CYS C 121 7.92 -18.92 -32.54
C CYS C 121 9.10 -18.27 -33.25
N LYS C 122 9.40 -17.05 -32.85
CA LYS C 122 10.60 -16.33 -33.26
C LYS C 122 10.99 -15.40 -32.12
N LYS C 123 12.07 -14.65 -32.33
CA LYS C 123 12.61 -13.77 -31.30
C LYS C 123 12.82 -14.55 -30.00
N LYS C 124 13.27 -15.78 -30.13
CA LYS C 124 13.37 -16.68 -28.98
C LYS C 124 14.42 -16.17 -28.02
N MET C 125 14.03 -15.99 -26.76
CA MET C 125 14.98 -15.70 -25.71
C MET C 125 15.89 -16.91 -25.51
N ALA C 126 17.12 -16.64 -25.07
CA ALA C 126 18.11 -17.71 -24.94
C ALA C 126 18.68 -17.69 -23.54
N GLY C 127 18.57 -18.82 -22.85
CA GLY C 127 19.22 -19.02 -21.57
C GLY C 127 20.39 -19.98 -21.72
N LYS C 128 21.48 -19.68 -21.02
CA LYS C 128 22.67 -20.52 -21.04
C LYS C 128 23.28 -20.54 -19.66
N LEU C 129 23.21 -21.68 -18.99
CA LEU C 129 23.84 -21.83 -17.70
C LEU C 129 25.34 -21.92 -17.87
N VAL C 130 26.08 -21.31 -16.95
CA VAL C 130 27.54 -21.26 -17.02
C VAL C 130 28.11 -21.78 -15.72
N ALA C 131 29.15 -22.60 -15.83
CA ALA C 131 29.74 -23.30 -14.69
C ALA C 131 30.96 -22.56 -14.17
N ARG C 132 31.36 -22.91 -12.95
CA ARG C 132 32.61 -22.41 -12.39
C ARG C 132 33.79 -22.80 -13.25
N GLU C 133 33.88 -24.07 -13.64
CA GLU C 133 34.85 -24.48 -14.62
C GLU C 133 34.60 -23.71 -15.91
N ASN C 134 35.62 -23.67 -16.76
CA ASN C 134 35.53 -23.02 -18.07
C ASN C 134 35.43 -21.51 -17.90
N VAL C 135 36.16 -21.00 -16.91
CA VAL C 135 36.44 -19.57 -16.77
C VAL C 135 37.92 -19.37 -17.07
N GLU C 136 38.22 -18.44 -17.96
CA GLU C 136 39.61 -18.21 -18.35
C GLU C 136 40.01 -16.77 -18.05
N SER C 137 41.29 -16.59 -17.74
CA SER C 137 41.79 -15.29 -17.33
C SER C 137 43.19 -15.13 -17.89
N VAL C 138 43.42 -14.06 -18.64
CA VAL C 138 44.70 -13.82 -19.29
C VAL C 138 45.55 -12.88 -18.44
N VAL C 139 46.30 -13.47 -17.51
CA VAL C 139 47.24 -12.71 -16.69
C VAL C 139 48.41 -12.30 -17.57
N THR C 140 48.79 -11.03 -17.50
CA THR C 140 49.88 -10.50 -18.30
C THR C 140 50.99 -10.00 -17.39
N VAL C 141 52.22 -10.08 -17.87
CA VAL C 141 53.38 -9.63 -17.12
C VAL C 141 54.18 -8.69 -18.01
N HIS C 142 54.49 -7.52 -17.48
CA HIS C 142 55.35 -6.55 -18.16
C HIS C 142 56.52 -6.23 -17.24
N VAL C 143 57.72 -6.23 -17.79
CA VAL C 143 58.94 -6.11 -17.01
C VAL C 143 59.70 -4.86 -17.43
N HIS C 144 60.06 -4.03 -16.46
CA HIS C 144 60.70 -2.77 -16.76
C HIS C 144 62.18 -2.97 -17.02
N GLY C 145 62.78 -1.98 -17.67
CA GLY C 145 64.22 -1.97 -17.88
C GLY C 145 64.67 -2.38 -19.26
N ALA C 146 63.96 -1.99 -20.30
CA ALA C 146 64.41 -2.33 -21.64
C ALA C 146 64.61 -1.07 -22.48
N SER C 147 64.86 -1.26 -23.76
CA SER C 147 65.23 -0.15 -24.61
C SER C 147 64.01 0.53 -25.21
N ALA C 148 63.11 -0.25 -25.81
CA ALA C 148 61.82 0.26 -26.24
C ALA C 148 61.97 1.39 -27.25
N THR C 149 62.42 1.04 -28.46
CA THR C 149 62.66 2.02 -29.50
C THR C 149 61.46 2.90 -29.83
N ASP C 150 60.27 2.54 -29.34
CA ASP C 150 59.11 3.40 -29.53
C ASP C 150 59.18 4.61 -28.61
N THR C 151 58.31 5.58 -28.87
CA THR C 151 58.27 6.74 -27.98
C THR C 151 57.85 6.32 -26.57
N LYS C 152 56.87 5.45 -26.46
CA LYS C 152 56.53 4.87 -25.17
C LYS C 152 57.63 3.91 -24.75
N GLY C 153 57.86 3.81 -23.46
CA GLY C 153 58.95 2.98 -22.96
C GLY C 153 58.58 1.51 -22.89
N VAL C 154 57.81 1.04 -23.86
CA VAL C 154 57.32 -0.33 -23.89
C VAL C 154 58.05 -1.09 -24.98
N ASP C 155 59.04 -1.89 -24.58
CA ASP C 155 59.69 -2.83 -25.50
C ASP C 155 58.82 -4.08 -25.52
N THR C 156 58.07 -4.24 -26.60
CA THR C 156 57.01 -5.25 -26.62
C THR C 156 57.54 -6.64 -26.36
N ALA C 157 58.83 -6.87 -26.60
CA ALA C 157 59.41 -8.17 -26.29
C ALA C 157 59.57 -8.40 -24.81
N SER C 158 59.31 -7.38 -23.99
CA SER C 158 59.47 -7.55 -22.55
C SER C 158 58.14 -7.86 -21.87
N THR C 159 57.11 -8.17 -22.64
CA THR C 159 55.82 -8.55 -22.07
C THR C 159 55.42 -9.94 -22.51
N ALA C 160 54.53 -10.55 -21.72
CA ALA C 160 53.98 -11.84 -22.09
C ALA C 160 52.65 -12.03 -21.39
N LYS C 161 51.83 -12.91 -21.94
CA LYS C 161 50.48 -13.16 -21.44
C LYS C 161 50.26 -14.65 -21.27
N ALA C 162 49.56 -15.02 -20.22
CA ALA C 162 49.29 -16.43 -19.93
C ALA C 162 47.87 -16.55 -19.40
N THR C 163 47.19 -17.64 -19.77
CA THR C 163 45.81 -17.88 -19.37
C THR C 163 45.80 -19.00 -18.35
N ILE C 164 45.08 -18.82 -17.25
CA ILE C 164 45.09 -19.76 -16.15
C ILE C 164 43.64 -20.14 -15.81
N THR C 165 43.17 -21.20 -16.43
CA THR C 165 41.91 -21.81 -16.05
C THR C 165 42.08 -22.54 -14.72
N PRO C 166 41.06 -22.54 -13.86
CA PRO C 166 41.21 -23.24 -12.57
C PRO C 166 41.63 -24.69 -12.71
N LYS C 167 41.28 -25.34 -13.83
CA LYS C 167 41.77 -26.68 -14.08
C LYS C 167 43.29 -26.70 -14.15
N ALA C 168 43.89 -25.73 -14.83
CA ALA C 168 45.34 -25.62 -14.94
C ALA C 168 45.78 -24.34 -14.23
N SER C 169 45.97 -24.45 -12.92
CA SER C 169 46.32 -23.29 -12.10
C SER C 169 47.74 -22.80 -12.33
N VAL C 170 48.54 -23.52 -13.08
CA VAL C 170 49.94 -23.16 -13.26
C VAL C 170 50.22 -22.96 -14.74
N ALA C 171 50.79 -21.81 -15.07
CA ALA C 171 51.30 -21.57 -16.41
C ALA C 171 52.60 -20.80 -16.27
N THR C 172 53.45 -20.92 -17.29
CA THR C 172 54.75 -20.28 -17.30
C THR C 172 54.81 -19.33 -18.48
N LEU C 173 55.33 -18.13 -18.24
CA LEU C 173 55.49 -17.15 -19.30
C LEU C 173 56.95 -17.16 -19.75
N ASN C 174 57.16 -17.02 -21.06
CA ASN C 174 58.52 -16.96 -21.58
C ASN C 174 58.90 -15.51 -21.84
N LEU C 175 59.62 -14.92 -20.91
CA LEU C 175 60.19 -13.60 -21.12
C LEU C 175 61.55 -13.75 -21.77
N ASN C 176 61.67 -13.19 -22.97
CA ASN C 176 62.90 -13.33 -23.75
C ASN C 176 64.11 -12.93 -22.91
N ASP C 177 64.96 -13.91 -22.64
CA ASP C 177 66.29 -13.68 -22.07
C ASP C 177 66.22 -13.24 -20.63
N PHE C 178 65.03 -12.94 -20.13
CA PHE C 178 64.95 -12.61 -18.71
C PHE C 178 64.89 -13.87 -17.89
N GLY C 179 64.57 -14.97 -18.54
CA GLY C 179 64.21 -16.20 -17.87
C GLY C 179 62.75 -16.45 -18.09
N SER C 180 62.22 -17.43 -17.39
CA SER C 180 60.80 -17.72 -17.48
C SER C 180 60.16 -17.45 -16.12
N LEU C 181 59.01 -16.80 -16.16
CA LEU C 181 58.23 -16.57 -14.96
C LEU C 181 57.06 -17.55 -14.94
N GLU C 182 56.98 -18.33 -13.88
CA GLU C 182 55.91 -19.31 -13.73
C GLU C 182 55.06 -18.92 -12.53
N VAL C 183 53.75 -19.12 -12.65
CA VAL C 183 52.81 -18.64 -11.65
C VAL C 183 51.80 -19.73 -11.34
N ASP C 184 51.53 -19.94 -10.05
CA ASP C 184 50.40 -20.74 -9.62
C ASP C 184 49.32 -19.82 -9.10
N CYS C 185 48.06 -20.22 -9.26
CA CYS C 185 47.00 -19.28 -8.92
C CYS C 185 45.68 -20.01 -8.83
N SER C 186 45.02 -19.87 -7.69
CA SER C 186 43.69 -20.42 -7.46
C SER C 186 42.66 -19.31 -7.68
N THR C 187 41.98 -19.36 -8.82
CA THR C 187 41.05 -18.30 -9.19
C THR C 187 39.93 -18.20 -8.18
N ASP C 188 39.25 -17.07 -8.17
CA ASP C 188 38.15 -16.80 -7.24
C ASP C 188 37.18 -15.85 -7.91
N VAL C 189 36.15 -16.39 -8.55
CA VAL C 189 35.14 -15.53 -9.16
C VAL C 189 34.26 -14.95 -8.07
N GLY C 190 33.91 -13.68 -8.21
CA GLY C 190 33.02 -13.06 -7.23
C GLY C 190 31.56 -13.37 -7.50
N MET C 191 31.11 -13.16 -8.74
CA MET C 191 29.73 -13.45 -9.12
C MET C 191 29.55 -14.96 -9.12
N ASP C 192 28.93 -15.48 -8.06
CA ASP C 192 28.70 -16.91 -7.94
C ASP C 192 28.18 -17.50 -9.24
N PHE C 193 28.68 -18.68 -9.60
CA PHE C 193 28.16 -19.34 -10.78
C PHE C 193 26.96 -20.22 -10.47
N GLY C 194 26.68 -20.43 -9.19
CA GLY C 194 25.53 -21.23 -8.82
C GLY C 194 24.22 -20.59 -9.24
N GLU C 195 24.06 -19.31 -8.96
CA GLU C 195 22.77 -18.65 -9.10
C GLU C 195 22.72 -17.64 -10.24
N ILE C 196 23.56 -17.79 -11.26
CA ILE C 196 23.48 -16.88 -12.40
C ILE C 196 23.34 -17.71 -13.66
N VAL C 197 22.63 -17.14 -14.63
CA VAL C 197 22.48 -17.73 -15.94
C VAL C 197 22.48 -16.61 -16.96
N VAL C 198 23.19 -16.82 -18.06
CA VAL C 198 23.42 -15.76 -19.03
C VAL C 198 22.25 -15.74 -19.99
N ALA C 199 21.37 -14.78 -19.83
CA ALA C 199 20.23 -14.60 -20.71
C ALA C 199 20.75 -14.00 -22.01
N ASP C 200 19.98 -14.17 -23.08
CA ASP C 200 20.33 -13.59 -24.36
C ASP C 200 19.04 -13.16 -25.07
N MET C 201 18.87 -11.85 -25.22
CA MET C 201 17.79 -11.30 -26.02
C MET C 201 18.16 -11.40 -27.49
N SER C 202 17.46 -10.63 -28.33
CA SER C 202 17.80 -10.55 -29.75
C SER C 202 19.31 -10.52 -29.96
N GLY C 203 19.99 -9.53 -29.39
CA GLY C 203 21.43 -9.52 -29.48
C GLY C 203 22.14 -9.12 -28.20
N LYS C 204 21.37 -8.66 -27.22
CA LYS C 204 21.92 -8.10 -26.00
C LYS C 204 21.90 -9.15 -24.89
N TRP C 205 22.84 -9.04 -23.97
CA TRP C 205 23.11 -10.08 -23.00
C TRP C 205 22.91 -9.55 -21.59
N TRP C 206 22.78 -10.47 -20.63
CA TRP C 206 22.46 -10.11 -19.26
C TRP C 206 22.97 -11.17 -18.31
N ILE C 207 22.76 -10.93 -17.03
CA ILE C 207 23.13 -11.84 -15.96
C ILE C 207 22.03 -11.79 -14.91
N VAL C 208 21.22 -12.85 -14.83
CA VAL C 208 20.07 -12.84 -13.94
C VAL C 208 20.05 -14.14 -13.13
N ASN C 209 19.34 -14.08 -12.01
CA ASN C 209 19.26 -15.23 -11.12
C ASN C 209 18.64 -16.43 -11.83
N LYS C 210 19.33 -17.57 -11.76
CA LYS C 210 18.76 -18.80 -12.32
C LYS C 210 17.36 -19.03 -11.77
N ASP C 211 17.17 -18.76 -10.49
CA ASP C 211 15.82 -18.73 -9.94
C ASP C 211 14.92 -17.81 -10.76
N TRP C 212 15.26 -16.53 -10.84
CA TRP C 212 14.40 -15.61 -11.55
C TRP C 212 14.27 -16.00 -13.00
N PHE C 213 15.26 -16.68 -13.56
CA PHE C 213 15.12 -17.15 -14.93
C PHE C 213 14.07 -18.24 -15.05
N ASN C 214 14.05 -19.18 -14.10
CA ASN C 214 13.12 -20.28 -14.21
C ASN C 214 11.69 -19.83 -13.91
N GLU C 215 11.50 -19.06 -12.85
CA GLU C 215 10.15 -18.70 -12.48
C GLU C 215 9.55 -17.63 -13.37
N LEU C 216 10.18 -17.29 -14.49
CA LEU C 216 9.55 -16.37 -15.42
C LEU C 216 8.54 -17.14 -16.26
N ALA C 217 7.38 -16.54 -16.52
CA ALA C 217 6.24 -17.24 -17.09
C ALA C 217 6.12 -16.93 -18.57
N LEU C 218 6.54 -17.87 -19.40
CA LEU C 218 6.48 -17.73 -20.86
C LEU C 218 6.55 -19.12 -21.47
N PRO C 219 6.23 -19.26 -22.75
CA PRO C 219 6.40 -20.56 -23.42
C PRO C 219 7.87 -20.89 -23.60
N TRP C 220 8.27 -22.07 -23.16
CA TRP C 220 9.68 -22.41 -23.04
C TRP C 220 9.96 -23.83 -23.52
N SER C 221 11.07 -24.00 -24.22
CA SER C 221 11.51 -25.29 -24.72
C SER C 221 12.89 -25.62 -24.18
N THR C 222 13.01 -26.77 -23.52
CA THR C 222 14.30 -27.27 -23.05
C THR C 222 15.02 -28.04 -24.13
N ALA C 223 14.38 -28.23 -25.28
CA ALA C 223 14.80 -29.23 -26.24
C ALA C 223 16.06 -28.79 -26.98
N SER C 224 16.37 -29.53 -28.05
CA SER C 224 17.56 -29.29 -28.84
C SER C 224 17.64 -27.85 -29.31
N THR C 225 18.87 -27.41 -29.58
CA THR C 225 19.07 -26.05 -30.04
C THR C 225 18.39 -25.80 -31.38
N THR C 226 18.45 -26.78 -32.28
CA THR C 226 17.87 -26.60 -33.61
C THR C 226 16.35 -26.53 -33.56
N ALA C 227 15.72 -27.43 -32.81
CA ALA C 227 14.27 -27.54 -32.82
C ALA C 227 13.75 -27.49 -31.39
N GLU C 228 12.63 -26.79 -31.23
CA GLU C 228 12.06 -26.52 -29.92
C GLU C 228 10.70 -27.20 -29.80
N VAL C 229 10.38 -27.66 -28.58
CA VAL C 229 9.10 -28.34 -28.37
C VAL C 229 8.05 -27.35 -27.89
N TRP C 230 8.46 -26.33 -27.13
CA TRP C 230 7.56 -25.32 -26.61
C TRP C 230 6.47 -25.90 -25.71
N GLN C 231 6.88 -26.46 -24.58
CA GLN C 231 5.93 -26.84 -23.56
C GLN C 231 5.21 -25.62 -23.01
N ALA C 232 3.93 -25.81 -22.67
CA ALA C 232 3.10 -24.77 -22.07
C ALA C 232 3.05 -23.53 -22.96
N ARG C 233 2.80 -23.76 -24.25
CA ARG C 233 2.78 -22.65 -25.20
C ARG C 233 1.49 -21.84 -25.11
N ASP C 234 0.70 -22.03 -24.06
CA ASP C 234 -0.56 -21.28 -23.93
C ASP C 234 -0.34 -19.85 -23.48
N ARG C 235 0.73 -19.57 -22.72
CA ARG C 235 0.88 -18.29 -22.06
C ARG C 235 1.08 -17.12 -23.01
N LEU C 236 1.00 -17.35 -24.33
CA LEU C 236 0.99 -16.24 -25.27
C LEU C 236 -0.19 -16.27 -26.22
N VAL C 237 -1.14 -17.17 -26.03
CA VAL C 237 -2.21 -17.32 -26.99
C VAL C 237 -3.55 -17.30 -26.28
N GLU C 238 -4.43 -16.41 -26.74
CA GLU C 238 -5.80 -16.36 -26.28
C GLU C 238 -6.73 -16.66 -27.45
N PHE C 239 -7.88 -17.21 -27.12
CA PHE C 239 -8.90 -17.56 -28.08
C PHE C 239 -9.99 -16.49 -28.10
N GLY C 240 -10.48 -16.18 -29.30
CA GLY C 240 -11.58 -15.25 -29.46
C GLY C 240 -12.84 -15.76 -28.80
N TRP C 241 -13.89 -14.97 -28.91
CA TRP C 241 -15.14 -15.38 -28.31
C TRP C 241 -15.66 -16.61 -29.07
N PRO C 242 -16.00 -17.68 -28.37
CA PRO C 242 -16.29 -18.95 -29.07
C PRO C 242 -17.59 -18.88 -29.87
N HIS C 243 -17.51 -18.21 -31.01
CA HIS C 243 -18.66 -18.07 -31.90
C HIS C 243 -19.08 -19.43 -32.45
N ALA C 244 -20.34 -19.51 -32.87
CA ALA C 244 -20.89 -20.77 -33.38
C ALA C 244 -20.12 -21.26 -34.60
N ALA C 245 -19.83 -20.36 -35.54
CA ALA C 245 -19.12 -20.74 -36.75
C ALA C 245 -17.70 -21.19 -36.43
N LYS C 246 -16.97 -20.39 -35.65
CA LYS C 246 -15.59 -20.69 -35.31
C LYS C 246 -15.19 -19.91 -34.07
N GLN C 247 -14.07 -20.31 -33.48
CA GLN C 247 -13.46 -19.59 -32.38
C GLN C 247 -12.07 -19.15 -32.80
N ASN C 248 -11.89 -17.84 -33.00
CA ASN C 248 -10.63 -17.31 -33.46
C ASN C 248 -9.58 -17.43 -32.36
N ILE C 249 -8.33 -17.58 -32.78
CA ILE C 249 -7.20 -17.69 -31.87
C ILE C 249 -6.19 -16.63 -32.29
N TYR C 250 -5.54 -16.01 -31.30
CA TYR C 250 -4.55 -14.98 -31.61
C TYR C 250 -3.60 -14.82 -30.45
N ASP C 251 -2.44 -14.24 -30.73
CA ASP C 251 -1.41 -14.06 -29.71
C ASP C 251 -1.83 -12.99 -28.71
N ILE C 252 -1.14 -12.95 -27.59
CA ILE C 252 -1.28 -11.81 -26.71
C ILE C 252 -0.52 -10.62 -27.28
N GLY C 253 0.80 -10.75 -27.38
CA GLY C 253 1.64 -9.67 -27.83
C GLY C 253 3.07 -9.91 -27.41
N ASP C 254 3.98 -9.40 -28.23
CA ASP C 254 5.40 -9.69 -28.01
C ASP C 254 5.86 -9.08 -26.70
N GLN C 255 6.77 -9.75 -26.02
CA GLN C 255 7.15 -9.39 -24.67
C GLN C 255 8.52 -8.76 -24.58
N GLU C 256 9.13 -8.43 -25.72
CA GLU C 256 10.45 -7.80 -25.71
C GLU C 256 10.51 -6.66 -24.71
N GLY C 257 9.61 -5.69 -24.87
CA GLY C 257 9.64 -4.53 -24.00
C GLY C 257 9.46 -4.88 -22.53
N ALA C 258 8.52 -5.79 -22.25
CA ALA C 258 8.23 -6.14 -20.86
C ALA C 258 9.42 -6.80 -20.19
N VAL C 259 10.02 -7.79 -20.84
CA VAL C 259 11.16 -8.47 -20.23
C VAL C 259 12.32 -7.49 -20.06
N THR C 260 12.58 -6.65 -21.07
CA THR C 260 13.68 -5.71 -20.95
C THR C 260 13.45 -4.73 -19.81
N ALA C 261 12.22 -4.26 -19.66
CA ALA C 261 11.92 -3.37 -18.54
C ALA C 261 12.07 -4.07 -17.21
N ALA C 262 11.77 -5.37 -17.15
CA ALA C 262 11.89 -6.07 -15.88
C ALA C 262 13.34 -6.36 -15.53
N ILE C 263 14.20 -6.49 -16.54
CA ILE C 263 15.58 -6.85 -16.25
C ILE C 263 16.50 -5.64 -16.11
N ALA C 264 16.29 -4.58 -16.90
CA ALA C 264 17.33 -3.58 -17.13
C ALA C 264 17.99 -3.12 -15.83
N GLN C 265 17.29 -3.22 -14.71
CA GLN C 265 17.88 -2.93 -13.41
C GLN C 265 18.73 -4.13 -12.96
N ALA C 266 19.66 -4.51 -13.83
CA ALA C 266 20.51 -5.67 -13.62
C ALA C 266 21.76 -5.49 -14.46
N PRO C 267 22.83 -6.21 -14.16
CA PRO C 267 24.07 -6.01 -14.92
C PRO C 267 23.88 -6.28 -16.40
N MET C 268 24.43 -5.37 -17.21
CA MET C 268 24.62 -5.59 -18.62
C MET C 268 26.01 -6.16 -18.86
N ALA C 269 26.11 -7.08 -19.80
CA ALA C 269 27.37 -7.76 -20.07
C ALA C 269 27.64 -7.62 -21.57
N LYS C 270 28.55 -6.72 -21.91
CA LYS C 270 28.90 -6.50 -23.32
C LYS C 270 29.57 -7.74 -23.88
N TRP C 271 29.00 -8.29 -24.94
CA TRP C 271 29.40 -9.58 -25.50
C TRP C 271 30.31 -9.38 -26.69
N GLU C 272 31.32 -10.24 -26.82
CA GLU C 272 32.15 -10.22 -28.01
C GLU C 272 32.69 -11.63 -28.26
N SER C 273 32.70 -12.04 -29.52
CA SER C 273 33.46 -13.20 -30.00
C SER C 273 33.18 -14.44 -29.17
N ASP C 274 31.91 -14.65 -28.86
CA ASP C 274 31.46 -15.77 -28.02
C ASP C 274 32.18 -15.78 -26.67
N LYS C 275 32.35 -14.60 -26.08
CA LYS C 275 32.99 -14.46 -24.78
C LYS C 275 32.41 -13.25 -24.06
N VAL C 276 32.24 -13.38 -22.75
CA VAL C 276 31.68 -12.31 -21.93
C VAL C 276 32.65 -12.00 -20.80
N GLU C 277 32.87 -10.73 -20.56
CA GLU C 277 33.74 -10.33 -19.46
C GLU C 277 33.04 -10.55 -18.12
N LEU C 278 33.84 -10.60 -17.07
CA LEU C 278 33.35 -10.86 -15.73
C LEU C 278 34.17 -9.96 -14.81
N ILE C 279 33.58 -8.83 -14.41
CA ILE C 279 34.37 -7.75 -13.82
C ILE C 279 34.96 -8.20 -12.49
N SER C 280 34.11 -8.45 -11.49
CA SER C 280 34.57 -8.55 -10.12
C SER C 280 35.12 -9.96 -9.84
N GLY C 281 36.34 -10.19 -10.31
CA GLY C 281 36.99 -11.44 -10.01
C GLY C 281 38.37 -11.29 -9.40
N ILE C 282 38.50 -11.66 -8.12
CA ILE C 282 39.79 -11.62 -7.44
C ILE C 282 40.60 -12.79 -7.95
N LEU C 283 41.91 -12.79 -7.70
CA LEU C 283 42.79 -13.80 -8.29
C LEU C 283 43.99 -13.95 -7.39
N LYS C 284 44.02 -15.01 -6.58
CA LYS C 284 45.02 -15.15 -5.51
C LYS C 284 46.25 -15.90 -6.01
N CYS C 285 46.92 -15.31 -6.99
CA CYS C 285 48.14 -15.91 -7.52
C CYS C 285 49.29 -15.79 -6.53
N LYS C 286 50.14 -16.80 -6.54
CA LYS C 286 51.48 -16.70 -5.98
C LYS C 286 52.46 -16.86 -7.13
N VAL C 287 53.54 -16.10 -7.12
CA VAL C 287 54.48 -16.08 -8.23
C VAL C 287 55.81 -16.59 -7.74
N LYS C 288 56.36 -17.58 -8.43
CA LYS C 288 57.73 -18.01 -8.23
C LYS C 288 58.58 -17.38 -9.31
N LEU C 289 59.57 -16.61 -8.89
CA LEU C 289 60.41 -15.84 -9.78
C LEU C 289 61.84 -16.38 -9.78
N GLY C 290 62.00 -17.62 -9.30
CA GLY C 290 63.32 -18.21 -9.27
C GLY C 290 63.94 -18.34 -10.64
N ASN C 291 63.13 -18.70 -11.64
CA ASN C 291 63.62 -18.89 -12.99
C ASN C 291 63.77 -17.58 -13.74
N LEU C 292 63.88 -16.47 -13.02
CA LEU C 292 64.04 -15.14 -13.60
C LEU C 292 65.45 -14.63 -13.37
N LYS C 293 66.09 -14.14 -14.42
CA LYS C 293 67.45 -13.64 -14.33
C LYS C 293 67.56 -12.28 -14.97
N LEU C 294 68.47 -11.46 -14.45
CA LEU C 294 68.70 -10.14 -15.00
C LEU C 294 69.17 -10.21 -16.43
N ARG C 295 69.23 -9.07 -17.07
CA ARG C 295 69.65 -8.98 -18.45
C ARG C 295 70.63 -7.83 -18.62
N GLY C 296 71.64 -8.06 -19.46
CA GLY C 296 72.61 -7.02 -19.72
C GLY C 296 73.36 -6.59 -18.49
N VAL C 297 73.56 -7.50 -17.54
CA VAL C 297 74.34 -7.20 -16.36
C VAL C 297 75.83 -7.33 -16.62
N THR C 298 76.22 -7.56 -17.87
CA THR C 298 77.63 -7.62 -18.22
C THR C 298 78.09 -6.40 -18.99
N TYR C 299 77.24 -5.38 -19.15
CA TYR C 299 77.60 -4.17 -19.86
C TYR C 299 78.43 -3.27 -18.96
N SER C 300 78.64 -2.02 -19.37
CA SER C 300 79.24 -1.00 -18.53
C SER C 300 78.33 0.22 -18.48
N MET C 301 78.64 1.14 -17.59
CA MET C 301 77.79 2.31 -17.45
C MET C 301 77.96 3.24 -18.65
N CYS C 302 76.94 4.08 -18.86
CA CYS C 302 76.85 4.88 -20.09
C CYS C 302 77.76 6.09 -20.02
N ALA C 303 78.59 6.26 -21.04
CA ALA C 303 79.47 7.42 -21.08
C ALA C 303 78.76 8.62 -21.68
N GLN C 304 78.08 8.44 -22.80
CA GLN C 304 77.50 9.56 -23.52
C GLN C 304 76.33 10.14 -22.72
N THR C 305 75.68 11.11 -23.35
CA THR C 305 74.67 11.89 -22.65
C THR C 305 73.31 11.20 -22.67
N PHE C 306 72.32 11.91 -22.12
CA PHE C 306 70.92 11.55 -22.20
C PHE C 306 70.14 12.81 -22.55
N THR C 307 68.96 12.63 -23.14
CA THR C 307 68.06 13.75 -23.32
C THR C 307 66.69 13.38 -22.79
N THR C 308 66.06 14.31 -22.08
CA THR C 308 64.74 14.11 -21.54
C THR C 308 63.72 14.70 -22.50
N GLU C 309 62.52 14.13 -22.52
CA GLU C 309 61.43 14.64 -23.32
C GLU C 309 60.34 15.30 -22.50
N THR C 310 60.05 14.77 -21.31
CA THR C 310 58.98 15.31 -20.48
C THR C 310 59.48 15.44 -19.05
N ARG C 311 58.68 16.05 -18.25
CA ARG C 311 59.07 16.29 -16.88
C ARG C 311 58.91 15.02 -16.04
N PRO C 312 59.52 14.97 -14.87
CA PRO C 312 59.21 13.89 -13.94
C PRO C 312 57.79 14.05 -13.42
N ALA C 313 56.91 13.18 -13.90
CA ALA C 313 55.50 13.22 -13.54
C ALA C 313 55.23 12.20 -12.45
N ASP C 314 54.87 12.69 -11.27
CA ASP C 314 54.58 11.80 -10.15
C ASP C 314 53.32 11.00 -10.45
N THR C 315 53.26 9.78 -9.91
CA THR C 315 52.06 8.97 -10.01
C THR C 315 51.31 8.89 -8.69
N GLY C 316 51.72 9.66 -7.68
CA GLY C 316 51.00 9.71 -6.42
C GLY C 316 51.18 8.51 -5.52
N HIS C 317 51.92 7.50 -5.96
CA HIS C 317 52.24 6.36 -5.11
C HIS C 317 53.62 6.48 -4.49
N GLY C 318 54.12 7.70 -4.35
CA GLY C 318 55.50 7.89 -3.98
C GLY C 318 56.47 7.43 -5.04
N THR C 319 56.16 7.65 -6.31
CA THR C 319 57.02 7.22 -7.40
C THR C 319 57.26 8.39 -8.34
N VAL C 320 58.43 8.41 -8.95
CA VAL C 320 58.75 9.38 -9.98
C VAL C 320 59.03 8.63 -11.27
N ALA C 321 58.29 8.97 -12.31
CA ALA C 321 58.43 8.33 -13.61
C ALA C 321 58.79 9.40 -14.62
N PHE C 322 59.82 9.14 -15.42
CA PHE C 322 60.23 10.15 -16.39
C PHE C 322 60.99 9.54 -17.55
N LYS C 323 60.50 9.83 -18.74
CA LYS C 323 60.87 9.15 -19.98
C LYS C 323 62.17 9.74 -20.51
N VAL C 324 63.28 9.22 -20.02
CA VAL C 324 64.56 9.65 -20.54
C VAL C 324 64.80 9.01 -21.91
N LYS C 325 65.70 9.60 -22.68
CA LYS C 325 66.15 9.06 -23.94
C LYS C 325 67.63 8.77 -23.82
N TYR C 326 68.27 8.44 -24.94
CA TYR C 326 69.71 8.24 -24.94
C TYR C 326 70.22 8.51 -26.34
N VAL C 327 71.30 9.29 -26.44
CA VAL C 327 72.01 9.47 -27.70
C VAL C 327 73.45 9.03 -27.46
N GLY C 328 73.91 8.06 -28.24
CA GLY C 328 75.25 7.57 -28.06
C GLY C 328 75.64 6.43 -28.98
N THR C 329 76.95 6.20 -29.10
CA THR C 329 77.42 5.15 -29.99
C THR C 329 77.54 3.81 -29.28
N ASP C 330 77.70 3.84 -27.96
CA ASP C 330 77.92 2.61 -27.21
C ASP C 330 76.61 1.85 -27.09
N VAL C 331 76.25 1.14 -28.16
CA VAL C 331 74.86 0.73 -28.36
C VAL C 331 74.40 -0.30 -27.32
N PRO C 332 75.25 -1.16 -26.77
CA PRO C 332 74.87 -1.78 -25.48
C PRO C 332 75.42 -0.91 -24.36
N CYS C 333 74.57 -0.54 -23.43
CA CYS C 333 75.09 0.21 -22.31
C CYS C 333 74.13 0.23 -21.14
N ARG C 334 74.58 -0.25 -19.99
CA ARG C 334 73.85 -0.14 -18.75
C ARG C 334 73.75 1.33 -18.39
N VAL C 335 72.59 1.76 -17.91
CA VAL C 335 72.37 3.17 -17.61
C VAL C 335 72.61 3.40 -16.12
N PRO C 336 73.53 4.28 -15.75
CA PRO C 336 73.68 4.61 -14.34
C PRO C 336 72.49 5.40 -13.85
N LEU C 337 72.21 5.28 -12.56
CA LEU C 337 71.10 6.00 -11.96
C LEU C 337 71.42 6.16 -10.48
N HIS C 338 71.94 7.32 -10.10
CA HIS C 338 72.30 7.59 -8.73
C HIS C 338 71.29 8.57 -8.15
N ILE C 339 70.19 8.06 -7.62
CA ILE C 339 69.19 8.93 -7.01
C ILE C 339 69.75 9.39 -5.67
N ILE C 340 69.88 10.71 -5.51
CA ILE C 340 70.61 11.28 -4.40
C ILE C 340 69.73 12.33 -3.72
N ASP C 341 69.94 12.52 -2.42
CA ASP C 341 69.10 13.47 -1.71
C ASP C 341 69.85 14.78 -1.47
N SER C 342 69.08 15.81 -1.12
CA SER C 342 69.65 17.14 -0.95
C SER C 342 70.55 17.22 0.27
N ASP C 343 70.37 16.29 1.21
CA ASP C 343 71.09 16.31 2.47
C ASP C 343 72.15 15.21 2.49
N GLY C 344 73.38 15.59 2.79
CA GLY C 344 74.42 14.64 3.12
C GLY C 344 74.98 13.86 1.95
N GLY C 345 74.32 13.85 0.81
CA GLY C 345 74.83 13.04 -0.27
C GLY C 345 74.75 11.55 -0.05
N VAL C 346 73.94 11.10 0.90
CA VAL C 346 73.69 9.68 1.07
C VAL C 346 72.71 9.21 0.01
N ALA C 347 72.89 7.99 -0.47
CA ALA C 347 72.03 7.47 -1.52
C ALA C 347 70.58 7.49 -1.07
N ALA C 348 69.67 7.70 -2.03
CA ALA C 348 68.33 8.13 -1.69
C ALA C 348 67.52 7.02 -1.05
N GLY C 349 67.25 5.97 -1.80
CA GLY C 349 66.32 4.96 -1.33
C GLY C 349 66.03 3.96 -2.41
N ARG C 350 64.88 3.30 -2.32
CA ARG C 350 64.58 2.21 -3.23
C ARG C 350 64.46 2.73 -4.65
N VAL C 351 65.25 2.18 -5.53
CA VAL C 351 65.02 2.28 -6.96
C VAL C 351 64.08 1.15 -7.32
N ILE C 352 63.22 1.39 -8.31
CA ILE C 352 62.22 0.41 -8.71
C ILE C 352 62.57 -0.22 -10.04
N THR C 353 62.65 0.57 -11.10
CA THR C 353 63.16 0.02 -12.34
C THR C 353 64.62 -0.33 -12.11
N ALA C 354 64.92 -1.61 -11.95
CA ALA C 354 66.26 -2.00 -11.48
C ALA C 354 67.11 -2.50 -12.64
N HIS C 355 68.38 -2.11 -12.61
CA HIS C 355 69.35 -2.47 -13.63
C HIS C 355 68.82 -2.16 -15.02
N PRO C 356 68.48 -0.92 -15.32
CA PRO C 356 68.06 -0.58 -16.68
C PRO C 356 69.25 -0.41 -17.60
N PHE C 357 68.99 -0.52 -18.88
CA PHE C 357 70.05 -0.41 -19.86
C PHE C 357 69.47 0.17 -21.15
N VAL C 358 70.21 0.04 -22.24
CA VAL C 358 69.76 0.49 -23.54
C VAL C 358 70.33 -0.46 -24.59
N MET C 359 69.45 -1.22 -25.25
CA MET C 359 69.91 -2.15 -26.26
C MET C 359 70.31 -1.48 -27.55
N LYS C 360 69.56 -0.47 -27.99
CA LYS C 360 69.76 0.11 -29.30
C LYS C 360 69.96 1.61 -29.17
N GLN C 361 70.83 2.16 -30.02
CA GLN C 361 71.04 3.60 -30.05
C GLN C 361 69.70 4.32 -30.14
N ASN C 362 69.56 5.39 -29.35
CA ASN C 362 68.39 6.24 -29.38
C ASN C 362 67.12 5.47 -29.05
N ASP C 363 67.04 5.00 -27.82
CA ASP C 363 65.83 4.35 -27.33
C ASP C 363 65.31 5.06 -26.09
N TYR C 364 63.99 5.17 -26.01
CA TYR C 364 63.32 5.85 -24.91
C TYR C 364 63.00 4.80 -23.86
N ILE C 365 63.60 4.92 -22.69
CA ILE C 365 63.36 3.98 -21.61
C ILE C 365 62.67 4.71 -20.49
N ILE C 366 62.05 3.95 -19.59
CA ILE C 366 61.26 4.51 -18.50
C ILE C 366 61.95 4.12 -17.20
N LEU C 367 62.36 5.12 -16.44
CA LEU C 367 63.07 4.90 -15.19
C LEU C 367 62.18 5.37 -14.05
N GLU C 368 61.34 4.47 -13.57
CA GLU C 368 60.42 4.78 -12.47
C GLU C 368 61.13 4.47 -11.17
N VAL C 369 61.41 5.51 -10.39
CA VAL C 369 62.22 5.36 -9.19
C VAL C 369 61.53 6.08 -8.05
N GLU C 370 61.83 5.64 -6.83
CA GLU C 370 61.20 6.18 -5.64
C GLU C 370 62.14 7.14 -4.93
N PRO C 371 61.82 8.43 -4.84
CA PRO C 371 62.71 9.37 -4.17
C PRO C 371 62.42 9.43 -2.68
N PRO C 372 63.40 9.79 -1.87
CA PRO C 372 63.22 9.74 -0.42
C PRO C 372 62.46 10.96 0.08
N PHE C 373 61.91 10.82 1.28
CA PHE C 373 61.19 11.93 1.89
C PHE C 373 62.15 13.08 2.15
N GLY C 374 61.72 14.27 1.78
CA GLY C 374 62.59 15.44 1.79
C GLY C 374 62.80 15.98 0.40
N ASP C 375 63.88 16.75 0.27
CA ASP C 375 64.26 17.25 -1.05
C ASP C 375 65.35 16.36 -1.64
N SER C 376 65.18 16.03 -2.91
CA SER C 376 66.05 15.02 -3.52
C SER C 376 66.37 15.41 -4.95
N LYS C 377 67.22 14.59 -5.55
CA LYS C 377 67.85 14.92 -6.82
C LYS C 377 68.19 13.62 -7.54
N ILE C 378 67.65 13.45 -8.74
CA ILE C 378 67.86 12.23 -9.52
C ILE C 378 68.93 12.51 -10.55
N GLU C 379 69.96 11.67 -10.58
CA GLU C 379 71.15 11.90 -11.37
C GLU C 379 71.41 10.69 -12.24
N ILE C 380 71.23 10.85 -13.55
CA ILE C 380 71.08 9.71 -14.44
C ILE C 380 72.14 9.68 -15.55
N GLY C 381 73.33 10.16 -15.26
CA GLY C 381 74.38 10.12 -16.27
C GLY C 381 75.74 10.45 -15.69
N THR C 382 76.76 10.02 -16.40
CA THR C 382 78.16 10.24 -16.02
C THR C 382 78.62 11.60 -16.51
N GLY C 383 79.40 12.27 -15.67
CA GLY C 383 80.04 13.50 -16.07
C GLY C 383 79.07 14.63 -16.33
N THR C 384 79.56 15.61 -17.09
CA THR C 384 78.79 16.81 -17.36
C THR C 384 77.75 16.62 -18.45
N THR C 385 77.42 15.39 -18.79
CA THR C 385 76.36 15.10 -19.74
C THR C 385 75.08 14.65 -19.05
N LYS C 386 75.03 14.74 -17.72
CA LYS C 386 73.95 14.16 -16.95
C LYS C 386 72.67 14.97 -17.12
N LEU C 387 71.56 14.34 -16.77
CA LEU C 387 70.25 14.98 -16.70
C LEU C 387 69.82 14.99 -15.25
N VAL C 388 70.25 15.99 -14.52
CA VAL C 388 69.91 16.13 -13.12
C VAL C 388 68.43 16.49 -13.02
N GLU C 389 67.86 16.30 -11.84
CA GLU C 389 66.48 16.67 -11.57
C GLU C 389 66.31 17.13 -10.14
N ALA C 390 65.24 17.88 -9.92
CA ALA C 390 64.87 18.33 -8.58
C ALA C 390 63.55 17.69 -8.21
N TRP C 391 63.52 17.00 -7.08
CA TRP C 391 62.29 16.42 -6.59
C TRP C 391 62.21 16.56 -5.09
N HIS C 392 60.98 16.59 -4.60
CA HIS C 392 60.70 16.76 -3.18
C HIS C 392 59.54 15.85 -2.83
N ARG C 393 59.75 14.95 -1.87
CA ARG C 393 58.74 13.96 -1.50
C ARG C 393 57.90 14.53 -0.36
N LYS C 394 56.88 15.30 -0.72
CA LYS C 394 56.00 15.86 0.29
C LYS C 394 55.35 14.75 1.11
N GLY C 395 55.46 14.85 2.41
CA GLY C 395 54.93 13.81 3.26
C GLY C 395 56.01 13.14 4.08
N SER C 396 55.67 12.80 5.32
CA SER C 396 56.65 12.25 6.25
C SER C 396 57.03 10.83 5.87
N SER C 397 57.89 10.23 6.68
CA SER C 397 58.36 8.87 6.41
C SER C 397 57.56 7.84 7.19
N ILE C 398 57.51 8.00 8.51
CA ILE C 398 56.87 7.01 9.37
C ILE C 398 55.39 6.88 9.02
N GLY C 399 54.78 7.94 8.51
CA GLY C 399 53.41 7.81 8.03
C GLY C 399 53.31 6.81 6.90
N ASN C 400 54.22 6.91 5.93
CA ASN C 400 54.26 5.92 4.86
C ASN C 400 54.55 4.54 5.42
N ALA C 401 55.36 4.47 6.47
CA ALA C 401 55.63 3.18 7.09
C ALA C 401 54.35 2.55 7.66
N PHE C 402 53.60 3.33 8.43
CA PHE C 402 52.37 2.82 9.01
C PHE C 402 51.36 2.45 7.94
N THR C 403 51.26 3.28 6.91
CA THR C 403 50.34 2.96 5.82
C THR C 403 50.75 1.65 5.15
N ALA C 404 52.04 1.43 4.96
CA ALA C 404 52.49 0.18 4.40
C ALA C 404 52.14 -1.00 5.30
N THR C 405 52.29 -0.84 6.61
CA THR C 405 51.91 -1.92 7.51
C THR C 405 50.44 -2.26 7.39
N TYR C 406 49.59 -1.23 7.35
CA TYR C 406 48.15 -1.48 7.26
C TYR C 406 47.81 -2.15 5.94
N LYS C 407 48.39 -1.66 4.84
CA LYS C 407 48.19 -2.30 3.55
C LYS C 407 48.62 -3.76 3.59
N GLY C 408 49.73 -4.04 4.25
CA GLY C 408 50.18 -5.42 4.37
C GLY C 408 49.19 -6.26 5.14
N ILE C 409 48.63 -5.70 6.22
CA ILE C 409 47.62 -6.44 6.97
C ILE C 409 46.44 -6.78 6.07
N THR C 410 45.99 -5.82 5.28
CA THR C 410 44.87 -6.06 4.39
C THR C 410 45.19 -7.16 3.38
N LYS C 411 46.34 -7.05 2.72
CA LYS C 411 46.70 -8.05 1.73
C LYS C 411 46.84 -9.43 2.35
N LEU C 412 47.44 -9.50 3.54
CA LEU C 412 47.63 -10.75 4.23
C LEU C 412 46.29 -11.40 4.55
N THR C 413 45.37 -10.64 5.15
CA THR C 413 44.09 -11.24 5.51
C THR C 413 43.28 -11.59 4.28
N VAL C 414 43.43 -10.85 3.18
CA VAL C 414 42.73 -11.20 1.96
C VAL C 414 43.24 -12.54 1.43
N LEU C 415 44.56 -12.70 1.35
CA LEU C 415 45.14 -13.89 0.75
C LEU C 415 45.22 -15.06 1.73
N GLY C 416 44.83 -14.85 2.98
CA GLY C 416 44.97 -15.85 4.03
C GLY C 416 44.73 -17.30 3.70
N GLU C 417 43.53 -17.62 3.20
CA GLU C 417 43.19 -19.02 2.91
C GLU C 417 44.23 -19.65 1.99
N HIS C 418 44.76 -18.86 1.05
CA HIS C 418 45.77 -19.37 0.15
C HIS C 418 47.18 -19.14 0.66
N ALA C 419 47.41 -18.13 1.49
CA ALA C 419 48.76 -17.72 1.87
C ALA C 419 49.27 -18.46 3.09
N TRP C 420 48.76 -19.66 3.35
CA TRP C 420 49.23 -20.47 4.46
C TRP C 420 49.42 -21.89 3.94
N ASP C 421 50.62 -22.42 4.13
CA ASP C 421 50.88 -23.83 3.81
C ASP C 421 51.08 -24.61 5.10
N PHE C 422 50.04 -25.34 5.50
CA PHE C 422 50.10 -26.17 6.71
C PHE C 422 50.56 -27.58 6.42
N ASN C 423 50.80 -27.93 5.15
CA ASN C 423 51.06 -29.31 4.80
C ASN C 423 52.34 -29.83 5.46
N SER C 424 53.40 -29.03 5.45
CA SER C 424 54.69 -29.48 5.94
C SER C 424 55.28 -28.44 6.88
N LEU C 425 56.17 -28.90 7.77
CA LEU C 425 56.86 -27.98 8.65
C LEU C 425 57.67 -26.98 7.86
N GLY C 426 58.35 -27.43 6.80
CA GLY C 426 59.10 -26.50 5.97
C GLY C 426 58.18 -25.50 5.28
N GLY C 427 57.07 -25.97 4.74
CA GLY C 427 56.10 -25.06 4.15
C GLY C 427 55.53 -24.10 5.17
N PHE C 428 55.24 -24.59 6.39
CA PHE C 428 54.72 -23.70 7.42
C PHE C 428 55.72 -22.64 7.80
N GLY C 429 57.00 -23.03 7.91
CA GLY C 429 58.03 -22.05 8.21
C GLY C 429 58.16 -21.01 7.12
N ALA C 430 58.13 -21.46 5.86
CA ALA C 430 58.20 -20.51 4.75
C ALA C 430 57.01 -19.55 4.78
N SER C 431 55.81 -20.08 5.04
CA SER C 431 54.64 -19.22 5.08
C SER C 431 54.72 -18.25 6.25
N LEU C 432 55.19 -18.70 7.41
CA LEU C 432 55.32 -17.80 8.55
C LEU C 432 56.32 -16.70 8.25
N GLY C 433 57.44 -17.05 7.62
CA GLY C 433 58.42 -16.05 7.25
C GLY C 433 57.85 -15.04 6.28
N LYS C 434 57.17 -15.51 5.23
CA LYS C 434 56.57 -14.58 4.27
C LYS C 434 55.54 -13.70 4.96
N ALA C 435 54.79 -14.27 5.90
CA ALA C 435 53.76 -13.50 6.58
C ALA C 435 54.37 -12.37 7.40
N VAL C 436 55.33 -12.70 8.28
CA VAL C 436 55.91 -11.66 9.12
C VAL C 436 56.62 -10.63 8.26
N HIS C 437 57.29 -11.09 7.20
CA HIS C 437 58.00 -10.17 6.34
C HIS C 437 57.04 -9.21 5.67
N THR C 438 55.91 -9.71 5.16
CA THR C 438 54.95 -8.84 4.51
C THR C 438 54.28 -7.91 5.50
N LEU C 439 54.12 -8.36 6.75
CA LEU C 439 53.37 -7.54 7.70
C LEU C 439 54.27 -6.56 8.43
N PHE C 440 55.59 -6.64 8.24
CA PHE C 440 56.47 -5.70 8.91
C PHE C 440 57.59 -5.15 8.02
N GLY C 441 57.53 -5.38 6.71
CA GLY C 441 58.61 -4.92 5.85
C GLY C 441 58.77 -3.41 5.86
N GLY C 442 57.66 -2.69 5.77
CA GLY C 442 57.75 -1.24 5.78
C GLY C 442 58.28 -0.70 7.09
N VAL C 443 57.76 -1.21 8.20
CA VAL C 443 58.21 -0.75 9.52
C VAL C 443 59.69 -1.03 9.69
N PHE C 444 60.15 -2.18 9.19
CA PHE C 444 61.57 -2.50 9.29
C PHE C 444 62.41 -1.60 8.39
N ARG C 445 61.95 -1.38 7.16
CA ARG C 445 62.75 -0.58 6.23
C ARG C 445 62.89 0.85 6.74
N VAL C 446 61.82 1.43 7.24
CA VAL C 446 61.87 2.80 7.72
C VAL C 446 62.53 2.88 9.09
N MET C 447 61.95 2.23 10.09
CA MET C 447 62.44 2.38 11.47
C MET C 447 63.86 1.88 11.62
N PHE C 448 64.26 0.86 10.86
CA PHE C 448 65.63 0.35 10.91
C PHE C 448 66.22 0.53 9.51
N GLY C 449 66.76 1.71 9.26
CA GLY C 449 67.46 1.98 8.03
C GLY C 449 68.80 2.57 8.32
N GLY C 450 69.87 1.91 7.91
CA GLY C 450 71.20 2.35 8.27
C GLY C 450 71.58 2.09 9.69
N MET C 451 70.81 1.30 10.43
CA MET C 451 71.23 0.89 11.77
C MET C 451 72.53 0.11 11.70
N GLY C 452 72.64 -0.81 10.75
CA GLY C 452 73.81 -1.65 10.63
C GLY C 452 73.44 -3.12 10.74
N TRP C 453 73.91 -3.93 9.80
CA TRP C 453 73.56 -5.34 9.76
C TRP C 453 73.94 -6.02 11.07
N LEU C 454 75.21 -5.88 11.45
CA LEU C 454 75.62 -6.42 12.75
C LEU C 454 74.95 -5.66 13.87
N THR C 455 74.77 -4.35 13.71
CA THR C 455 74.08 -3.57 14.72
C THR C 455 72.66 -4.05 14.89
N LYS C 456 71.97 -4.31 13.77
CA LYS C 456 70.61 -4.83 13.86
C LYS C 456 70.57 -6.21 14.51
N ILE C 457 71.48 -7.10 14.14
CA ILE C 457 71.47 -8.43 14.75
C ILE C 457 71.72 -8.33 16.25
N PHE C 458 72.66 -7.49 16.66
CA PHE C 458 72.95 -7.31 18.08
C PHE C 458 71.78 -6.69 18.81
N VAL C 459 71.06 -5.76 18.16
CA VAL C 459 69.86 -5.21 18.76
C VAL C 459 68.83 -6.30 18.98
N GLY C 460 68.64 -7.16 18.00
CA GLY C 460 67.73 -8.28 18.17
C GLY C 460 68.14 -9.18 19.32
N ALA C 461 69.44 -9.46 19.43
CA ALA C 461 69.93 -10.28 20.52
C ALA C 461 69.69 -9.61 21.87
N VAL C 462 69.92 -8.31 21.94
CA VAL C 462 69.67 -7.57 23.18
C VAL C 462 68.21 -7.65 23.56
N LEU C 463 67.32 -7.49 22.57
CA LEU C 463 65.89 -7.64 22.84
C LEU C 463 65.55 -9.03 23.32
N VAL C 464 66.16 -10.06 22.73
CA VAL C 464 65.91 -11.43 23.16
C VAL C 464 66.31 -11.62 24.61
N TRP C 465 67.49 -11.11 24.97
CA TRP C 465 67.93 -11.21 26.36
C TRP C 465 66.98 -10.47 27.29
N LEU C 466 66.55 -9.27 26.89
CA LEU C 466 65.65 -8.50 27.73
C LEU C 466 64.32 -9.22 27.94
N GLY C 467 63.82 -9.89 26.91
CA GLY C 467 62.59 -10.63 27.04
C GLY C 467 62.66 -11.70 28.11
N LEU C 468 63.81 -12.36 28.22
CA LEU C 468 64.05 -13.34 29.28
C LEU C 468 64.38 -12.69 30.61
N GLY C 469 64.56 -11.37 30.65
CA GLY C 469 64.87 -10.70 31.89
C GLY C 469 63.69 -10.75 32.86
N ALA C 470 64.02 -10.60 34.15
CA ALA C 470 63.01 -10.65 35.19
C ALA C 470 62.05 -9.48 35.09
N HIS C 471 60.82 -9.75 34.67
CA HIS C 471 59.81 -8.70 34.49
C HIS C 471 58.45 -9.35 34.41
N ASP C 472 57.45 -8.55 34.06
CA ASP C 472 56.09 -9.05 33.95
C ASP C 472 55.99 -10.09 32.85
N LYS C 473 55.24 -11.16 33.13
CA LYS C 473 55.01 -12.19 32.12
C LYS C 473 54.29 -11.63 30.91
N THR C 474 53.39 -10.67 31.13
CA THR C 474 52.74 -10.00 30.01
C THR C 474 53.69 -9.07 29.29
N ILE C 475 54.77 -8.65 29.94
CA ILE C 475 55.75 -7.74 29.33
C ILE C 475 56.77 -8.55 28.54
N ALA C 476 56.52 -9.84 28.39
CA ALA C 476 57.41 -10.70 27.62
C ALA C 476 57.31 -10.48 26.12
N THR C 477 56.38 -9.63 25.67
CA THR C 477 56.22 -9.36 24.25
C THR C 477 57.49 -8.79 23.63
N THR C 478 58.37 -8.19 24.43
CA THR C 478 59.65 -7.74 23.90
C THR C 478 60.45 -8.90 23.34
N MET C 479 60.40 -10.07 23.98
CA MET C 479 61.07 -11.24 23.43
C MET C 479 60.51 -11.62 22.07
N ILE C 480 59.18 -11.58 21.92
CA ILE C 480 58.57 -11.84 20.61
C ILE C 480 59.04 -10.80 19.61
N LEU C 481 59.18 -9.55 20.04
CA LEU C 481 59.68 -8.51 19.15
C LEU C 481 61.06 -8.85 18.63
N VAL C 482 61.91 -9.48 19.45
CA VAL C 482 63.23 -9.87 19.00
C VAL C 482 63.12 -10.87 17.85
N GLY C 483 62.23 -11.84 17.99
CA GLY C 483 62.05 -12.81 16.92
C GLY C 483 61.66 -12.14 15.61
N SER C 484 60.82 -11.12 15.70
CA SER C 484 60.52 -10.33 14.51
C SER C 484 61.77 -9.64 13.98
N ILE C 485 62.57 -9.07 14.88
CA ILE C 485 63.76 -8.35 14.46
C ILE C 485 64.75 -9.30 13.80
N LEU C 486 64.94 -10.48 14.38
CA LEU C 486 65.90 -11.42 13.84
C LEU C 486 65.51 -11.85 12.43
N MET C 487 64.21 -12.12 12.21
CA MET C 487 63.80 -12.64 10.91
C MET C 487 64.13 -11.67 9.79
N TYR C 488 64.06 -10.37 10.06
CA TYR C 488 64.36 -9.40 9.03
C TYR C 488 65.82 -9.47 8.61
N MET C 489 66.66 -10.16 9.39
CA MET C 489 68.05 -10.33 9.00
C MET C 489 68.20 -11.36 7.89
N ALA C 490 67.10 -12.05 7.56
CA ALA C 490 67.12 -12.88 6.36
C ALA C 490 67.06 -12.03 5.10
N VAL C 491 66.70 -10.76 5.25
CA VAL C 491 66.62 -9.85 4.11
C VAL C 491 67.53 -8.65 4.32
N ARG D 4 -21.08 12.65 -49.26
CA ARG D 4 -19.65 12.88 -49.22
C ARG D 4 -18.91 11.69 -48.63
N THR D 5 -18.24 10.92 -49.49
CA THR D 5 -17.54 9.71 -49.06
C THR D 5 -16.04 9.95 -49.13
N VAL D 6 -15.37 9.73 -48.01
CA VAL D 6 -13.91 9.90 -47.90
C VAL D 6 -13.33 8.73 -47.13
N GLY D 7 -12.17 8.27 -47.57
CA GLY D 7 -11.42 7.26 -46.83
C GLY D 7 -12.15 5.96 -46.58
N ASP D 8 -12.80 5.41 -47.60
CA ASP D 8 -13.60 4.19 -47.47
C ASP D 8 -14.68 4.34 -46.41
N LEU D 9 -15.18 5.56 -46.24
CA LEU D 9 -16.27 5.84 -45.31
C LEU D 9 -17.24 6.81 -45.98
N THR D 10 -18.52 6.46 -45.95
CA THR D 10 -19.54 7.20 -46.69
C THR D 10 -20.35 8.06 -45.74
N TRP D 11 -20.42 9.36 -46.02
CA TRP D 11 -21.10 10.32 -45.17
C TRP D 11 -22.02 11.21 -45.99
N LEU D 12 -23.17 11.56 -45.41
CA LEU D 12 -24.05 12.54 -46.00
C LEU D 12 -24.44 13.57 -44.94
N ASN D 13 -24.50 14.83 -45.36
CA ASN D 13 -24.89 15.93 -44.48
C ASN D 13 -26.40 15.86 -44.28
N VAL D 14 -26.82 14.89 -43.48
CA VAL D 14 -28.24 14.72 -43.20
C VAL D 14 -28.74 15.89 -42.37
N SER D 15 -30.03 16.17 -42.46
CA SER D 15 -30.62 17.33 -41.81
C SER D 15 -31.97 16.95 -41.22
N THR D 16 -32.63 17.94 -40.60
CA THR D 16 -33.91 17.71 -39.97
C THR D 16 -34.96 17.21 -40.96
N THR D 17 -34.82 17.59 -42.23
CA THR D 17 -35.78 17.15 -43.24
C THR D 17 -35.69 15.65 -43.48
N ASP D 18 -34.51 15.07 -43.26
CA ASP D 18 -34.24 13.70 -43.68
C ASP D 18 -34.85 12.65 -42.77
N VAL D 19 -35.45 13.04 -41.65
CA VAL D 19 -35.99 12.05 -40.72
C VAL D 19 -37.16 11.31 -41.35
N GLY D 20 -37.17 9.99 -41.21
CA GLY D 20 -38.34 9.19 -41.54
C GLY D 20 -38.42 8.66 -42.94
N LYS D 21 -37.58 9.11 -43.87
CA LYS D 21 -37.65 8.68 -45.25
C LYS D 21 -36.33 8.04 -45.66
N TRP D 22 -36.42 6.93 -46.39
CA TRP D 22 -35.25 6.19 -46.81
C TRP D 22 -34.51 6.95 -47.90
N ILE D 23 -33.19 6.77 -47.95
CA ILE D 23 -32.34 7.34 -48.98
C ILE D 23 -31.59 6.21 -49.66
N ARG D 24 -31.87 5.99 -50.95
CA ARG D 24 -31.19 4.94 -51.70
C ARG D 24 -29.74 5.33 -51.92
N VAL D 25 -28.82 4.56 -51.36
CA VAL D 25 -27.40 4.84 -51.51
C VAL D 25 -26.64 3.56 -51.82
N LYS D 31 -25.38 0.70 -52.17
CA LYS D 31 -26.20 -0.44 -52.55
C LYS D 31 -27.21 -0.78 -51.47
N GLY D 32 -28.20 0.10 -51.29
CA GLY D 32 -29.23 -0.12 -50.29
C GLY D 32 -29.78 1.15 -49.71
N GLU D 33 -31.10 1.21 -49.54
CA GLU D 33 -31.73 2.39 -48.97
C GLU D 33 -31.36 2.52 -47.49
N CYS D 34 -31.42 3.74 -46.98
CA CYS D 34 -30.90 4.05 -45.65
C CYS D 34 -31.64 5.26 -45.11
N PHE D 35 -32.02 5.21 -43.83
CA PHE D 35 -32.78 6.29 -43.21
C PHE D 35 -32.45 6.40 -41.73
N VAL D 36 -32.79 7.54 -41.14
CA VAL D 36 -32.44 7.86 -39.76
C VAL D 36 -33.68 8.33 -39.01
N THR D 37 -33.66 8.14 -37.69
CA THR D 37 -34.75 8.58 -36.82
C THR D 37 -34.22 9.33 -35.61
N ALA D 38 -33.15 10.08 -35.77
CA ALA D 38 -32.52 10.76 -34.64
C ALA D 38 -33.41 11.85 -34.09
N THR D 39 -33.75 11.73 -32.81
CA THR D 39 -34.56 12.76 -32.15
C THR D 39 -33.81 14.09 -32.07
N ASP D 40 -32.49 14.06 -32.14
CA ASP D 40 -31.68 15.27 -32.06
C ASP D 40 -31.27 15.77 -33.44
N VAL D 41 -31.85 15.24 -34.50
CA VAL D 41 -31.53 15.69 -35.85
C VAL D 41 -31.87 17.17 -35.98
N GLY D 42 -31.16 17.89 -36.83
CA GLY D 42 -31.39 19.31 -36.98
C GLY D 42 -30.46 19.99 -37.96
N THR D 43 -29.90 21.13 -37.57
CA THR D 43 -29.05 21.90 -38.47
C THR D 43 -27.59 21.52 -38.29
N TRP D 44 -26.92 21.25 -39.41
CA TRP D 44 -25.49 20.97 -39.38
C TRP D 44 -24.73 22.19 -38.88
N CYS D 45 -23.82 21.97 -37.94
CA CYS D 45 -23.08 23.06 -37.34
C CYS D 45 -21.83 22.54 -36.63
N SER D 46 -21.20 23.39 -35.83
CA SER D 46 -20.07 22.95 -35.02
C SER D 46 -20.50 21.87 -34.03
N ASP D 47 -21.65 22.08 -33.37
CA ASP D 47 -22.18 21.09 -32.44
C ASP D 47 -22.85 19.97 -33.23
N SER D 48 -22.06 19.06 -33.77
CA SER D 48 -22.56 18.02 -34.65
C SER D 48 -22.12 16.66 -34.13
N VAL D 49 -22.80 15.62 -34.63
CA VAL D 49 -22.54 14.25 -34.22
C VAL D 49 -22.39 13.41 -35.48
N GLY D 50 -21.35 12.59 -35.52
CA GLY D 50 -21.14 11.69 -36.64
C GLY D 50 -20.75 10.30 -36.21
N TYR D 51 -21.43 9.28 -36.74
CA TYR D 51 -21.14 7.91 -36.35
C TYR D 51 -21.66 6.98 -37.45
N GLU D 52 -21.65 5.68 -37.16
CA GLU D 52 -22.00 4.66 -38.12
C GLU D 52 -23.51 4.51 -38.25
N CYS D 53 -23.91 3.73 -39.25
CA CYS D 53 -25.30 3.32 -39.44
C CYS D 53 -25.26 1.87 -39.91
N PRO D 54 -25.33 0.92 -39.00
CA PRO D 54 -25.10 -0.49 -39.37
C PRO D 54 -26.15 -0.99 -40.33
N GLN D 55 -25.68 -1.60 -41.42
CA GLN D 55 -26.57 -2.24 -42.37
C GLN D 55 -27.09 -3.54 -41.79
N ILE D 56 -28.38 -3.60 -41.51
CA ILE D 56 -28.98 -4.74 -40.84
C ILE D 56 -29.83 -5.50 -41.84
N ALA D 57 -29.73 -6.83 -41.78
CA ALA D 57 -30.48 -7.69 -42.66
C ALA D 57 -31.97 -7.57 -42.35
N PRO D 58 -32.83 -7.77 -43.35
CA PRO D 58 -34.27 -7.69 -43.09
C PRO D 58 -34.75 -8.68 -42.05
N ALA D 59 -34.07 -9.82 -41.92
CA ALA D 59 -34.50 -10.81 -40.95
C ALA D 59 -34.18 -10.35 -39.54
N TYR D 60 -34.78 -9.23 -39.15
CA TYR D 60 -34.58 -8.63 -37.84
C TYR D 60 -35.48 -7.42 -37.69
N ASP D 61 -35.45 -6.80 -36.52
CA ASP D 61 -36.17 -5.56 -36.28
C ASP D 61 -35.17 -4.51 -35.81
N PRO D 62 -35.38 -3.25 -36.18
CA PRO D 62 -34.49 -2.19 -35.70
C PRO D 62 -34.46 -2.14 -34.18
N GLU D 63 -33.28 -2.36 -33.61
CA GLU D 63 -33.11 -2.41 -32.16
C GLU D 63 -32.12 -1.33 -31.75
N ASP D 64 -32.64 -0.31 -31.06
CA ASP D 64 -31.80 0.70 -30.40
C ASP D 64 -30.95 1.48 -31.39
N LEU D 65 -31.29 1.40 -32.67
CA LEU D 65 -30.55 2.09 -33.71
C LEU D 65 -31.29 3.36 -34.08
N ASP D 66 -30.68 4.51 -33.82
CA ASP D 66 -31.28 5.77 -34.23
C ASP D 66 -31.41 5.85 -35.74
N CYS D 67 -30.62 5.06 -36.47
CA CYS D 67 -30.80 4.90 -37.90
C CYS D 67 -30.70 3.42 -38.23
N TYR D 68 -31.68 2.93 -39.00
CA TYR D 68 -31.75 1.54 -39.40
C TYR D 68 -31.53 1.48 -40.90
N CYS D 69 -30.54 0.71 -41.33
CA CYS D 69 -30.02 0.88 -42.68
C CYS D 69 -29.87 -0.47 -43.36
N ARG D 70 -29.96 -0.46 -44.69
CA ARG D 70 -30.14 -1.69 -45.47
C ARG D 70 -28.94 -1.97 -46.35
N ASN D 71 -28.22 -3.05 -46.01
CA ASN D 71 -27.30 -3.77 -46.89
C ASN D 71 -25.98 -3.03 -47.17
N THR D 72 -25.90 -1.75 -46.80
CA THR D 72 -24.68 -0.97 -46.89
C THR D 72 -24.71 0.11 -45.83
N SER D 73 -23.72 0.09 -44.93
CA SER D 73 -23.66 1.10 -43.90
C SER D 73 -23.26 2.45 -44.50
N THR D 74 -23.80 3.52 -43.91
CA THR D 74 -23.54 4.86 -44.41
C THR D 74 -23.53 5.82 -43.24
N TYR D 75 -22.44 6.57 -43.10
CA TYR D 75 -22.26 7.40 -41.91
C TYR D 75 -23.11 8.66 -42.01
N VAL D 76 -23.51 9.18 -40.85
CA VAL D 76 -24.43 10.31 -40.77
C VAL D 76 -23.77 11.43 -39.99
N THR D 77 -24.16 12.67 -40.28
CA THR D 77 -23.51 13.85 -39.72
C THR D 77 -24.54 14.91 -39.35
N TYR D 78 -25.63 14.51 -38.71
CA TYR D 78 -26.66 15.47 -38.33
C TYR D 78 -26.19 16.32 -37.16
N GLY D 79 -26.34 17.64 -37.29
CA GLY D 79 -26.04 18.54 -36.20
C GLY D 79 -27.21 18.71 -35.25
N ARG D 80 -26.89 18.92 -33.98
CA ARG D 80 -27.90 19.08 -32.94
C ARG D 80 -28.22 20.56 -32.68
N CYS D 81 -28.14 21.38 -33.72
CA CYS D 81 -28.47 22.80 -33.61
C CYS D 81 -29.97 23.06 -33.75
N LYS D 82 -30.79 22.06 -33.48
CA LYS D 82 -32.23 22.21 -33.64
C LYS D 82 -32.75 23.39 -32.83
N ASN D 83 -33.67 24.14 -33.44
CA ASN D 83 -34.29 25.31 -32.81
C ASN D 83 -33.23 26.35 -32.45
N GLY D 84 -32.15 26.39 -33.22
CA GLY D 84 -31.12 27.39 -33.03
C GLY D 84 -30.24 27.17 -31.81
N ARG D 85 -30.86 27.13 -30.64
CA ARG D 85 -30.10 27.00 -29.40
C ARG D 85 -29.49 25.60 -29.28
N SER D 86 -28.49 25.50 -28.41
CA SER D 86 -27.71 24.27 -28.29
C SER D 86 -28.55 23.14 -27.71
N GLY D 87 -28.14 21.91 -28.03
CA GLY D 87 -28.84 20.75 -27.53
C GLY D 87 -28.71 20.61 -26.02
N ARG D 88 -29.60 19.80 -25.46
CA ARG D 88 -29.65 19.62 -24.01
C ARG D 88 -28.37 18.96 -23.51
N SER D 89 -27.96 19.30 -22.29
CA SER D 89 -26.69 18.82 -21.76
C SER D 89 -26.79 17.37 -21.29
N ARG D 90 -27.97 16.96 -20.82
CA ARG D 90 -28.16 15.64 -20.20
C ARG D 90 -27.22 15.47 -19.01
N SER D 91 -27.07 16.53 -18.21
CA SER D 91 -26.14 16.51 -17.08
C SER D 91 -26.52 15.44 -16.08
N LYS D 92 -25.53 14.67 -15.63
CA LYS D 92 -25.78 13.56 -14.72
C LYS D 92 -24.74 13.45 -13.61
N ARG D 93 -24.21 14.56 -13.12
CA ARG D 93 -23.24 14.51 -12.04
C ARG D 93 -23.29 15.78 -11.21
N ALA D 94 -22.77 15.67 -9.99
CA ALA D 94 -22.60 16.78 -9.07
C ALA D 94 -21.16 16.90 -8.57
N ILE D 95 -20.35 17.76 -9.17
CA ILE D 95 -18.90 17.74 -9.04
C ILE D 95 -18.43 18.18 -7.66
N THR D 96 -19.37 18.43 -6.75
CA THR D 96 -19.14 19.24 -5.56
C THR D 96 -17.76 19.03 -4.94
N ILE D 97 -17.17 20.14 -4.50
CA ILE D 97 -15.74 20.24 -4.20
C ILE D 97 -15.56 20.77 -2.79
N ALA D 98 -14.42 20.46 -2.20
CA ALA D 98 -14.24 20.67 -0.77
C ALA D 98 -14.21 22.16 -0.44
N PRO D 99 -15.06 22.62 0.47
CA PRO D 99 -15.00 24.03 0.89
C PRO D 99 -13.66 24.38 1.51
N HIS D 100 -13.25 25.64 1.33
CA HIS D 100 -11.89 26.03 1.70
C HIS D 100 -11.71 26.16 3.19
N GLY D 101 -12.77 26.49 3.93
CA GLY D 101 -12.61 26.82 5.33
C GLY D 101 -11.99 28.20 5.52
N GLU D 102 -12.28 28.79 6.68
CA GLU D 102 -11.94 30.19 6.90
C GLU D 102 -10.44 30.43 6.90
N ALA D 103 -9.67 29.52 7.48
CA ALA D 103 -8.23 29.70 7.63
C ALA D 103 -7.51 29.77 6.29
N ALA D 117 3.43 30.21 22.10
CA ALA D 117 2.38 29.28 22.55
C ALA D 117 1.73 29.80 23.83
N THR D 118 0.42 30.03 23.76
CA THR D 118 -0.30 30.53 24.92
C THR D 118 -0.25 29.51 26.06
N PRO D 119 -0.01 29.97 27.28
CA PRO D 119 0.03 29.04 28.42
C PRO D 119 -1.29 28.35 28.68
N GLN D 120 -2.41 28.89 28.21
CA GLN D 120 -3.69 28.20 28.38
C GLN D 120 -3.71 26.90 27.61
N ARG D 121 -3.33 26.94 26.33
CA ARG D 121 -3.25 25.70 25.57
C ARG D 121 -2.19 24.76 26.10
N TYR D 122 -1.08 25.29 26.61
CA TYR D 122 -0.08 24.41 27.20
C TYR D 122 -0.61 23.74 28.47
N LEU D 123 -1.39 24.47 29.26
CA LEU D 123 -2.06 23.84 30.39
C LEU D 123 -3.01 22.76 29.91
N MET D 124 -3.70 23.01 28.80
CA MET D 124 -4.53 21.96 28.21
C MET D 124 -3.70 20.74 27.86
N ARG D 125 -2.52 20.96 27.27
CA ARG D 125 -1.65 19.84 26.90
C ARG D 125 -1.20 19.06 28.13
N VAL D 126 -0.80 19.75 29.18
CA VAL D 126 -0.29 19.05 30.37
C VAL D 126 -1.43 18.32 31.08
N GLU D 127 -2.62 18.92 31.08
CA GLU D 127 -3.77 18.23 31.65
C GLU D 127 -4.12 16.99 30.85
N LYS D 128 -4.07 17.07 29.52
CA LYS D 128 -4.32 15.89 28.71
C LYS D 128 -3.21 14.87 28.88
N TRP D 129 -2.01 15.30 29.26
CA TRP D 129 -0.95 14.36 29.58
C TRP D 129 -1.26 13.62 30.87
N VAL D 130 -1.61 14.36 31.93
CA VAL D 130 -1.85 13.74 33.23
C VAL D 130 -3.05 12.81 33.15
N LEU D 131 -4.10 13.23 32.45
CA LEU D 131 -5.24 12.33 32.24
C LEU D 131 -4.90 11.24 31.24
N ARG D 132 -3.85 11.45 30.44
CA ARG D 132 -3.48 10.47 29.43
C ARG D 132 -2.59 9.41 30.03
N HIS D 133 -1.72 9.80 30.96
CA HIS D 133 -0.81 8.87 31.62
C HIS D 133 -0.99 9.03 33.13
N PRO D 134 -2.09 8.51 33.67
CA PRO D 134 -2.32 8.68 35.12
C PRO D 134 -1.28 8.00 35.98
N LEU D 135 -0.88 6.78 35.65
CA LEU D 135 0.13 6.11 36.45
C LEU D 135 1.48 6.81 36.42
N PRO D 136 2.05 7.18 35.26
CA PRO D 136 3.31 7.93 35.29
C PRO D 136 3.18 9.26 36.02
N ALA D 137 2.04 9.93 35.87
CA ALA D 137 1.83 11.19 36.58
C ALA D 137 1.82 10.98 38.08
N LEU D 138 1.15 9.94 38.56
CA LEU D 138 1.15 9.64 39.98
C LEU D 138 2.57 9.32 40.45
N VAL D 139 3.33 8.60 39.63
CA VAL D 139 4.72 8.29 39.98
C VAL D 139 5.52 9.57 40.14
N LEU D 140 5.38 10.50 39.18
CA LEU D 140 6.11 11.75 39.24
C LEU D 140 5.70 12.58 40.45
N VAL D 141 4.39 12.60 40.75
CA VAL D 141 3.91 13.35 41.90
C VAL D 141 4.44 12.76 43.20
N VAL D 142 4.51 11.44 43.31
CA VAL D 142 5.04 10.80 44.51
C VAL D 142 6.53 11.11 44.63
N LEU D 143 7.25 11.04 43.52
CA LEU D 143 8.69 11.28 43.55
C LEU D 143 9.01 12.72 43.95
N GLY D 144 8.29 13.70 43.38
CA GLY D 144 8.62 15.09 43.63
C GLY D 144 8.34 15.55 45.04
N TRP D 145 7.36 14.93 45.71
CA TRP D 145 6.99 15.38 47.04
C TRP D 145 8.08 15.13 48.06
N MET D 146 8.72 13.96 48.01
CA MET D 146 9.75 13.60 48.97
C MET D 146 10.99 14.47 48.81
N HIS D 151 7.37 20.52 46.29
CA HIS D 151 6.01 20.79 45.83
C HIS D 151 6.01 21.51 44.49
N GLY D 152 6.50 22.76 44.49
CA GLY D 152 6.63 23.48 43.24
C GLY D 152 7.55 22.78 42.26
N GLN D 153 8.61 22.15 42.78
CA GLN D 153 9.48 21.35 41.94
C GLN D 153 8.70 20.20 41.30
N ARG D 154 7.74 19.63 42.02
CA ARG D 154 6.93 18.57 41.43
C ARG D 154 6.10 19.09 40.27
N ALA D 155 5.50 20.26 40.41
CA ALA D 155 4.73 20.84 39.30
C ALA D 155 5.63 21.13 38.11
N MET D 156 6.82 21.67 38.37
CA MET D 156 7.76 21.91 37.30
C MET D 156 8.13 20.60 36.60
N TYR D 157 8.33 19.54 37.39
CA TYR D 157 8.64 18.24 36.80
C TYR D 157 7.49 17.74 35.95
N ILE D 158 6.25 17.98 36.39
CA ILE D 158 5.09 17.57 35.61
C ILE D 158 5.07 18.30 34.27
N VAL D 159 5.31 19.60 34.29
CA VAL D 159 5.33 20.37 33.05
C VAL D 159 6.43 19.86 32.13
N LEU D 160 7.61 19.62 32.70
CA LEU D 160 8.74 19.12 31.90
C LEU D 160 8.43 17.76 31.30
N MET D 161 7.82 16.86 32.08
CA MET D 161 7.49 15.54 31.58
C MET D 161 6.47 15.61 30.46
N LEU D 162 5.46 16.47 30.61
CA LEU D 162 4.51 16.66 29.52
C LEU D 162 5.21 17.17 28.27
N LEU D 163 6.21 18.04 28.44
CA LEU D 163 7.01 18.48 27.31
C LEU D 163 7.78 17.32 26.69
N VAL D 164 8.37 16.45 27.53
CA VAL D 164 9.28 15.43 27.03
C VAL D 164 8.55 14.41 26.19
N ALA D 165 7.40 13.95 26.66
CA ALA D 165 6.63 12.96 25.92
C ALA D 165 5.89 13.62 24.76
N ARG E 4 -57.10 4.77 -31.08
CA ARG E 4 -58.11 4.37 -30.10
C ARG E 4 -58.09 5.29 -28.89
N THR E 5 -58.92 6.32 -28.90
CA THR E 5 -58.96 7.32 -27.84
C THR E 5 -59.83 6.79 -26.71
N VAL E 6 -59.25 6.72 -25.51
CA VAL E 6 -59.92 6.17 -24.34
C VAL E 6 -59.64 7.07 -23.15
N GLY E 7 -60.66 7.29 -22.33
CA GLY E 7 -60.48 7.97 -21.05
C GLY E 7 -60.02 9.40 -21.14
N ASP E 8 -60.66 10.21 -21.99
CA ASP E 8 -60.35 11.62 -22.15
C ASP E 8 -58.91 11.86 -22.58
N LEU E 9 -58.29 10.85 -23.18
CA LEU E 9 -56.94 10.96 -23.72
C LEU E 9 -56.89 10.15 -25.00
N THR E 10 -56.18 10.68 -25.99
CA THR E 10 -56.09 10.04 -27.30
C THR E 10 -54.88 9.11 -27.33
N TRP E 11 -55.13 7.82 -27.47
CA TRP E 11 -54.08 6.82 -27.58
C TRP E 11 -54.17 6.16 -28.95
N LEU E 12 -53.02 5.72 -29.46
CA LEU E 12 -52.98 5.00 -30.73
C LEU E 12 -51.99 3.87 -30.62
N ASN E 13 -52.42 2.68 -31.05
CA ASN E 13 -51.59 1.48 -30.99
C ASN E 13 -50.56 1.56 -32.11
N VAL E 14 -49.52 2.34 -31.85
CA VAL E 14 -48.42 2.48 -32.79
C VAL E 14 -47.71 1.13 -32.95
N SER E 15 -47.01 0.96 -34.07
CA SER E 15 -46.32 -0.28 -34.35
C SER E 15 -45.07 0.01 -35.14
N THR E 16 -44.33 -1.05 -35.48
CA THR E 16 -43.08 -0.90 -36.19
C THR E 16 -43.27 -0.20 -37.52
N THR E 17 -44.36 -0.53 -38.23
CA THR E 17 -44.62 0.11 -39.51
C THR E 17 -45.03 1.57 -39.34
N ASP E 18 -45.57 1.93 -38.18
CA ASP E 18 -46.12 3.27 -38.01
C ASP E 18 -45.04 4.33 -37.86
N VAL E 19 -43.88 3.97 -37.31
CA VAL E 19 -42.82 4.96 -37.14
C VAL E 19 -42.30 5.36 -38.52
N GLY E 20 -41.90 6.62 -38.64
CA GLY E 20 -41.47 7.15 -39.91
C GLY E 20 -42.59 7.55 -40.84
N LYS E 21 -43.84 7.46 -40.41
CA LYS E 21 -45.00 7.80 -41.23
C LYS E 21 -45.92 8.71 -40.44
N TRP E 22 -46.57 9.64 -41.13
CA TRP E 22 -47.48 10.55 -40.48
C TRP E 22 -48.82 9.88 -40.21
N ILE E 23 -49.49 10.34 -39.15
CA ILE E 23 -50.83 9.90 -38.80
C ILE E 23 -51.67 11.13 -38.46
N ARG E 24 -52.81 11.28 -39.14
CA ARG E 24 -53.69 12.42 -38.90
C ARG E 24 -54.85 11.95 -38.01
N VAL E 25 -54.98 12.58 -36.84
CA VAL E 25 -56.06 12.25 -35.91
C VAL E 25 -56.70 13.52 -35.38
N LYS E 31 -57.55 16.34 -34.22
CA LYS E 31 -57.84 17.03 -35.47
C LYS E 31 -56.57 17.51 -36.17
N GLY E 32 -55.48 16.76 -35.97
CA GLY E 32 -54.21 17.14 -36.54
C GLY E 32 -53.43 15.93 -37.02
N GLU E 33 -52.42 16.20 -37.84
CA GLU E 33 -51.52 15.17 -38.34
C GLU E 33 -50.37 15.01 -37.36
N CYS E 34 -50.13 13.79 -36.92
CA CYS E 34 -49.11 13.52 -35.92
C CYS E 34 -48.16 12.46 -36.43
N PHE E 35 -46.95 12.42 -35.86
CA PHE E 35 -45.91 11.58 -36.42
C PHE E 35 -44.93 11.17 -35.33
N VAL E 36 -44.67 9.87 -35.24
CA VAL E 36 -43.76 9.31 -34.24
C VAL E 36 -42.44 8.97 -34.90
N THR E 37 -41.34 9.15 -34.14
CA THR E 37 -40.01 8.86 -34.66
C THR E 37 -39.16 8.12 -33.63
N ALA E 38 -39.79 7.56 -32.60
CA ALA E 38 -39.06 6.82 -31.60
C ALA E 38 -38.41 5.58 -32.22
N THR E 39 -37.24 5.22 -31.69
CA THR E 39 -36.49 4.12 -32.26
C THR E 39 -36.80 2.80 -31.57
N ASP E 40 -37.06 2.83 -30.26
CA ASP E 40 -37.33 1.62 -29.50
C ASP E 40 -38.75 1.10 -29.69
N VAL E 41 -39.55 1.76 -30.54
CA VAL E 41 -40.95 1.38 -30.66
C VAL E 41 -41.09 0.04 -31.38
N GLY E 42 -42.07 -0.74 -30.93
CA GLY E 42 -42.36 -2.04 -31.52
C GLY E 42 -43.84 -2.34 -31.53
N THR E 43 -44.21 -3.55 -31.12
CA THR E 43 -45.61 -3.96 -31.00
C THR E 43 -45.99 -4.09 -29.53
N TRP E 44 -47.27 -4.38 -29.29
CA TRP E 44 -47.69 -4.66 -27.92
C TRP E 44 -46.94 -5.85 -27.35
N CYS E 45 -46.51 -5.71 -26.10
CA CYS E 45 -45.75 -6.73 -25.39
C CYS E 45 -46.27 -6.77 -23.97
N SER E 46 -45.53 -7.47 -23.10
CA SER E 46 -45.82 -7.39 -21.68
C SER E 46 -45.41 -6.03 -21.11
N ASP E 47 -44.31 -5.47 -21.62
CA ASP E 47 -43.83 -4.17 -21.19
C ASP E 47 -44.00 -3.18 -22.34
N SER E 48 -44.66 -2.06 -22.07
CA SER E 48 -44.90 -1.03 -23.07
C SER E 48 -44.57 0.32 -22.48
N VAL E 49 -44.62 1.35 -23.33
CA VAL E 49 -44.30 2.71 -22.94
C VAL E 49 -45.47 3.62 -23.28
N GLY E 50 -45.89 4.44 -22.33
CA GLY E 50 -46.97 5.38 -22.55
C GLY E 50 -46.57 6.78 -22.12
N TYR E 51 -46.90 7.76 -22.96
CA TYR E 51 -46.67 9.16 -22.64
C TYR E 51 -47.37 10.01 -23.70
N GLU E 52 -47.46 11.31 -23.42
CA GLU E 52 -48.08 12.25 -24.34
C GLU E 52 -47.17 12.50 -25.53
N CYS E 53 -47.74 13.04 -26.59
CA CYS E 53 -47.03 13.37 -27.82
C CYS E 53 -47.37 14.80 -28.18
N PRO E 54 -46.80 15.77 -27.47
CA PRO E 54 -47.24 17.16 -27.61
C PRO E 54 -47.05 17.68 -29.02
N GLN E 55 -47.93 18.61 -29.41
CA GLN E 55 -47.91 19.21 -30.74
C GLN E 55 -46.85 20.30 -30.77
N ILE E 56 -45.73 20.02 -31.42
CA ILE E 56 -44.65 20.99 -31.57
C ILE E 56 -44.67 21.51 -33.00
N ALA E 57 -45.86 21.50 -33.61
CA ALA E 57 -46.00 21.98 -34.98
C ALA E 57 -45.61 23.44 -35.22
N PRO E 58 -45.66 24.36 -34.24
CA PRO E 58 -45.18 25.72 -34.50
C PRO E 58 -43.79 25.73 -35.13
N ALA E 59 -43.48 26.83 -35.80
CA ALA E 59 -42.42 26.99 -36.82
C ALA E 59 -41.18 26.18 -36.43
N TYR E 60 -40.64 26.34 -35.22
CA TYR E 60 -39.37 25.71 -34.89
C TYR E 60 -39.54 24.20 -34.72
N ASP E 61 -38.47 23.48 -35.00
CA ASP E 61 -38.50 22.02 -35.00
C ASP E 61 -38.60 21.48 -33.57
N PRO E 62 -39.09 20.25 -33.42
CA PRO E 62 -39.14 19.64 -32.09
C PRO E 62 -37.75 19.42 -31.48
N GLU E 63 -37.64 19.49 -30.16
CA GLU E 63 -36.40 19.23 -29.46
C GLU E 63 -36.69 18.31 -28.27
N ASP E 64 -35.83 17.32 -28.06
CA ASP E 64 -36.03 16.31 -27.02
C ASP E 64 -37.40 15.66 -27.14
N LEU E 65 -37.79 15.34 -28.37
CA LEU E 65 -39.10 14.78 -28.64
C LEU E 65 -38.94 13.60 -29.58
N ASP E 66 -39.23 12.40 -29.08
CA ASP E 66 -39.22 11.23 -29.95
C ASP E 66 -40.38 11.27 -30.94
N CYS E 67 -41.48 11.90 -30.53
CA CYS E 67 -42.66 12.05 -31.38
C CYS E 67 -43.27 13.42 -31.16
N TYR E 68 -44.08 13.85 -32.13
CA TYR E 68 -44.75 15.14 -32.04
C TYR E 68 -45.99 15.12 -32.92
N CYS E 69 -46.97 15.95 -32.55
CA CYS E 69 -48.21 16.05 -33.28
C CYS E 69 -48.32 17.43 -33.91
N ARG E 70 -49.46 17.75 -34.52
CA ARG E 70 -49.61 19.06 -35.14
C ARG E 70 -50.57 19.96 -34.38
N ASN E 71 -51.81 19.51 -34.19
CA ASN E 71 -52.82 20.38 -33.59
C ASN E 71 -53.31 19.80 -32.27
N THR E 72 -53.50 18.48 -32.23
CA THR E 72 -53.95 17.79 -31.02
C THR E 72 -52.90 16.79 -30.60
N SER E 73 -52.46 16.88 -29.34
CA SER E 73 -51.47 15.97 -28.83
C SER E 73 -52.09 14.60 -28.56
N THR E 74 -51.28 13.56 -28.61
CA THR E 74 -51.75 12.19 -28.48
C THR E 74 -50.89 11.44 -27.48
N TYR E 75 -51.31 10.23 -27.15
CA TYR E 75 -50.51 9.36 -26.31
C TYR E 75 -50.20 8.07 -27.06
N VAL E 76 -49.01 7.53 -26.81
CA VAL E 76 -48.49 6.41 -27.59
C VAL E 76 -48.36 5.19 -26.70
N THR E 77 -48.45 4.01 -27.31
CA THR E 77 -48.49 2.75 -26.58
C THR E 77 -47.64 1.67 -27.26
N TYR E 78 -46.45 2.02 -27.70
CA TYR E 78 -45.59 1.00 -28.28
C TYR E 78 -44.97 0.13 -27.18
N GLY E 79 -44.58 -1.08 -27.57
CA GLY E 79 -43.85 -1.98 -26.71
C GLY E 79 -42.46 -2.24 -27.24
N ARG E 80 -41.84 -3.29 -26.70
CA ARG E 80 -40.44 -3.61 -27.00
C ARG E 80 -40.33 -5.07 -27.45
N CYS E 81 -41.19 -5.45 -28.38
CA CYS E 81 -41.12 -6.80 -28.96
C CYS E 81 -40.07 -6.88 -30.06
N LYS E 82 -38.85 -6.47 -29.74
CA LYS E 82 -37.77 -6.54 -30.72
C LYS E 82 -37.34 -7.98 -30.97
N ASN E 83 -37.87 -8.91 -30.19
CA ASN E 83 -37.49 -10.34 -30.20
C ASN E 83 -35.99 -10.56 -30.38
N ARG E 88 -32.12 -4.82 -22.71
CA ARG E 88 -32.69 -3.54 -22.30
C ARG E 88 -32.26 -3.18 -20.90
N SER E 89 -31.13 -3.74 -20.46
CA SER E 89 -30.63 -3.52 -19.11
C SER E 89 -29.68 -2.33 -19.10
N ARG E 90 -30.26 -1.16 -19.36
CA ARG E 90 -29.52 0.09 -19.23
C ARG E 90 -29.10 0.31 -17.78
N SER E 91 -27.90 0.86 -17.61
CA SER E 91 -27.37 1.24 -16.30
C SER E 91 -27.32 0.05 -15.35
N LYS E 92 -26.57 -0.97 -15.74
CA LYS E 92 -26.37 -2.12 -14.87
C LYS E 92 -25.50 -1.73 -13.68
N ARG E 93 -25.97 -2.09 -12.47
CA ARG E 93 -25.19 -1.84 -11.25
C ARG E 93 -25.58 -2.92 -10.24
N ALA E 94 -24.79 -3.98 -10.17
CA ALA E 94 -25.11 -5.09 -9.28
C ALA E 94 -25.17 -4.63 -7.83
N ILE E 95 -26.17 -5.12 -7.11
CA ILE E 95 -26.27 -4.80 -5.69
C ILE E 95 -25.22 -5.56 -4.92
N THR E 96 -24.15 -4.88 -4.53
CA THR E 96 -23.16 -5.50 -3.68
C THR E 96 -23.81 -5.92 -2.37
N ILE E 97 -23.23 -6.93 -1.74
CA ILE E 97 -23.84 -7.59 -0.60
C ILE E 97 -22.76 -7.87 0.43
N ALA E 98 -23.17 -7.96 1.68
CA ALA E 98 -22.24 -8.37 2.72
C ALA E 98 -21.75 -9.79 2.43
N PRO E 99 -20.47 -10.04 2.65
CA PRO E 99 -19.97 -11.41 2.52
C PRO E 99 -20.39 -12.24 3.70
N HIS E 100 -20.74 -13.49 3.45
CA HIS E 100 -21.42 -14.26 4.49
C HIS E 100 -20.49 -14.58 5.65
N GLY E 101 -19.39 -15.28 5.39
CA GLY E 101 -18.62 -15.86 6.47
C GLY E 101 -18.18 -14.84 7.50
N GLU E 102 -17.99 -13.59 7.10
CA GLU E 102 -17.60 -12.56 8.04
C GLU E 102 -18.78 -12.05 8.86
N ALA E 103 -20.01 -12.38 8.51
CA ALA E 103 -21.15 -11.91 9.31
C ALA E 103 -21.12 -12.51 10.70
N GLY E 104 -20.86 -13.81 10.79
CA GLY E 104 -20.82 -14.46 12.09
C GLY E 104 -19.74 -13.91 12.98
N LEU E 105 -18.80 -13.18 12.42
CA LEU E 105 -17.81 -12.48 13.22
C LEU E 105 -18.24 -11.06 13.53
N ARG E 106 -18.74 -10.34 12.52
CA ARG E 106 -19.03 -8.94 12.71
C ARG E 106 -20.16 -8.73 13.70
N VAL E 107 -21.24 -9.48 13.58
CA VAL E 107 -22.32 -9.29 14.55
C VAL E 107 -21.81 -9.60 15.95
N GLY E 108 -21.04 -10.66 16.10
CA GLY E 108 -20.50 -11.00 17.40
C GLY E 108 -19.53 -9.98 17.94
N SER E 109 -19.00 -9.12 17.07
CA SER E 109 -18.08 -8.09 17.54
C SER E 109 -18.76 -7.13 18.51
N THR E 110 -19.99 -6.71 18.22
CA THR E 110 -20.58 -5.59 18.96
C THR E 110 -21.01 -6.00 20.37
N LYS E 111 -21.63 -7.16 20.53
CA LYS E 111 -22.10 -7.57 21.85
C LYS E 111 -20.93 -7.67 22.81
N HIS E 112 -21.23 -7.65 24.11
CA HIS E 112 -20.19 -7.75 25.13
C HIS E 112 -20.59 -8.84 26.11
N TRP E 113 -19.59 -9.59 26.59
CA TRP E 113 -19.65 -10.47 27.75
C TRP E 113 -20.68 -11.57 27.58
N THR E 114 -21.38 -11.64 26.45
CA THR E 114 -22.09 -12.84 26.06
C THR E 114 -21.21 -13.77 25.25
N SER E 115 -20.21 -13.21 24.59
CA SER E 115 -19.13 -14.00 24.00
C SER E 115 -17.95 -14.11 24.94
N ARG E 116 -18.10 -13.71 26.20
CA ARG E 116 -17.03 -13.91 27.17
C ARG E 116 -16.78 -15.40 27.38
N ALA E 117 -17.84 -16.17 27.65
CA ALA E 117 -17.74 -17.61 27.83
C ALA E 117 -16.66 -17.98 28.86
N THR E 118 -16.89 -17.57 30.10
CA THR E 118 -15.87 -17.75 31.14
C THR E 118 -15.54 -19.20 31.49
N PRO E 119 -16.41 -20.21 31.33
CA PRO E 119 -15.99 -21.55 31.77
C PRO E 119 -14.73 -22.05 31.10
N GLN E 120 -14.58 -21.80 29.81
CA GLN E 120 -13.42 -22.24 29.06
C GLN E 120 -12.63 -21.08 28.46
N ARG E 121 -13.30 -20.20 27.71
CA ARG E 121 -12.59 -19.30 26.82
C ARG E 121 -11.63 -18.39 27.58
N TYR E 122 -12.02 -17.92 28.76
CA TYR E 122 -11.08 -17.13 29.55
C TYR E 122 -9.88 -17.98 29.97
N LEU E 123 -10.09 -19.26 30.23
CA LEU E 123 -8.95 -20.12 30.54
C LEU E 123 -8.03 -20.26 29.33
N MET E 124 -8.60 -20.40 28.12
CA MET E 124 -7.77 -20.42 26.93
C MET E 124 -6.96 -19.14 26.83
N ARG E 125 -7.58 -18.00 27.14
CA ARG E 125 -6.83 -16.76 27.17
C ARG E 125 -5.71 -16.81 28.19
N VAL E 126 -5.97 -17.43 29.35
CA VAL E 126 -4.96 -17.53 30.39
C VAL E 126 -3.75 -18.30 29.90
N GLU E 127 -4.00 -19.43 29.23
CA GLU E 127 -2.89 -20.22 28.70
C GLU E 127 -2.18 -19.49 27.58
N LYS E 128 -2.93 -18.83 26.70
CA LYS E 128 -2.29 -18.07 25.62
C LYS E 128 -1.40 -16.99 26.18
N TRP E 129 -1.83 -16.34 27.26
CA TRP E 129 -0.98 -15.33 27.89
C TRP E 129 0.23 -15.95 28.56
N VAL E 130 0.04 -17.07 29.24
CA VAL E 130 1.16 -17.71 29.92
C VAL E 130 2.23 -18.09 28.92
N LEU E 131 1.82 -18.55 27.74
CA LEU E 131 2.80 -18.88 26.71
C LEU E 131 3.39 -17.63 26.06
N ARG E 132 2.56 -16.63 25.79
CA ARG E 132 2.97 -15.53 24.92
C ARG E 132 4.03 -14.66 25.56
N HIS E 133 3.97 -14.49 26.89
CA HIS E 133 4.93 -13.66 27.61
C HIS E 133 5.48 -14.45 28.79
N PRO E 134 6.24 -15.52 28.51
CA PRO E 134 6.63 -16.43 29.60
C PRO E 134 7.55 -15.81 30.62
N LEU E 135 8.38 -14.84 30.23
CA LEU E 135 9.30 -14.25 31.20
C LEU E 135 8.54 -13.51 32.31
N PRO E 136 7.61 -12.59 32.00
CA PRO E 136 6.83 -11.98 33.07
C PRO E 136 6.02 -13.00 33.85
N ALA E 137 5.53 -14.05 33.20
CA ALA E 137 4.76 -15.07 33.92
C ALA E 137 5.63 -15.78 34.94
N LEU E 138 6.84 -16.17 34.53
CA LEU E 138 7.75 -16.82 35.46
C LEU E 138 8.11 -15.89 36.61
N VAL E 139 8.37 -14.63 36.32
CA VAL E 139 8.67 -13.67 37.39
C VAL E 139 7.50 -13.60 38.36
N LEU E 140 6.29 -13.50 37.82
CA LEU E 140 5.10 -13.35 38.66
C LEU E 140 4.87 -14.58 39.53
N VAL E 141 5.00 -15.78 38.96
CA VAL E 141 4.73 -16.99 39.74
C VAL E 141 5.81 -17.19 40.79
N VAL E 142 7.06 -16.86 40.45
CA VAL E 142 8.13 -16.96 41.44
C VAL E 142 7.88 -16.01 42.59
N LEU E 143 7.50 -14.77 42.29
CA LEU E 143 7.19 -13.82 43.34
C LEU E 143 6.01 -14.29 44.18
N GLY E 144 4.99 -14.84 43.53
CA GLY E 144 3.82 -15.32 44.25
C GLY E 144 4.13 -16.45 45.21
N TRP E 145 4.94 -17.41 44.78
CA TRP E 145 5.32 -18.47 45.70
C TRP E 145 6.30 -17.98 46.76
N MET E 146 7.06 -16.92 46.46
CA MET E 146 7.94 -16.35 47.47
C MET E 146 7.15 -15.83 48.67
N MET E 147 5.91 -15.40 48.45
CA MET E 147 5.06 -14.94 49.53
C MET E 147 3.70 -15.62 49.49
N HIS E 151 0.53 -20.60 48.30
CA HIS E 151 -0.45 -21.59 47.90
C HIS E 151 -1.15 -21.19 46.60
N GLY E 152 -2.47 -21.08 46.66
CA GLY E 152 -3.23 -20.71 45.46
C GLY E 152 -3.07 -19.26 45.07
N GLN E 153 -2.43 -18.47 45.93
CA GLN E 153 -2.20 -17.06 45.62
C GLN E 153 -1.43 -16.90 44.32
N ARG E 154 -0.52 -17.82 44.02
CA ARG E 154 0.22 -17.75 42.77
C ARG E 154 -0.71 -17.90 41.58
N ALA E 155 -1.65 -18.86 41.65
CA ALA E 155 -2.60 -19.05 40.56
C ALA E 155 -3.51 -17.83 40.43
N MET E 156 -3.94 -17.28 41.56
CA MET E 156 -4.78 -16.08 41.50
C MET E 156 -4.03 -14.93 40.83
N TYR E 157 -2.75 -14.74 41.18
CA TYR E 157 -1.96 -13.70 40.55
C TYR E 157 -1.80 -13.94 39.06
N ILE E 158 -1.59 -15.19 38.67
CA ILE E 158 -1.45 -15.51 37.25
C ILE E 158 -2.72 -15.17 36.50
N VAL E 159 -3.88 -15.56 37.04
CA VAL E 159 -5.14 -15.26 36.39
C VAL E 159 -5.35 -13.76 36.29
N LEU E 160 -5.05 -13.04 37.37
CA LEU E 160 -5.21 -11.59 37.37
C LEU E 160 -4.33 -10.95 36.30
N MET E 161 -3.06 -11.35 36.24
CA MET E 161 -2.17 -10.79 35.24
C MET E 161 -2.61 -11.11 33.83
N LEU E 162 -3.07 -12.34 33.58
CA LEU E 162 -3.62 -12.67 32.28
C LEU E 162 -4.78 -11.75 31.95
N LEU E 163 -5.57 -11.40 32.96
CA LEU E 163 -6.66 -10.45 32.74
C LEU E 163 -6.14 -9.05 32.43
N VAL E 164 -5.00 -8.67 33.02
CA VAL E 164 -4.48 -7.32 32.84
C VAL E 164 -4.23 -7.06 31.36
N ALA E 165 -3.69 -8.04 30.67
CA ALA E 165 -3.59 -7.97 29.22
C ALA E 165 -4.56 -8.99 28.62
N ARG F 4 -11.01 -26.80 -54.15
CA ARG F 4 -10.17 -27.96 -53.91
C ARG F 4 -10.74 -28.82 -52.79
N THR F 5 -11.50 -29.85 -53.15
CA THR F 5 -12.15 -30.75 -52.21
C THR F 5 -11.24 -31.94 -51.98
N VAL F 6 -10.79 -32.11 -50.73
CA VAL F 6 -9.97 -33.25 -50.34
C VAL F 6 -10.43 -33.74 -48.99
N GLY F 7 -10.15 -35.00 -48.71
CA GLY F 7 -10.49 -35.59 -47.42
C GLY F 7 -11.97 -35.53 -47.07
N ASP F 8 -12.83 -35.75 -48.06
CA ASP F 8 -14.29 -35.70 -47.89
C ASP F 8 -14.76 -34.33 -47.40
N LEU F 9 -13.97 -33.29 -47.61
CA LEU F 9 -14.33 -31.94 -47.22
C LEU F 9 -14.05 -30.99 -48.38
N THR F 10 -14.96 -30.07 -48.62
CA THR F 10 -14.84 -29.13 -49.72
C THR F 10 -14.12 -27.88 -49.25
N TRP F 11 -12.96 -27.60 -49.84
CA TRP F 11 -12.18 -26.41 -49.55
C TRP F 11 -12.04 -25.59 -50.83
N LEU F 12 -12.01 -24.26 -50.67
CA LEU F 12 -11.84 -23.37 -51.79
C LEU F 12 -11.13 -22.11 -51.33
N ASN F 13 -10.14 -21.69 -52.11
CA ASN F 13 -9.32 -20.53 -51.79
C ASN F 13 -10.14 -19.28 -52.07
N VAL F 14 -11.06 -18.99 -51.15
CA VAL F 14 -11.85 -17.77 -51.24
C VAL F 14 -10.94 -16.56 -51.11
N SER F 15 -11.42 -15.42 -51.58
CA SER F 15 -10.67 -14.18 -51.53
C SER F 15 -11.62 -13.05 -51.17
N THR F 16 -11.11 -11.82 -51.23
CA THR F 16 -11.97 -10.66 -51.00
C THR F 16 -13.03 -10.50 -52.06
N THR F 17 -12.83 -11.09 -53.25
CA THR F 17 -13.76 -10.90 -54.35
C THR F 17 -15.09 -11.62 -54.10
N ASP F 18 -15.04 -12.87 -53.67
CA ASP F 18 -16.24 -13.70 -53.66
C ASP F 18 -17.05 -13.58 -52.38
N VAL F 19 -16.65 -12.72 -51.44
CA VAL F 19 -17.39 -12.58 -50.20
C VAL F 19 -18.77 -12.01 -50.47
N GLY F 20 -19.80 -12.62 -49.87
CA GLY F 20 -21.15 -12.12 -49.97
C GLY F 20 -21.93 -12.54 -51.19
N LYS F 21 -21.40 -13.45 -52.01
CA LYS F 21 -22.08 -13.89 -53.22
C LYS F 21 -22.27 -15.39 -53.18
N TRP F 22 -23.50 -15.83 -53.43
CA TRP F 22 -23.82 -17.26 -53.43
C TRP F 22 -23.01 -17.99 -54.49
N ILE F 23 -22.44 -19.13 -54.10
CA ILE F 23 -21.67 -19.96 -55.00
C ILE F 23 -22.23 -21.38 -54.93
N ARG F 24 -22.66 -21.91 -56.06
CA ARG F 24 -23.19 -23.27 -56.12
C ARG F 24 -22.02 -24.24 -56.23
N VAL F 25 -21.95 -25.19 -55.31
CA VAL F 25 -20.85 -26.14 -55.28
C VAL F 25 -21.35 -27.55 -55.00
N LYS F 31 -23.12 -29.79 -53.62
CA LYS F 31 -24.48 -29.82 -54.16
C LYS F 31 -25.36 -28.75 -53.54
N GLY F 32 -24.82 -27.54 -53.41
CA GLY F 32 -25.59 -26.45 -52.84
C GLY F 32 -24.98 -25.10 -53.18
N GLU F 33 -25.83 -24.07 -53.18
CA GLU F 33 -25.40 -22.70 -53.40
C GLU F 33 -24.94 -22.14 -52.05
N CYS F 34 -23.73 -21.61 -52.00
CA CYS F 34 -23.09 -21.35 -50.72
C CYS F 34 -22.35 -20.01 -50.81
N PHE F 35 -22.28 -19.31 -49.68
CA PHE F 35 -21.71 -17.96 -49.69
C PHE F 35 -21.17 -17.60 -48.32
N VAL F 36 -20.29 -16.61 -48.31
CA VAL F 36 -19.60 -16.15 -47.10
C VAL F 36 -19.64 -14.64 -47.03
N THR F 37 -19.82 -14.10 -45.81
CA THR F 37 -19.90 -12.66 -45.60
C THR F 37 -18.99 -12.19 -44.48
N ALA F 38 -17.86 -12.85 -44.28
CA ALA F 38 -16.94 -12.41 -43.24
C ALA F 38 -16.27 -11.10 -43.63
N THR F 39 -15.87 -10.32 -42.62
CA THR F 39 -15.21 -9.05 -42.84
C THR F 39 -13.71 -9.14 -42.68
N ASP F 40 -13.22 -10.06 -41.85
CA ASP F 40 -11.79 -10.24 -41.64
C ASP F 40 -11.11 -10.91 -42.83
N VAL F 41 -11.81 -11.05 -43.95
CA VAL F 41 -11.31 -11.78 -45.11
C VAL F 41 -10.22 -10.97 -45.81
N GLY F 42 -9.51 -11.63 -46.72
CA GLY F 42 -8.48 -10.98 -47.50
C GLY F 42 -7.91 -11.88 -48.57
N THR F 43 -6.60 -11.86 -48.75
CA THR F 43 -5.92 -12.65 -49.77
C THR F 43 -5.44 -13.96 -49.17
N TRP F 44 -4.92 -14.83 -50.04
CA TRP F 44 -4.22 -16.02 -49.57
C TRP F 44 -3.07 -15.58 -48.67
N CYS F 45 -3.12 -15.98 -47.41
CA CYS F 45 -2.26 -15.38 -46.41
C CYS F 45 -1.90 -16.46 -45.40
N SER F 46 -0.73 -16.29 -44.77
CA SER F 46 -0.29 -17.24 -43.76
C SER F 46 -1.26 -17.28 -42.60
N ASP F 47 -1.90 -16.15 -42.30
CA ASP F 47 -2.98 -16.15 -41.33
C ASP F 47 -4.24 -16.69 -42.00
N SER F 48 -4.36 -18.01 -42.07
CA SER F 48 -5.49 -18.65 -42.70
C SER F 48 -6.31 -19.36 -41.62
N VAL F 49 -7.63 -19.30 -41.77
CA VAL F 49 -8.54 -19.85 -40.78
C VAL F 49 -9.33 -20.97 -41.43
N GLY F 50 -9.45 -22.08 -40.73
CA GLY F 50 -10.21 -23.22 -41.22
C GLY F 50 -11.43 -23.47 -40.38
N TYR F 51 -12.59 -23.43 -41.03
CA TYR F 51 -13.84 -23.77 -40.37
C TYR F 51 -14.88 -24.10 -41.44
N GLU F 52 -15.90 -24.85 -41.05
CA GLU F 52 -16.99 -25.22 -41.95
C GLU F 52 -17.94 -24.06 -42.16
N CYS F 53 -18.68 -24.13 -43.25
CA CYS F 53 -19.81 -23.23 -43.50
C CYS F 53 -21.06 -24.09 -43.48
N PRO F 54 -21.73 -24.22 -42.35
CA PRO F 54 -22.82 -25.19 -42.25
C PRO F 54 -23.99 -24.83 -43.15
N GLN F 55 -24.64 -25.87 -43.67
CA GLN F 55 -25.87 -25.67 -44.43
C GLN F 55 -26.98 -25.25 -43.48
N ILE F 56 -27.68 -24.17 -43.84
CA ILE F 56 -28.69 -23.58 -42.98
C ILE F 56 -30.04 -23.65 -43.68
N ALA F 57 -31.03 -24.20 -43.00
CA ALA F 57 -32.39 -24.21 -43.51
C ALA F 57 -32.93 -22.78 -43.54
N PRO F 58 -33.60 -22.40 -44.64
CA PRO F 58 -34.18 -21.07 -44.82
C PRO F 58 -35.12 -20.66 -43.70
N LEU F 65 -23.74 -15.54 -37.97
CA LEU F 65 -22.51 -16.21 -38.40
C LEU F 65 -21.98 -15.56 -39.66
N ASP F 66 -20.66 -15.64 -39.86
CA ASP F 66 -20.05 -15.02 -41.04
C ASP F 66 -20.51 -15.65 -42.33
N CYS F 67 -20.96 -16.90 -42.29
CA CYS F 67 -21.47 -17.55 -43.48
C CYS F 67 -22.38 -18.69 -43.07
N TYR F 68 -23.57 -18.74 -43.68
CA TYR F 68 -24.43 -19.91 -43.62
C TYR F 68 -24.62 -20.43 -45.03
N CYS F 69 -24.73 -21.73 -45.15
CA CYS F 69 -24.71 -22.41 -46.43
C CYS F 69 -26.09 -23.02 -46.66
N ARG F 70 -26.33 -23.51 -47.88
CA ARG F 70 -27.67 -23.96 -48.24
C ARG F 70 -27.83 -25.48 -48.15
N ASN F 71 -27.05 -26.24 -48.91
CA ASN F 71 -27.33 -27.67 -49.00
C ASN F 71 -26.12 -28.52 -48.62
N THR F 72 -24.93 -28.13 -49.05
CA THR F 72 -23.71 -28.88 -48.78
C THR F 72 -22.73 -27.96 -48.05
N SER F 73 -22.41 -28.31 -46.81
CA SER F 73 -21.51 -27.50 -46.02
C SER F 73 -20.11 -27.49 -46.62
N THR F 74 -19.47 -26.32 -46.55
CA THR F 74 -18.18 -26.12 -47.19
C THR F 74 -17.19 -25.54 -46.20
N TYR F 75 -15.90 -25.72 -46.47
CA TYR F 75 -14.87 -25.11 -45.66
C TYR F 75 -14.15 -24.03 -46.46
N VAL F 76 -13.72 -22.99 -45.76
CA VAL F 76 -12.98 -21.89 -46.36
C VAL F 76 -11.69 -21.69 -45.59
N THR F 77 -10.68 -21.16 -46.28
CA THR F 77 -9.36 -20.94 -45.71
C THR F 77 -8.82 -19.59 -46.12
N TYR F 78 -9.66 -18.57 -46.06
CA TYR F 78 -9.23 -17.23 -46.42
C TYR F 78 -8.17 -16.73 -45.45
N GLY F 79 -7.17 -16.05 -46.00
CA GLY F 79 -6.20 -15.35 -45.18
C GLY F 79 -6.49 -13.87 -45.15
N ARG F 80 -5.78 -13.15 -44.29
CA ARG F 80 -5.91 -11.71 -44.18
C ARG F 80 -4.51 -11.07 -44.22
N CYS F 81 -3.99 -10.87 -45.43
CA CYS F 81 -2.82 -10.01 -45.58
C CYS F 81 -3.21 -8.57 -45.85
N LYS F 82 -4.49 -8.29 -46.07
CA LYS F 82 -4.94 -6.92 -46.24
C LYS F 82 -4.64 -6.10 -44.99
N ASN F 83 -4.94 -6.67 -43.83
CA ASN F 83 -4.59 -6.05 -42.56
C ASN F 83 -3.75 -7.03 -41.74
N GLY F 84 -2.78 -7.66 -42.40
CA GLY F 84 -1.95 -8.67 -41.78
C GLY F 84 -1.25 -8.25 -40.49
N SER F 89 -4.94 -8.40 -33.50
CA SER F 89 -3.79 -7.68 -32.97
C SER F 89 -4.21 -6.67 -31.91
N ARG F 90 -4.82 -7.17 -30.83
CA ARG F 90 -5.32 -6.31 -29.77
C ARG F 90 -5.11 -7.01 -28.44
N SER F 91 -5.39 -6.28 -27.35
CA SER F 91 -5.29 -6.81 -25.99
C SER F 91 -3.90 -7.35 -25.69
N LYS F 92 -2.88 -6.67 -26.22
CA LYS F 92 -1.50 -7.12 -26.04
C LYS F 92 -1.06 -6.80 -24.61
N ARG F 93 -1.51 -7.64 -23.68
CA ARG F 93 -1.28 -7.42 -22.26
C ARG F 93 0.01 -8.12 -21.86
N ALA F 94 1.03 -7.31 -21.51
CA ALA F 94 2.31 -7.87 -21.11
C ALA F 94 2.15 -8.76 -19.88
N ILE F 95 2.76 -9.95 -19.94
CA ILE F 95 2.69 -10.87 -18.82
C ILE F 95 3.40 -10.27 -17.62
N THR F 96 2.71 -10.26 -16.49
CA THR F 96 3.33 -9.75 -15.27
C THR F 96 4.53 -10.60 -14.90
N ILE F 97 5.70 -9.97 -14.91
CA ILE F 97 6.97 -10.67 -14.69
C ILE F 97 7.73 -9.93 -13.61
N ALA F 98 8.60 -10.66 -12.94
CA ALA F 98 9.14 -10.21 -11.68
C ALA F 98 10.03 -8.99 -11.84
N PRO F 99 10.07 -8.12 -10.84
CA PRO F 99 11.11 -7.08 -10.79
C PRO F 99 12.42 -7.67 -10.33
N HIS F 100 13.38 -7.77 -11.26
CA HIS F 100 14.61 -8.50 -11.00
C HIS F 100 15.38 -7.94 -9.81
N GLY F 101 15.16 -6.69 -9.46
CA GLY F 101 15.93 -6.08 -8.39
C GLY F 101 15.73 -6.76 -7.05
N GLU F 102 14.48 -7.05 -6.71
CA GLU F 102 14.21 -7.67 -5.41
C GLU F 102 14.32 -9.19 -5.43
N ALA F 103 14.65 -9.77 -6.58
CA ALA F 103 14.80 -11.22 -6.65
C ALA F 103 15.88 -11.70 -5.70
N GLY F 104 17.02 -11.02 -5.70
CA GLY F 104 18.11 -11.41 -4.80
C GLY F 104 17.70 -11.31 -3.34
N LEU F 105 17.01 -10.23 -2.99
CA LEU F 105 16.55 -10.08 -1.62
C LEU F 105 15.61 -11.20 -1.22
N ARG F 106 14.67 -11.55 -2.09
CA ARG F 106 13.71 -12.61 -1.75
C ARG F 106 14.41 -13.95 -1.59
N VAL F 107 15.23 -14.32 -2.57
CA VAL F 107 15.94 -15.59 -2.50
C VAL F 107 16.78 -15.65 -1.24
N GLY F 108 17.41 -14.55 -0.87
CA GLY F 108 18.13 -14.51 0.40
C GLY F 108 17.20 -14.65 1.59
N SER F 109 15.99 -14.09 1.48
CA SER F 109 15.05 -14.16 2.59
C SER F 109 14.65 -15.59 2.87
N THR F 110 14.66 -16.45 1.86
CA THR F 110 14.33 -17.86 2.11
C THR F 110 15.39 -18.55 2.96
N LYS F 111 16.66 -18.37 2.64
CA LYS F 111 17.73 -19.10 3.32
C LYS F 111 17.87 -18.64 4.77
N HIS F 112 18.66 -19.39 5.54
CA HIS F 112 18.83 -19.14 6.98
C HIS F 112 20.30 -19.06 7.37
N TRP F 113 20.66 -17.94 8.02
CA TRP F 113 21.86 -17.82 8.84
C TRP F 113 23.14 -17.99 8.05
N THR F 114 23.05 -17.80 6.74
CA THR F 114 24.22 -17.63 5.90
C THR F 114 24.45 -16.19 5.50
N SER F 115 23.44 -15.34 5.63
CA SER F 115 23.55 -13.93 5.29
C SER F 115 23.90 -13.07 6.50
N ARG F 116 24.10 -13.67 7.66
CA ARG F 116 24.50 -12.93 8.85
C ARG F 116 25.84 -13.47 9.34
N ALA F 117 26.91 -12.72 9.08
CA ALA F 117 28.21 -12.97 9.67
C ALA F 117 28.40 -11.97 10.80
N THR F 118 28.71 -12.46 11.99
CA THR F 118 28.73 -11.59 13.16
C THR F 118 29.59 -10.34 12.96
N PRO F 119 30.83 -10.42 12.45
CA PRO F 119 31.61 -9.18 12.31
C PRO F 119 30.97 -8.21 11.33
N GLN F 120 30.53 -8.73 10.19
CA GLN F 120 30.08 -7.85 9.11
C GLN F 120 28.74 -7.22 9.44
N ARG F 121 27.80 -8.00 9.97
CA ARG F 121 26.44 -7.52 10.20
C ARG F 121 26.18 -7.16 11.66
N TYR F 122 26.58 -8.02 12.59
CA TYR F 122 26.13 -7.87 13.96
C TYR F 122 26.72 -6.60 14.58
N LEU F 123 27.98 -6.31 14.32
CA LEU F 123 28.56 -5.08 14.86
C LEU F 123 27.89 -3.85 14.27
N MET F 124 27.63 -3.85 12.96
CA MET F 124 26.87 -2.75 12.38
C MET F 124 25.56 -2.56 13.12
N ARG F 125 24.85 -3.65 13.37
CA ARG F 125 23.57 -3.54 14.06
C ARG F 125 23.76 -3.01 15.46
N VAL F 126 24.83 -3.44 16.14
CA VAL F 126 25.12 -3.01 17.50
C VAL F 126 25.28 -1.50 17.53
N GLU F 127 26.10 -0.98 16.62
CA GLU F 127 26.36 0.46 16.65
C GLU F 127 25.14 1.24 16.21
N LYS F 128 24.41 0.75 15.22
CA LYS F 128 23.21 1.44 14.76
C LYS F 128 22.19 1.53 15.89
N TRP F 129 22.02 0.45 16.65
CA TRP F 129 21.07 0.52 17.75
C TRP F 129 21.58 1.37 18.90
N VAL F 130 22.85 1.21 19.28
CA VAL F 130 23.38 1.93 20.43
C VAL F 130 23.28 3.43 20.19
N LEU F 131 23.51 3.86 18.95
CA LEU F 131 23.20 5.24 18.59
C LEU F 131 21.70 5.47 18.65
N ARG F 132 20.90 4.53 18.13
CA ARG F 132 19.47 4.74 18.04
C ARG F 132 18.80 4.76 19.41
N HIS F 133 19.46 4.19 20.42
CA HIS F 133 18.96 4.21 21.80
C HIS F 133 20.12 4.66 22.69
N PRO F 134 20.48 5.93 22.63
CA PRO F 134 21.68 6.39 23.36
C PRO F 134 21.50 6.36 24.87
N LEU F 135 20.36 6.85 25.37
CA LEU F 135 20.12 6.82 26.81
C LEU F 135 20.13 5.41 27.39
N PRO F 136 19.43 4.43 26.81
CA PRO F 136 19.58 3.06 27.33
C PRO F 136 21.01 2.58 27.26
N ALA F 137 21.73 2.99 26.22
CA ALA F 137 23.13 2.61 26.10
C ALA F 137 23.94 3.12 27.28
N LEU F 138 23.78 4.40 27.61
CA LEU F 138 24.52 4.96 28.73
C LEU F 138 24.11 4.28 30.03
N VAL F 139 22.82 4.00 30.20
CA VAL F 139 22.36 3.32 31.41
C VAL F 139 23.04 1.97 31.55
N LEU F 140 23.05 1.19 30.46
CA LEU F 140 23.66 -0.13 30.50
C LEU F 140 25.17 -0.05 30.75
N VAL F 141 25.84 0.91 30.10
CA VAL F 141 27.28 1.04 30.27
C VAL F 141 27.61 1.39 31.71
N VAL F 142 26.85 2.31 32.29
CA VAL F 142 27.08 2.69 33.69
C VAL F 142 26.83 1.51 34.60
N LEU F 143 25.75 0.77 34.39
CA LEU F 143 25.46 -0.38 35.23
C LEU F 143 26.56 -1.42 35.14
N GLY F 144 27.05 -1.68 33.92
CA GLY F 144 28.14 -2.63 33.76
C GLY F 144 29.42 -2.17 34.42
N TRP F 145 29.74 -0.88 34.30
CA TRP F 145 30.93 -0.37 34.98
C TRP F 145 30.80 -0.43 36.49
N MET F 146 29.56 -0.33 37.00
CA MET F 146 29.35 -0.47 38.44
C MET F 146 29.76 -1.86 38.92
N MET F 147 29.79 -2.84 38.03
CA MET F 147 30.24 -4.18 38.37
C MET F 147 31.74 -4.32 38.16
N HIS F 151 35.25 -4.59 33.52
CA HIS F 151 36.09 -4.50 32.33
C HIS F 151 35.32 -4.93 31.08
N GLY F 152 35.68 -6.10 30.55
CA GLY F 152 34.98 -6.61 29.37
C GLY F 152 33.54 -6.96 29.64
N GLN F 153 33.16 -7.02 30.92
CA GLN F 153 31.76 -7.27 31.26
C GLN F 153 30.86 -6.22 30.65
N ARG F 154 31.31 -4.96 30.59
CA ARG F 154 30.53 -3.91 29.97
C ARG F 154 30.31 -4.20 28.48
N ALA F 155 31.36 -4.63 27.78
CA ALA F 155 31.22 -4.95 26.37
C ALA F 155 30.28 -6.13 26.15
N MET F 156 30.39 -7.16 26.99
CA MET F 156 29.48 -8.29 26.89
C MET F 156 28.04 -7.85 27.11
N TYR F 157 27.82 -6.99 28.11
CA TYR F 157 26.47 -6.49 28.37
C TYR F 157 25.96 -5.67 27.19
N ILE F 158 26.84 -4.91 26.55
CA ILE F 158 26.42 -4.12 25.39
C ILE F 158 25.99 -5.05 24.25
N VAL F 159 26.77 -6.09 23.99
CA VAL F 159 26.41 -7.03 22.94
C VAL F 159 25.08 -7.71 23.27
N LEU F 160 24.90 -8.08 24.53
CA LEU F 160 23.65 -8.72 24.94
C LEU F 160 22.47 -7.78 24.75
N MET F 161 22.63 -6.52 25.15
CA MET F 161 21.54 -5.56 25.00
C MET F 161 21.21 -5.34 23.53
N LEU F 162 22.21 -5.33 22.67
CA LEU F 162 21.93 -5.30 21.24
C LEU F 162 21.13 -6.53 20.83
N LEU F 163 21.47 -7.69 21.38
CA LEU F 163 20.76 -8.91 21.02
C LEU F 163 19.30 -8.87 21.43
N VAL F 164 19.03 -8.37 22.65
CA VAL F 164 17.67 -8.43 23.18
C VAL F 164 16.72 -7.59 22.34
N ALA F 165 17.25 -6.60 21.63
CA ALA F 165 16.44 -5.75 20.77
C ALA F 165 16.70 -6.03 19.30
#